data_2Q1M
# 
_entry.id   2Q1M 
# 
_audit_conform.dict_name       mmcif_pdbx.dic 
_audit_conform.dict_version    5.397 
_audit_conform.dict_location   http://mmcif.pdb.org/dictionaries/ascii/mmcif_pdbx.dic 
# 
loop_
_database_2.database_id 
_database_2.database_code 
_database_2.pdbx_database_accession 
_database_2.pdbx_DOI 
PDB   2Q1M         pdb_00002q1m 10.2210/pdb2q1m/pdb 
RCSB  RCSB043035   ?            ?                   
WWPDB D_1000043035 ?            ?                   
# 
loop_
_pdbx_audit_revision_history.ordinal 
_pdbx_audit_revision_history.data_content_type 
_pdbx_audit_revision_history.major_revision 
_pdbx_audit_revision_history.minor_revision 
_pdbx_audit_revision_history.revision_date 
1 'Structure model' 1 0 2007-11-13 
2 'Structure model' 1 1 2011-07-13 
3 'Structure model' 1 2 2017-10-18 
4 'Structure model' 1 3 2024-10-16 
# 
_pdbx_audit_revision_details.ordinal             1 
_pdbx_audit_revision_details.revision_ordinal    1 
_pdbx_audit_revision_details.data_content_type   'Structure model' 
_pdbx_audit_revision_details.provider            repository 
_pdbx_audit_revision_details.type                'Initial release' 
_pdbx_audit_revision_details.description         ? 
_pdbx_audit_revision_details.details             ? 
# 
loop_
_pdbx_audit_revision_group.ordinal 
_pdbx_audit_revision_group.revision_ordinal 
_pdbx_audit_revision_group.data_content_type 
_pdbx_audit_revision_group.group 
1 2 'Structure model' 'Version format compliance' 
2 3 'Structure model' 'Refinement description'    
3 4 'Structure model' 'Data collection'           
4 4 'Structure model' 'Database references'       
5 4 'Structure model' 'Structure summary'         
# 
loop_
_pdbx_audit_revision_category.ordinal 
_pdbx_audit_revision_category.revision_ordinal 
_pdbx_audit_revision_category.data_content_type 
_pdbx_audit_revision_category.category 
1 3 'Structure model' software                  
2 4 'Structure model' chem_comp_atom            
3 4 'Structure model' chem_comp_bond            
4 4 'Structure model' database_2                
5 4 'Structure model' pdbx_entry_details        
6 4 'Structure model' pdbx_modification_feature 
7 4 'Structure model' struct_ref_seq_dif        
# 
loop_
_pdbx_audit_revision_item.ordinal 
_pdbx_audit_revision_item.revision_ordinal 
_pdbx_audit_revision_item.data_content_type 
_pdbx_audit_revision_item.item 
1 4 'Structure model' '_database_2.pdbx_DOI'                
2 4 'Structure model' '_database_2.pdbx_database_accession' 
3 4 'Structure model' '_struct_ref_seq_dif.details'         
# 
_pdbx_database_status.entry_id                        2Q1M 
_pdbx_database_status.deposit_site                    RCSB 
_pdbx_database_status.process_site                    RCSB 
_pdbx_database_status.recvd_initial_deposition_date   2007-05-24 
_pdbx_database_status.status_code                     REL 
_pdbx_database_status.status_code_sf                  REL 
_pdbx_database_status.status_code_mr                  ? 
_pdbx_database_status.SG_entry                        ? 
_pdbx_database_status.pdb_format_compatible           Y 
_pdbx_database_status.status_code_cs                  ? 
_pdbx_database_status.methods_development_category    ? 
_pdbx_database_status.status_code_nmr_data            ? 
# 
loop_
_audit_author.name 
_audit_author.pdbx_ordinal 
'Chattopadhyay, K.' 1 
'Ramagopal, U.A.'   2 
'Nathenson, S.G.'   3 
'Almo, S.C.'        4 
# 
_citation.id                        primary 
_citation.title                     
'Assembly and structural properties of glucocorticoid-induced TNF receptor ligand: Implications for function.' 
_citation.journal_abbrev            Proc.Natl.Acad.Sci.USA 
_citation.journal_volume            104 
_citation.page_first                19452 
_citation.page_last                 19457 
_citation.year                      2007 
_citation.journal_id_ASTM           PNASA6 
_citation.country                   US 
_citation.journal_id_ISSN           0027-8424 
_citation.journal_id_CSD            0040 
_citation.book_publisher            ? 
_citation.pdbx_database_id_PubMed   18040044 
_citation.pdbx_database_id_DOI      10.1073/pnas.0709264104 
# 
loop_
_citation_author.citation_id 
_citation_author.name 
_citation_author.ordinal 
_citation_author.identifier_ORCID 
primary 'Chattopadhyay, K.'  1 ? 
primary 'Ramagopal, U.A.'    2 ? 
primary 'Mukhopadhaya, A.'   3 ? 
primary 'Malashkevich, V.N.' 4 ? 
primary 'Dilorenzo, T.P.'    5 ? 
primary 'Brenowitz, M.'      6 ? 
primary 'Nathenson, S.G.'    7 ? 
primary 'Almo, S.C.'         8 ? 
# 
loop_
_entity.id 
_entity.type 
_entity.src_method 
_entity.pdbx_description 
_entity.formula_weight 
_entity.pdbx_number_of_molecules 
_entity.pdbx_ec 
_entity.pdbx_mutation 
_entity.pdbx_fragment 
_entity.details 
1 polymer man 'Tumor necrosis factor ligand superfamily member 18' 14687.742 1  ? ? 'Extracellular, TNF homology domain' ? 
2 water   nat water                                                18.015    42 ? ? ?                                    ? 
# 
_entity_name_com.entity_id   1 
_entity_name_com.name        'Glucocorticoid-induced TNF-related ligand, hGITRL, Activation-inducible TNF-related ligand, AITRL' 
# 
_entity_poly.entity_id                      1 
_entity_poly.type                           'polypeptide(L)' 
_entity_poly.nstd_linkage                   no 
_entity_poly.nstd_monomer                   no 
_entity_poly.pdbx_seq_one_letter_code       
;GSHMETAKEPCMAKFGPLPSKWQMASSEPPCVNKVSDWKLEILQNGLYLIYGQVAPNANYNDVAPFEVRLYKNKDMIQTL
TNKSKIQNVGGTYELHVGDTIDLIFNSEHQVLKNNTYWGIILLANPQFIS
;
_entity_poly.pdbx_seq_one_letter_code_can   
;GSHMETAKEPCMAKFGPLPSKWQMASSEPPCVNKVSDWKLEILQNGLYLIYGQVAPNANYNDVAPFEVRLYKNKDMIQTL
TNKSKIQNVGGTYELHVGDTIDLIFNSEHQVLKNNTYWGIILLANPQFIS
;
_entity_poly.pdbx_strand_id                 A 
_entity_poly.pdbx_target_identifier         ? 
# 
_pdbx_entity_nonpoly.entity_id   2 
_pdbx_entity_nonpoly.name        water 
_pdbx_entity_nonpoly.comp_id     HOH 
# 
loop_
_entity_poly_seq.entity_id 
_entity_poly_seq.num 
_entity_poly_seq.mon_id 
_entity_poly_seq.hetero 
1 1   GLY n 
1 2   SER n 
1 3   HIS n 
1 4   MET n 
1 5   GLU n 
1 6   THR n 
1 7   ALA n 
1 8   LYS n 
1 9   GLU n 
1 10  PRO n 
1 11  CYS n 
1 12  MET n 
1 13  ALA n 
1 14  LYS n 
1 15  PHE n 
1 16  GLY n 
1 17  PRO n 
1 18  LEU n 
1 19  PRO n 
1 20  SER n 
1 21  LYS n 
1 22  TRP n 
1 23  GLN n 
1 24  MET n 
1 25  ALA n 
1 26  SER n 
1 27  SER n 
1 28  GLU n 
1 29  PRO n 
1 30  PRO n 
1 31  CYS n 
1 32  VAL n 
1 33  ASN n 
1 34  LYS n 
1 35  VAL n 
1 36  SER n 
1 37  ASP n 
1 38  TRP n 
1 39  LYS n 
1 40  LEU n 
1 41  GLU n 
1 42  ILE n 
1 43  LEU n 
1 44  GLN n 
1 45  ASN n 
1 46  GLY n 
1 47  LEU n 
1 48  TYR n 
1 49  LEU n 
1 50  ILE n 
1 51  TYR n 
1 52  GLY n 
1 53  GLN n 
1 54  VAL n 
1 55  ALA n 
1 56  PRO n 
1 57  ASN n 
1 58  ALA n 
1 59  ASN n 
1 60  TYR n 
1 61  ASN n 
1 62  ASP n 
1 63  VAL n 
1 64  ALA n 
1 65  PRO n 
1 66  PHE n 
1 67  GLU n 
1 68  VAL n 
1 69  ARG n 
1 70  LEU n 
1 71  TYR n 
1 72  LYS n 
1 73  ASN n 
1 74  LYS n 
1 75  ASP n 
1 76  MET n 
1 77  ILE n 
1 78  GLN n 
1 79  THR n 
1 80  LEU n 
1 81  THR n 
1 82  ASN n 
1 83  LYS n 
1 84  SER n 
1 85  LYS n 
1 86  ILE n 
1 87  GLN n 
1 88  ASN n 
1 89  VAL n 
1 90  GLY n 
1 91  GLY n 
1 92  THR n 
1 93  TYR n 
1 94  GLU n 
1 95  LEU n 
1 96  HIS n 
1 97  VAL n 
1 98  GLY n 
1 99  ASP n 
1 100 THR n 
1 101 ILE n 
1 102 ASP n 
1 103 LEU n 
1 104 ILE n 
1 105 PHE n 
1 106 ASN n 
1 107 SER n 
1 108 GLU n 
1 109 HIS n 
1 110 GLN n 
1 111 VAL n 
1 112 LEU n 
1 113 LYS n 
1 114 ASN n 
1 115 ASN n 
1 116 THR n 
1 117 TYR n 
1 118 TRP n 
1 119 GLY n 
1 120 ILE n 
1 121 ILE n 
1 122 LEU n 
1 123 LEU n 
1 124 ALA n 
1 125 ASN n 
1 126 PRO n 
1 127 GLN n 
1 128 PHE n 
1 129 ILE n 
1 130 SER n 
# 
_entity_src_gen.entity_id                          1 
_entity_src_gen.pdbx_src_id                        1 
_entity_src_gen.pdbx_alt_source_flag               sample 
_entity_src_gen.pdbx_seq_type                      ? 
_entity_src_gen.pdbx_beg_seq_num                   ? 
_entity_src_gen.pdbx_end_seq_num                   ? 
_entity_src_gen.gene_src_common_name               human 
_entity_src_gen.gene_src_genus                     Homo 
_entity_src_gen.pdbx_gene_src_gene                 'TNFSF18, AITRL, GITRL, TL6' 
_entity_src_gen.gene_src_species                   ? 
_entity_src_gen.gene_src_strain                    ? 
_entity_src_gen.gene_src_tissue                    ? 
_entity_src_gen.gene_src_tissue_fraction           ? 
_entity_src_gen.gene_src_details                   ? 
_entity_src_gen.pdbx_gene_src_fragment             ? 
_entity_src_gen.pdbx_gene_src_scientific_name      'Homo sapiens' 
_entity_src_gen.pdbx_gene_src_ncbi_taxonomy_id     9606 
_entity_src_gen.pdbx_gene_src_variant              ? 
_entity_src_gen.pdbx_gene_src_cell_line            ? 
_entity_src_gen.pdbx_gene_src_atcc                 ? 
_entity_src_gen.pdbx_gene_src_organ                ? 
_entity_src_gen.pdbx_gene_src_organelle            ? 
_entity_src_gen.pdbx_gene_src_cell                 ? 
_entity_src_gen.pdbx_gene_src_cellular_location    ? 
_entity_src_gen.host_org_common_name               ? 
_entity_src_gen.pdbx_host_org_scientific_name      'Escherichia coli' 
_entity_src_gen.pdbx_host_org_ncbi_taxonomy_id     562 
_entity_src_gen.host_org_genus                     Escherichia 
_entity_src_gen.pdbx_host_org_gene                 ? 
_entity_src_gen.pdbx_host_org_organ                ? 
_entity_src_gen.host_org_species                   ? 
_entity_src_gen.pdbx_host_org_tissue               ? 
_entity_src_gen.pdbx_host_org_tissue_fraction      ? 
_entity_src_gen.pdbx_host_org_strain               'Rosetta (DE3) pLysS' 
_entity_src_gen.pdbx_host_org_variant              ? 
_entity_src_gen.pdbx_host_org_cell_line            ? 
_entity_src_gen.pdbx_host_org_atcc                 ? 
_entity_src_gen.pdbx_host_org_culture_collection   ? 
_entity_src_gen.pdbx_host_org_cell                 ? 
_entity_src_gen.pdbx_host_org_organelle            ? 
_entity_src_gen.pdbx_host_org_cellular_location    ? 
_entity_src_gen.pdbx_host_org_vector_type          plasmid 
_entity_src_gen.pdbx_host_org_vector               ? 
_entity_src_gen.host_org_details                   ? 
_entity_src_gen.expression_system_id               ? 
_entity_src_gen.plasmid_name                       pET-14b 
_entity_src_gen.plasmid_details                    ? 
_entity_src_gen.pdbx_description                   ? 
# 
loop_
_chem_comp.id 
_chem_comp.type 
_chem_comp.mon_nstd_flag 
_chem_comp.name 
_chem_comp.pdbx_synonyms 
_chem_comp.formula 
_chem_comp.formula_weight 
ALA 'L-peptide linking' y ALANINE         ? 'C3 H7 N O2'     89.093  
ARG 'L-peptide linking' y ARGININE        ? 'C6 H15 N4 O2 1' 175.209 
ASN 'L-peptide linking' y ASPARAGINE      ? 'C4 H8 N2 O3'    132.118 
ASP 'L-peptide linking' y 'ASPARTIC ACID' ? 'C4 H7 N O4'     133.103 
CYS 'L-peptide linking' y CYSTEINE        ? 'C3 H7 N O2 S'   121.158 
GLN 'L-peptide linking' y GLUTAMINE       ? 'C5 H10 N2 O3'   146.144 
GLU 'L-peptide linking' y 'GLUTAMIC ACID' ? 'C5 H9 N O4'     147.129 
GLY 'peptide linking'   y GLYCINE         ? 'C2 H5 N O2'     75.067  
HIS 'L-peptide linking' y HISTIDINE       ? 'C6 H10 N3 O2 1' 156.162 
HOH non-polymer         . WATER           ? 'H2 O'           18.015  
ILE 'L-peptide linking' y ISOLEUCINE      ? 'C6 H13 N O2'    131.173 
LEU 'L-peptide linking' y LEUCINE         ? 'C6 H13 N O2'    131.173 
LYS 'L-peptide linking' y LYSINE          ? 'C6 H15 N2 O2 1' 147.195 
MET 'L-peptide linking' y METHIONINE      ? 'C5 H11 N O2 S'  149.211 
PHE 'L-peptide linking' y PHENYLALANINE   ? 'C9 H11 N O2'    165.189 
PRO 'L-peptide linking' y PROLINE         ? 'C5 H9 N O2'     115.130 
SER 'L-peptide linking' y SERINE          ? 'C3 H7 N O3'     105.093 
THR 'L-peptide linking' y THREONINE       ? 'C4 H9 N O3'     119.119 
TRP 'L-peptide linking' y TRYPTOPHAN      ? 'C11 H12 N2 O2'  204.225 
TYR 'L-peptide linking' y TYROSINE        ? 'C9 H11 N O3'    181.189 
VAL 'L-peptide linking' y VALINE          ? 'C5 H11 N O2'    117.146 
# 
loop_
_pdbx_poly_seq_scheme.asym_id 
_pdbx_poly_seq_scheme.entity_id 
_pdbx_poly_seq_scheme.seq_id 
_pdbx_poly_seq_scheme.mon_id 
_pdbx_poly_seq_scheme.ndb_seq_num 
_pdbx_poly_seq_scheme.pdb_seq_num 
_pdbx_poly_seq_scheme.auth_seq_num 
_pdbx_poly_seq_scheme.pdb_mon_id 
_pdbx_poly_seq_scheme.auth_mon_id 
_pdbx_poly_seq_scheme.pdb_strand_id 
_pdbx_poly_seq_scheme.pdb_ins_code 
_pdbx_poly_seq_scheme.hetero 
A 1 1   GLY 1   48  ?   ?   ?   A . n 
A 1 2   SER 2   49  ?   ?   ?   A . n 
A 1 3   HIS 3   50  ?   ?   ?   A . n 
A 1 4   MET 4   51  ?   ?   ?   A . n 
A 1 5   GLU 5   52  ?   ?   ?   A . n 
A 1 6   THR 6   53  ?   ?   ?   A . n 
A 1 7   ALA 7   54  ?   ?   ?   A . n 
A 1 8   LYS 8   55  ?   ?   ?   A . n 
A 1 9   GLU 9   56  ?   ?   ?   A . n 
A 1 10  PRO 10  57  57  PRO PRO A . n 
A 1 11  CYS 11  58  58  CYS CYS A . n 
A 1 12  MET 12  59  59  MET MET A . n 
A 1 13  ALA 13  60  60  ALA ALA A . n 
A 1 14  LYS 14  61  61  LYS LYS A . n 
A 1 15  PHE 15  62  62  PHE PHE A . n 
A 1 16  GLY 16  63  63  GLY GLY A . n 
A 1 17  PRO 17  64  64  PRO PRO A . n 
A 1 18  LEU 18  65  65  LEU LEU A . n 
A 1 19  PRO 19  66  66  PRO PRO A . n 
A 1 20  SER 20  67  67  SER SER A . n 
A 1 21  LYS 21  68  68  LYS LYS A . n 
A 1 22  TRP 22  69  69  TRP TRP A . n 
A 1 23  GLN 23  70  70  GLN GLN A . n 
A 1 24  MET 24  71  71  MET MET A . n 
A 1 25  ALA 25  72  72  ALA ALA A . n 
A 1 26  SER 26  73  73  SER SER A . n 
A 1 27  SER 27  74  74  SER SER A . n 
A 1 28  GLU 28  75  75  GLU GLU A . n 
A 1 29  PRO 29  76  76  PRO PRO A . n 
A 1 30  PRO 30  77  77  PRO PRO A . n 
A 1 31  CYS 31  78  78  CYS CYS A . n 
A 1 32  VAL 32  79  79  VAL VAL A . n 
A 1 33  ASN 33  80  80  ASN ASN A . n 
A 1 34  LYS 34  81  81  LYS LYS A . n 
A 1 35  VAL 35  82  82  VAL VAL A . n 
A 1 36  SER 36  83  83  SER SER A . n 
A 1 37  ASP 37  84  84  ASP ASP A . n 
A 1 38  TRP 38  85  85  TRP TRP A . n 
A 1 39  LYS 39  86  86  LYS LYS A . n 
A 1 40  LEU 40  87  87  LEU LEU A . n 
A 1 41  GLU 41  88  88  GLU GLU A . n 
A 1 42  ILE 42  89  89  ILE ILE A . n 
A 1 43  LEU 43  90  90  LEU LEU A . n 
A 1 44  GLN 44  91  91  GLN GLN A . n 
A 1 45  ASN 45  92  92  ASN ASN A . n 
A 1 46  GLY 46  93  93  GLY GLY A . n 
A 1 47  LEU 47  94  94  LEU LEU A . n 
A 1 48  TYR 48  95  95  TYR TYR A . n 
A 1 49  LEU 49  96  96  LEU LEU A . n 
A 1 50  ILE 50  97  97  ILE ILE A . n 
A 1 51  TYR 51  98  98  TYR TYR A . n 
A 1 52  GLY 52  99  99  GLY GLY A . n 
A 1 53  GLN 53  100 100 GLN GLN A . n 
A 1 54  VAL 54  101 101 VAL VAL A . n 
A 1 55  ALA 55  102 102 ALA ALA A . n 
A 1 56  PRO 56  103 103 PRO PRO A . n 
A 1 57  ASN 57  104 104 ASN ASN A . n 
A 1 58  ALA 58  105 105 ALA ALA A . n 
A 1 59  ASN 59  106 106 ASN ASN A . n 
A 1 60  TYR 60  107 107 TYR TYR A . n 
A 1 61  ASN 61  108 108 ASN ASN A . n 
A 1 62  ASP 62  109 109 ASP ASP A . n 
A 1 63  VAL 63  110 110 VAL VAL A . n 
A 1 64  ALA 64  111 111 ALA ALA A . n 
A 1 65  PRO 65  112 112 PRO PRO A . n 
A 1 66  PHE 66  113 113 PHE PHE A . n 
A 1 67  GLU 67  114 114 GLU GLU A . n 
A 1 68  VAL 68  115 115 VAL VAL A . n 
A 1 69  ARG 69  116 116 ARG ARG A . n 
A 1 70  LEU 70  117 117 LEU LEU A . n 
A 1 71  TYR 71  118 118 TYR TYR A . n 
A 1 72  LYS 72  119 119 LYS LYS A . n 
A 1 73  ASN 73  120 120 ASN ASN A . n 
A 1 74  LYS 74  121 121 LYS LYS A . n 
A 1 75  ASP 75  122 122 ASP ASP A . n 
A 1 76  MET 76  123 123 MET MET A . n 
A 1 77  ILE 77  124 124 ILE ILE A . n 
A 1 78  GLN 78  125 125 GLN GLN A . n 
A 1 79  THR 79  126 126 THR THR A . n 
A 1 80  LEU 80  127 127 LEU LEU A . n 
A 1 81  THR 81  128 128 THR THR A . n 
A 1 82  ASN 82  129 129 ASN ASN A . n 
A 1 83  LYS 83  130 130 LYS LYS A . n 
A 1 84  SER 84  131 131 SER SER A . n 
A 1 85  LYS 85  132 132 LYS LYS A . n 
A 1 86  ILE 86  133 133 ILE ILE A . n 
A 1 87  GLN 87  134 134 GLN GLN A . n 
A 1 88  ASN 88  135 135 ASN ASN A . n 
A 1 89  VAL 89  136 136 VAL VAL A . n 
A 1 90  GLY 90  137 137 GLY GLY A . n 
A 1 91  GLY 91  138 138 GLY GLY A . n 
A 1 92  THR 92  139 139 THR THR A . n 
A 1 93  TYR 93  140 140 TYR TYR A . n 
A 1 94  GLU 94  141 141 GLU GLU A . n 
A 1 95  LEU 95  142 142 LEU LEU A . n 
A 1 96  HIS 96  143 143 HIS HIS A . n 
A 1 97  VAL 97  144 144 VAL VAL A . n 
A 1 98  GLY 98  145 145 GLY GLY A . n 
A 1 99  ASP 99  146 146 ASP ASP A . n 
A 1 100 THR 100 147 147 THR THR A . n 
A 1 101 ILE 101 148 148 ILE ILE A . n 
A 1 102 ASP 102 149 149 ASP ASP A . n 
A 1 103 LEU 103 150 150 LEU LEU A . n 
A 1 104 ILE 104 151 151 ILE ILE A . n 
A 1 105 PHE 105 152 152 PHE PHE A . n 
A 1 106 ASN 106 153 153 ASN ASN A . n 
A 1 107 SER 107 154 154 SER SER A . n 
A 1 108 GLU 108 155 155 GLU GLU A . n 
A 1 109 HIS 109 156 156 HIS HIS A . n 
A 1 110 GLN 110 157 157 GLN GLN A . n 
A 1 111 VAL 111 158 158 VAL VAL A . n 
A 1 112 LEU 112 159 159 LEU LEU A . n 
A 1 113 LYS 113 160 160 LYS LYS A . n 
A 1 114 ASN 114 161 161 ASN ASN A . n 
A 1 115 ASN 115 162 162 ASN ASN A . n 
A 1 116 THR 116 163 163 THR THR A . n 
A 1 117 TYR 117 164 164 TYR TYR A . n 
A 1 118 TRP 118 165 165 TRP TRP A . n 
A 1 119 GLY 119 166 166 GLY GLY A . n 
A 1 120 ILE 120 167 167 ILE ILE A . n 
A 1 121 ILE 121 168 168 ILE ILE A . n 
A 1 122 LEU 122 169 169 LEU LEU A . n 
A 1 123 LEU 123 170 170 LEU LEU A . n 
A 1 124 ALA 124 171 171 ALA ALA A . n 
A 1 125 ASN 125 172 172 ASN ASN A . n 
A 1 126 PRO 126 173 ?   ?   ?   A . n 
A 1 127 GLN 127 174 ?   ?   ?   A . n 
A 1 128 PHE 128 175 ?   ?   ?   A . n 
A 1 129 ILE 129 176 ?   ?   ?   A . n 
A 1 130 SER 130 177 ?   ?   ?   A . n 
# 
loop_
_pdbx_nonpoly_scheme.asym_id 
_pdbx_nonpoly_scheme.entity_id 
_pdbx_nonpoly_scheme.mon_id 
_pdbx_nonpoly_scheme.ndb_seq_num 
_pdbx_nonpoly_scheme.pdb_seq_num 
_pdbx_nonpoly_scheme.auth_seq_num 
_pdbx_nonpoly_scheme.pdb_mon_id 
_pdbx_nonpoly_scheme.auth_mon_id 
_pdbx_nonpoly_scheme.pdb_strand_id 
_pdbx_nonpoly_scheme.pdb_ins_code 
B 2 HOH 1  178 1  HOH HOH A . 
B 2 HOH 2  179 2  HOH HOH A . 
B 2 HOH 3  180 3  HOH HOH A . 
B 2 HOH 4  181 4  HOH HOH A . 
B 2 HOH 5  182 5  HOH HOH A . 
B 2 HOH 6  183 6  HOH HOH A . 
B 2 HOH 7  184 7  HOH HOH A . 
B 2 HOH 8  185 8  HOH HOH A . 
B 2 HOH 9  186 10 HOH HOH A . 
B 2 HOH 10 187 11 HOH HOH A . 
B 2 HOH 11 188 12 HOH HOH A . 
B 2 HOH 12 189 13 HOH HOH A . 
B 2 HOH 13 190 15 HOH HOH A . 
B 2 HOH 14 191 16 HOH HOH A . 
B 2 HOH 15 192 17 HOH HOH A . 
B 2 HOH 16 193 18 HOH HOH A . 
B 2 HOH 17 194 19 HOH HOH A . 
B 2 HOH 18 195 20 HOH HOH A . 
B 2 HOH 19 196 21 HOH HOH A . 
B 2 HOH 20 197 22 HOH HOH A . 
B 2 HOH 21 198 23 HOH HOH A . 
B 2 HOH 22 199 24 HOH HOH A . 
B 2 HOH 23 200 25 HOH HOH A . 
B 2 HOH 24 201 26 HOH HOH A . 
B 2 HOH 25 202 27 HOH HOH A . 
B 2 HOH 26 203 28 HOH HOH A . 
B 2 HOH 27 204 30 HOH HOH A . 
B 2 HOH 28 205 31 HOH HOH A . 
B 2 HOH 29 206 32 HOH HOH A . 
B 2 HOH 30 207 37 HOH HOH A . 
B 2 HOH 31 208 40 HOH HOH A . 
B 2 HOH 32 209 50 HOH HOH A . 
B 2 HOH 33 210 52 HOH HOH A . 
B 2 HOH 34 211 54 HOH HOH A . 
B 2 HOH 35 212 56 HOH HOH A . 
B 2 HOH 36 213 57 HOH HOH A . 
B 2 HOH 37 214 58 HOH HOH A . 
B 2 HOH 38 215 62 HOH HOH A . 
B 2 HOH 39 216 66 HOH HOH A . 
B 2 HOH 40 217 71 HOH HOH A . 
B 2 HOH 41 218 74 HOH HOH A . 
B 2 HOH 42 219 79 HOH HOH A . 
# 
loop_
_software.name 
_software.version 
_software.date 
_software.type 
_software.contact_author 
_software.contact_author_email 
_software.classification 
_software.location 
_software.language 
_software.citation_id 
_software.pdbx_ordinal 
DENZO       .       ?                package 'Zbyszek Otwinowski' zbyszek@mix.swmed.edu    'data reduction'  
http://www.lnls.br/infra/linhasluz/denzo-hkl.htm ?          ? 1 
SCALEPACK   .       ?                package 'Zbyszek Otwinowski' zbyszek@mix.swmed.edu    'data scaling'    
http://www.lnls.br/infra/linhasluz/denzo-hkl.htm ?          ? 2 
REFMAC      .       ?                program 'Murshudov, G.N.'    ccp4@dl.ac.uk            refinement        
http://www.ccp4.ac.uk/main.html                  Fortran_77 ? 3 
PDB_EXTRACT 2.000   'April. 3, 2006' package PDB                  sw-help@rcsb.rutgers.edu 'data extraction' 
http://pdb.rutgers.edu/software/                 C++        ? 4 
ADSC        Quantum ?                ?       ?                    ?                        'data collection' ? ?          ? 5 
HKL-2000    .       ?                ?       ?                    ?                        'data reduction'  ? ?          ? 6 
SHELXD      .       ?                ?       ?                    ?                        phasing           ? ?          ? 7 
SHELXE      .       ?                ?       ?                    ?                        'model building'  ? ?          ? 8 
# 
_cell.length_a           72.691 
_cell.length_b           72.691 
_cell.length_c           53.101 
_cell.angle_alpha        90.000 
_cell.angle_beta         90.000 
_cell.angle_gamma        120.000 
_cell.entry_id           2Q1M 
_cell.pdbx_unique_axis   ? 
_cell.Z_PDB              6 
_cell.length_a_esd       ? 
_cell.length_b_esd       ? 
_cell.length_c_esd       ? 
_cell.angle_alpha_esd    ? 
_cell.angle_beta_esd     ? 
_cell.angle_gamma_esd    ? 
# 
_symmetry.space_group_name_H-M             'P 63' 
_symmetry.entry_id                         2Q1M 
_symmetry.Int_Tables_number                173 
_symmetry.pdbx_full_space_group_name_H-M   ? 
_symmetry.cell_setting                     ? 
_symmetry.space_group_name_Hall            ? 
# 
_exptl.crystals_number   1 
_exptl.entry_id          2Q1M 
_exptl.method            'X-RAY DIFFRACTION' 
# 
_exptl_crystal.id                    1 
_exptl_crystal.density_meas          ? 
_exptl_crystal.density_Matthews      2.76 
_exptl_crystal.density_percent_sol   55.37 
_exptl_crystal.description           ? 
_exptl_crystal.F_000                 ? 
_exptl_crystal.preparation           ? 
# 
_exptl_crystal_grow.crystal_id      1 
_exptl_crystal_grow.method          'VAPOR DIFFUSION, SITTING DROP' 
_exptl_crystal_grow.pH              4.5 
_exptl_crystal_grow.temp            298 
_exptl_crystal_grow.pdbx_details    '25% PEG 3350, 0.1 M Sodium Acetate  pH 4.5, Vapor diffusion, Sitting drop, temperature 298K' 
_exptl_crystal_grow.temp_details    ? 
_exptl_crystal_grow.pdbx_pH_range   . 
# 
loop_
_diffrn.id 
_diffrn.ambient_temp 
_diffrn.ambient_temp_details 
_diffrn.crystal_id 
1 100 ? 1 
2 ?   ? 1 
# 
loop_
_diffrn_detector.diffrn_id 
_diffrn_detector.detector 
_diffrn_detector.type 
_diffrn_detector.pdbx_collection_date 
_diffrn_detector.details 
1 CCD 'ADSC QUANTUM 4'   2006-04-08 ? 
2 CCD 'ADSC QUANTUM 315' 2006-04-16 ? 
# 
loop_
_diffrn_radiation.diffrn_id 
_diffrn_radiation.pdbx_diffrn_protocol 
_diffrn_radiation.monochromator 
_diffrn_radiation.wavelength_id 
_diffrn_radiation.pdbx_monochromatic_or_laue_m_l 
_diffrn_radiation.pdbx_scattering_type 
1 'SINGLE WAVELENGTH' ? 1 M x-ray 
2 'SINGLE WAVELENGTH' ? 1 M x-ray 
# 
loop_
_diffrn_radiation_wavelength.id 
_diffrn_radiation_wavelength.wavelength 
_diffrn_radiation_wavelength.wt 
1 0.9795 1.0 
2 1.009  1.0 
# 
loop_
_diffrn_source.diffrn_id 
_diffrn_source.source 
_diffrn_source.type 
_diffrn_source.pdbx_wavelength_list 
_diffrn_source.pdbx_wavelength 
_diffrn_source.pdbx_synchrotron_site 
_diffrn_source.pdbx_synchrotron_beamline 
1 SYNCHROTRON 'NSLS BEAMLINE X4A'  0.9795 ? NSLS X4A  
2 SYNCHROTRON 'NSLS BEAMLINE X29A' 1.009  ? NSLS X29A 
# 
_reflns.entry_id                     2Q1M 
_reflns.d_resolution_high            2.300 
_reflns.d_resolution_low             21.7 
_reflns.number_obs                   7131 
_reflns.pdbx_Rmerge_I_obs            0.071 
_reflns.pdbx_netI_over_sigmaI        10.500 
_reflns.pdbx_chi_squared             1.296 
_reflns.pdbx_redundancy              10.800 
_reflns.percent_possible_obs         99.900 
_reflns.observed_criterion_sigma_F   0 
_reflns.observed_criterion_sigma_I   0 
_reflns.number_all                   7131 
_reflns.pdbx_Rsym_value              ? 
_reflns.B_iso_Wilson_estimate        ? 
_reflns.R_free_details               ? 
_reflns.limit_h_max                  ? 
_reflns.limit_h_min                  ? 
_reflns.limit_k_max                  ? 
_reflns.limit_k_min                  ? 
_reflns.limit_l_max                  ? 
_reflns.limit_l_min                  ? 
_reflns.observed_criterion_F_max     ? 
_reflns.observed_criterion_F_min     ? 
_reflns.pdbx_scaling_rejects         ? 
_reflns.pdbx_diffrn_id               1,2 
_reflns.pdbx_ordinal                 1 
# 
_reflns_shell.d_res_high             2.30 
_reflns_shell.d_res_low              2.38 
_reflns_shell.number_measured_obs    ? 
_reflns_shell.number_measured_all    ? 
_reflns_shell.number_unique_obs      ? 
_reflns_shell.Rmerge_I_obs           ? 
_reflns_shell.meanI_over_sigI_obs    ? 
_reflns_shell.pdbx_Rsym_value        ? 
_reflns_shell.pdbx_chi_squared       1.029 
_reflns_shell.pdbx_redundancy        10.80 
_reflns_shell.percent_possible_obs   ? 
_reflns_shell.number_unique_all      693 
_reflns_shell.percent_possible_all   100.00 
_reflns_shell.pdbx_diffrn_id         ? 
_reflns_shell.pdbx_ordinal           1 
# 
_refine.entry_id                                 2Q1M 
_refine.ls_d_res_high                            2.300 
_refine.ls_d_res_low                             21.7 
_refine.pdbx_ls_sigma_F                          0.00 
_refine.ls_percent_reflns_obs                    99.410 
_refine.ls_number_reflns_obs                     7117 
_refine.pdbx_ls_cross_valid_method               THROUGHOUT 
_refine.pdbx_R_Free_selection_details            RANDOM 
_refine.details                                  'HYDROGENS HAVE BEEN ADDED IN THE RIDING POSITIONS' 
_refine.ls_R_factor_obs                          0.217 
_refine.ls_R_factor_R_work                       0.215 
_refine.ls_R_factor_R_free                       0.257 
_refine.ls_percent_reflns_R_free                 4.700 
_refine.ls_number_reflns_R_free                  331 
_refine.B_iso_mean                               44.570 
_refine.aniso_B[1][1]                            0.640 
_refine.aniso_B[2][2]                            0.640 
_refine.aniso_B[3][3]                            -0.960 
_refine.aniso_B[1][2]                            0.320 
_refine.aniso_B[1][3]                            0.000 
_refine.aniso_B[2][3]                            0.000 
_refine.correlation_coeff_Fo_to_Fc               0.949 
_refine.correlation_coeff_Fo_to_Fc_free          0.920 
_refine.pdbx_overall_ESU_R                       0.299 
_refine.pdbx_overall_ESU_R_Free                  0.230 
_refine.overall_SU_ML                            0.164 
_refine.overall_SU_B                             6.671 
_refine.solvent_model_details                    MASK 
_refine.pdbx_solvent_vdw_probe_radii             1.400 
_refine.pdbx_solvent_ion_probe_radii             0.800 
_refine.pdbx_solvent_shrinkage_radii             0.800 
_refine.pdbx_stereochemistry_target_values       'MAXIMUM LIKELIHOOD' 
_refine.pdbx_ls_sigma_I                          0 
_refine.ls_number_reflns_all                     7117 
_refine.ls_R_factor_all                          0.217 
_refine.ls_redundancy_reflns_obs                 ? 
_refine.pdbx_data_cutoff_high_absF               ? 
_refine.pdbx_data_cutoff_low_absF                ? 
_refine.ls_number_parameters                     ? 
_refine.ls_number_restraints                     ? 
_refine.ls_R_factor_R_free_error                 ? 
_refine.ls_R_factor_R_free_error_details         ? 
_refine.pdbx_method_to_determine_struct          SAD 
_refine.pdbx_starting_model                      ? 
_refine.pdbx_stereochem_target_val_spec_case     ? 
_refine.solvent_model_param_bsol                 ? 
_refine.solvent_model_param_ksol                 ? 
_refine.occupancy_max                            ? 
_refine.occupancy_min                            ? 
_refine.pdbx_isotropic_thermal_model             ? 
_refine.B_iso_min                                ? 
_refine.B_iso_max                                ? 
_refine.overall_SU_R_Cruickshank_DPI             ? 
_refine.overall_SU_R_free                        ? 
_refine.pdbx_data_cutoff_high_rms_absF           ? 
_refine.ls_wR_factor_R_free                      ? 
_refine.ls_wR_factor_R_work                      ? 
_refine.overall_FOM_free_R_set                   ? 
_refine.overall_FOM_work_R_set                   ? 
_refine.pdbx_refine_id                           'X-RAY DIFFRACTION' 
_refine.pdbx_diffrn_id                           1 
_refine.pdbx_TLS_residual_ADP_flag               ? 
_refine.pdbx_overall_phase_error                 ? 
_refine.pdbx_overall_SU_R_free_Cruickshank_DPI   ? 
_refine.pdbx_overall_SU_R_Blow_DPI               ? 
_refine.pdbx_overall_SU_R_free_Blow_DPI          ? 
# 
_refine_hist.pdbx_refine_id                   'X-RAY DIFFRACTION' 
_refine_hist.cycle_id                         LAST 
_refine_hist.pdbx_number_atoms_protein        947 
_refine_hist.pdbx_number_atoms_nucleic_acid   0 
_refine_hist.pdbx_number_atoms_ligand         0 
_refine_hist.number_atoms_solvent             42 
_refine_hist.number_atoms_total               989 
_refine_hist.d_res_high                       2.300 
_refine_hist.d_res_low                        21.7 
# 
loop_
_refine_ls_restr.type 
_refine_ls_restr.number 
_refine_ls_restr.dev_ideal 
_refine_ls_restr.dev_ideal_target 
_refine_ls_restr.weight 
_refine_ls_restr.pdbx_refine_id 
_refine_ls_restr.pdbx_restraint_function 
r_bond_refined_d         974  0.012  0.022  ? 'X-RAY DIFFRACTION' ? 
r_angle_refined_deg      1331 1.431  1.950  ? 'X-RAY DIFFRACTION' ? 
r_dihedral_angle_1_deg   121  7.327  5.000  ? 'X-RAY DIFFRACTION' ? 
r_dihedral_angle_2_deg   46   37.981 26.522 ? 'X-RAY DIFFRACTION' ? 
r_dihedral_angle_3_deg   167  17.099 15.000 ? 'X-RAY DIFFRACTION' ? 
r_dihedral_angle_4_deg   1    18.478 15.000 ? 'X-RAY DIFFRACTION' ? 
r_chiral_restr           145  0.087  0.200  ? 'X-RAY DIFFRACTION' ? 
r_gen_planes_refined     748  0.005  0.020  ? 'X-RAY DIFFRACTION' ? 
r_nbd_refined            402  0.200  0.200  ? 'X-RAY DIFFRACTION' ? 
r_nbtor_refined          643  0.311  0.200  ? 'X-RAY DIFFRACTION' ? 
r_xyhbond_nbd_refined    51   0.134  0.200  ? 'X-RAY DIFFRACTION' ? 
r_symmetry_vdw_refined   29   0.249  0.200  ? 'X-RAY DIFFRACTION' ? 
r_symmetry_hbond_refined 6    0.173  0.200  ? 'X-RAY DIFFRACTION' ? 
r_mcbond_it              615  0.899  1.500  ? 'X-RAY DIFFRACTION' ? 
r_mcangle_it             968  1.539  2.000  ? 'X-RAY DIFFRACTION' ? 
r_scbond_it              424  1.635  3.000  ? 'X-RAY DIFFRACTION' ? 
r_scangle_it             362  2.444  4.500  ? 'X-RAY DIFFRACTION' ? 
# 
_refine_ls_shell.d_res_high                       2.304 
_refine_ls_shell.d_res_low                        2.363 
_refine_ls_shell.pdbx_total_number_of_bins_used   20 
_refine_ls_shell.percent_reflns_obs               93.050 
_refine_ls_shell.number_reflns_R_work             465 
_refine_ls_shell.R_factor_all                     ? 
_refine_ls_shell.R_factor_R_work                  0.320 
_refine_ls_shell.R_factor_R_free                  0.407 
_refine_ls_shell.percent_reflns_R_free            ? 
_refine_ls_shell.number_reflns_R_free             17 
_refine_ls_shell.R_factor_R_free_error            ? 
_refine_ls_shell.number_reflns_all                ? 
_refine_ls_shell.number_reflns_obs                482 
_refine_ls_shell.redundancy_reflns_obs            ? 
_refine_ls_shell.pdbx_refine_id                   'X-RAY DIFFRACTION' 
# 
_struct.entry_id                  2Q1M 
_struct.title                     'Crystal Structure of human GITRL' 
_struct.pdbx_model_details        ? 
_struct.pdbx_CASP_flag            ? 
_struct.pdbx_model_type_details   ? 
# 
_struct_keywords.entry_id        2Q1M 
_struct_keywords.text            'GITRL; Glucocorticoid-Induced TNF Receptor Ligand, SIGNALING PROTEIN' 
_struct_keywords.pdbx_keywords   'SIGNALING PROTEIN' 
# 
loop_
_struct_asym.id 
_struct_asym.pdbx_blank_PDB_chainid_flag 
_struct_asym.pdbx_modified 
_struct_asym.entity_id 
_struct_asym.details 
A N N 1 ? 
B N N 2 ? 
# 
_struct_ref.id                         1 
_struct_ref.db_name                    UNP 
_struct_ref.db_code                    TNF18_HUMAN 
_struct_ref.pdbx_db_accession          Q9UNG2 
_struct_ref.entity_id                  1 
_struct_ref.pdbx_seq_one_letter_code   
;ETAKEPCMAKFGPLPSKWQMASSEPPCVNKVSDWKLEILQNGLYLIYGQVAPNANYNDVAPFEVRLYKNKDMIQTLTNKS
KIQNVGGTYELHVGDTIDLIFNSEHQVLKNNTYWGIILLANPQFIS
;
_struct_ref.pdbx_align_begin           52 
_struct_ref.pdbx_db_isoform            ? 
# 
_struct_ref_seq.align_id                      1 
_struct_ref_seq.ref_id                        1 
_struct_ref_seq.pdbx_PDB_id_code              2Q1M 
_struct_ref_seq.pdbx_strand_id                A 
_struct_ref_seq.seq_align_beg                 5 
_struct_ref_seq.pdbx_seq_align_beg_ins_code   ? 
_struct_ref_seq.seq_align_end                 130 
_struct_ref_seq.pdbx_seq_align_end_ins_code   ? 
_struct_ref_seq.pdbx_db_accession             Q9UNG2 
_struct_ref_seq.db_align_beg                  52 
_struct_ref_seq.pdbx_db_align_beg_ins_code    ? 
_struct_ref_seq.db_align_end                  177 
_struct_ref_seq.pdbx_db_align_end_ins_code    ? 
_struct_ref_seq.pdbx_auth_seq_align_beg       52 
_struct_ref_seq.pdbx_auth_seq_align_end       177 
# 
loop_
_struct_ref_seq_dif.align_id 
_struct_ref_seq_dif.pdbx_pdb_id_code 
_struct_ref_seq_dif.mon_id 
_struct_ref_seq_dif.pdbx_pdb_strand_id 
_struct_ref_seq_dif.seq_num 
_struct_ref_seq_dif.pdbx_pdb_ins_code 
_struct_ref_seq_dif.pdbx_seq_db_name 
_struct_ref_seq_dif.pdbx_seq_db_accession_code 
_struct_ref_seq_dif.db_mon_id 
_struct_ref_seq_dif.pdbx_seq_db_seq_num 
_struct_ref_seq_dif.details 
_struct_ref_seq_dif.pdbx_auth_seq_num 
_struct_ref_seq_dif.pdbx_ordinal 
1 2Q1M GLY A 1 ? UNP Q9UNG2 ? ? 'expression tag' 48 1 
1 2Q1M SER A 2 ? UNP Q9UNG2 ? ? 'expression tag' 49 2 
1 2Q1M HIS A 3 ? UNP Q9UNG2 ? ? 'expression tag' 50 3 
1 2Q1M MET A 4 ? UNP Q9UNG2 ? ? 'expression tag' 51 4 
# 
_pdbx_struct_assembly.id                   1 
_pdbx_struct_assembly.details              author_defined_assembly 
_pdbx_struct_assembly.method_details       ? 
_pdbx_struct_assembly.oligomeric_details   trimeric 
_pdbx_struct_assembly.oligomeric_count     3 
# 
_pdbx_struct_assembly_gen.assembly_id       1 
_pdbx_struct_assembly_gen.oper_expression   1,2,3 
_pdbx_struct_assembly_gen.asym_id_list      A,B 
# 
loop_
_pdbx_struct_oper_list.id 
_pdbx_struct_oper_list.type 
_pdbx_struct_oper_list.name 
_pdbx_struct_oper_list.symmetry_operation 
_pdbx_struct_oper_list.matrix[1][1] 
_pdbx_struct_oper_list.matrix[1][2] 
_pdbx_struct_oper_list.matrix[1][3] 
_pdbx_struct_oper_list.vector[1] 
_pdbx_struct_oper_list.matrix[2][1] 
_pdbx_struct_oper_list.matrix[2][2] 
_pdbx_struct_oper_list.matrix[2][3] 
_pdbx_struct_oper_list.vector[2] 
_pdbx_struct_oper_list.matrix[3][1] 
_pdbx_struct_oper_list.matrix[3][2] 
_pdbx_struct_oper_list.matrix[3][3] 
_pdbx_struct_oper_list.vector[3] 
1 'identity operation'         1_555 x,y,z         1.0000000000  0.0000000000  0.0000000000 0.0000000000   0.0000000000  1.0000000000  0.0000000000  0.0000000000  0.0000000000 0.0000000000  1.0000000000 0.0000000000 
2 'crystal symmetry operation' 2_655 -y+1,x-y,z    -0.3732843444 0.6902220514  0.6198808901 -11.2067350571 -0.9090395005 -0.4055344113 -0.0958594169 21.0414979771 0.1852187484 -0.5992790343 0.7788187557 9.2465380865 
3 'crystal symmetry operation' 3_665 -x+y+1,-x+1,z -0.3732843444 -0.9090395005 0.1852187484 13.2316218499  0.6902220514  -0.4055344113 -0.5992790343 21.8094435718 0.6198808901 -0.0958594169 0.7788187557 1.7624893437 
# 
_struct_biol.id        1 
_struct_biol.details   'The biological unit is a trimer' 
# 
_struct_conn.id                            disulf1 
_struct_conn.conn_type_id                  disulf 
_struct_conn.pdbx_leaving_atom_flag        ? 
_struct_conn.pdbx_PDB_id                   ? 
_struct_conn.ptnr1_label_asym_id           A 
_struct_conn.ptnr1_label_comp_id           CYS 
_struct_conn.ptnr1_label_seq_id            11 
_struct_conn.ptnr1_label_atom_id           SG 
_struct_conn.pdbx_ptnr1_label_alt_id       ? 
_struct_conn.pdbx_ptnr1_PDB_ins_code       ? 
_struct_conn.pdbx_ptnr1_standard_comp_id   ? 
_struct_conn.ptnr1_symmetry                1_555 
_struct_conn.ptnr2_label_asym_id           A 
_struct_conn.ptnr2_label_comp_id           CYS 
_struct_conn.ptnr2_label_seq_id            31 
_struct_conn.ptnr2_label_atom_id           SG 
_struct_conn.pdbx_ptnr2_label_alt_id       ? 
_struct_conn.pdbx_ptnr2_PDB_ins_code       ? 
_struct_conn.ptnr1_auth_asym_id            A 
_struct_conn.ptnr1_auth_comp_id            CYS 
_struct_conn.ptnr1_auth_seq_id             58 
_struct_conn.ptnr2_auth_asym_id            A 
_struct_conn.ptnr2_auth_comp_id            CYS 
_struct_conn.ptnr2_auth_seq_id             78 
_struct_conn.ptnr2_symmetry                1_555 
_struct_conn.pdbx_ptnr3_label_atom_id      ? 
_struct_conn.pdbx_ptnr3_label_seq_id       ? 
_struct_conn.pdbx_ptnr3_label_comp_id      ? 
_struct_conn.pdbx_ptnr3_label_asym_id      ? 
_struct_conn.pdbx_ptnr3_label_alt_id       ? 
_struct_conn.pdbx_ptnr3_PDB_ins_code       ? 
_struct_conn.details                       ? 
_struct_conn.pdbx_dist_value               2.025 
_struct_conn.pdbx_value_order              ? 
_struct_conn.pdbx_role                     ? 
# 
_struct_conn_type.id          disulf 
_struct_conn_type.criteria    ? 
_struct_conn_type.reference   ? 
# 
_pdbx_modification_feature.ordinal                            1 
_pdbx_modification_feature.label_comp_id                      CYS 
_pdbx_modification_feature.label_asym_id                      A 
_pdbx_modification_feature.label_seq_id                       11 
_pdbx_modification_feature.label_alt_id                       ? 
_pdbx_modification_feature.modified_residue_label_comp_id     CYS 
_pdbx_modification_feature.modified_residue_label_asym_id     A 
_pdbx_modification_feature.modified_residue_label_seq_id      31 
_pdbx_modification_feature.modified_residue_label_alt_id      ? 
_pdbx_modification_feature.auth_comp_id                       CYS 
_pdbx_modification_feature.auth_asym_id                       A 
_pdbx_modification_feature.auth_seq_id                        58 
_pdbx_modification_feature.PDB_ins_code                       ? 
_pdbx_modification_feature.symmetry                           1_555 
_pdbx_modification_feature.modified_residue_auth_comp_id      CYS 
_pdbx_modification_feature.modified_residue_auth_asym_id      A 
_pdbx_modification_feature.modified_residue_auth_seq_id       78 
_pdbx_modification_feature.modified_residue_PDB_ins_code      ? 
_pdbx_modification_feature.modified_residue_symmetry          1_555 
_pdbx_modification_feature.comp_id_linking_atom               SG 
_pdbx_modification_feature.modified_residue_id_linking_atom   SG 
_pdbx_modification_feature.modified_residue_id                . 
_pdbx_modification_feature.ref_pcm_id                         . 
_pdbx_modification_feature.ref_comp_id                        . 
_pdbx_modification_feature.type                               None 
_pdbx_modification_feature.category                           'Disulfide bridge' 
# 
loop_
_struct_mon_prot_cis.pdbx_id 
_struct_mon_prot_cis.label_comp_id 
_struct_mon_prot_cis.label_seq_id 
_struct_mon_prot_cis.label_asym_id 
_struct_mon_prot_cis.label_alt_id 
_struct_mon_prot_cis.pdbx_PDB_ins_code 
_struct_mon_prot_cis.auth_comp_id 
_struct_mon_prot_cis.auth_seq_id 
_struct_mon_prot_cis.auth_asym_id 
_struct_mon_prot_cis.pdbx_label_comp_id_2 
_struct_mon_prot_cis.pdbx_label_seq_id_2 
_struct_mon_prot_cis.pdbx_label_asym_id_2 
_struct_mon_prot_cis.pdbx_PDB_ins_code_2 
_struct_mon_prot_cis.pdbx_auth_comp_id_2 
_struct_mon_prot_cis.pdbx_auth_seq_id_2 
_struct_mon_prot_cis.pdbx_auth_asym_id_2 
_struct_mon_prot_cis.pdbx_PDB_model_num 
_struct_mon_prot_cis.pdbx_omega_angle 
1 GLY 16 A . ? GLY 63 A PRO 17 A ? PRO 64 A 1 -2.15 
2 LEU 18 A . ? LEU 65 A PRO 19 A ? PRO 66 A 1 4.77  
3 GLU 28 A . ? GLU 75 A PRO 29 A ? PRO 76 A 1 -0.54 
4 GLU 28 A . ? GLU 75 A PRO 29 A ? PRO 76 A 1 -2.66 
# 
loop_
_struct_sheet.id 
_struct_sheet.type 
_struct_sheet.number_strands 
_struct_sheet.details 
A ? 5 ? 
B ? 5 ? 
C ? 5 ? 
# 
loop_
_struct_sheet_order.sheet_id 
_struct_sheet_order.range_id_1 
_struct_sheet_order.range_id_2 
_struct_sheet_order.offset 
_struct_sheet_order.sense 
A 1 2 ? anti-parallel 
A 2 3 ? anti-parallel 
A 3 4 ? anti-parallel 
A 4 5 ? anti-parallel 
B 1 2 ? anti-parallel 
B 2 3 ? anti-parallel 
B 3 4 ? anti-parallel 
B 4 5 ? anti-parallel 
C 1 2 ? anti-parallel 
C 2 3 ? anti-parallel 
C 3 4 ? anti-parallel 
C 4 5 ? anti-parallel 
# 
loop_
_struct_sheet_range.sheet_id 
_struct_sheet_range.id 
_struct_sheet_range.beg_label_comp_id 
_struct_sheet_range.beg_label_asym_id 
_struct_sheet_range.beg_label_seq_id 
_struct_sheet_range.pdbx_beg_PDB_ins_code 
_struct_sheet_range.end_label_comp_id 
_struct_sheet_range.end_label_asym_id 
_struct_sheet_range.end_label_seq_id 
_struct_sheet_range.pdbx_end_PDB_ins_code 
_struct_sheet_range.beg_auth_comp_id 
_struct_sheet_range.beg_auth_asym_id 
_struct_sheet_range.beg_auth_seq_id 
_struct_sheet_range.end_auth_comp_id 
_struct_sheet_range.end_auth_asym_id 
_struct_sheet_range.end_auth_seq_id 
A 1 TRP A 22  ? ALA A 25  ? TRP A 69  ALA A 72  
A 2 MET A 12  ? PHE A 15  ? MET A 59  PHE A 62  
A 3 TYR A 117 ? ALA A 124 ? TYR A 164 ALA A 171 
A 4 GLY A 46  ? VAL A 54  ? GLY A 93  VAL A 101 
A 5 GLN A 87  ? ASN A 88  ? GLN A 134 ASN A 135 
B 1 TRP A 22  ? ALA A 25  ? TRP A 69  ALA A 72  
B 2 MET A 12  ? PHE A 15  ? MET A 59  PHE A 62  
B 3 TYR A 117 ? ALA A 124 ? TYR A 164 ALA A 171 
B 4 GLY A 46  ? VAL A 54  ? GLY A 93  VAL A 101 
B 5 GLY A 91  ? LEU A 95  ? GLY A 138 LEU A 142 
C 1 VAL A 32  ? SER A 36  ? VAL A 79  SER A 83  
C 2 LYS A 39  ? ILE A 42  ? LYS A 86  ILE A 89  
C 3 THR A 100 ? PHE A 105 ? THR A 147 PHE A 152 
C 4 VAL A 68  ? LYS A 72  ? VAL A 115 LYS A 119 
C 5 ASP A 75  ? LEU A 80  ? ASP A 122 LEU A 127 
# 
loop_
_pdbx_struct_sheet_hbond.sheet_id 
_pdbx_struct_sheet_hbond.range_id_1 
_pdbx_struct_sheet_hbond.range_id_2 
_pdbx_struct_sheet_hbond.range_1_label_atom_id 
_pdbx_struct_sheet_hbond.range_1_label_comp_id 
_pdbx_struct_sheet_hbond.range_1_label_asym_id 
_pdbx_struct_sheet_hbond.range_1_label_seq_id 
_pdbx_struct_sheet_hbond.range_1_PDB_ins_code 
_pdbx_struct_sheet_hbond.range_1_auth_atom_id 
_pdbx_struct_sheet_hbond.range_1_auth_comp_id 
_pdbx_struct_sheet_hbond.range_1_auth_asym_id 
_pdbx_struct_sheet_hbond.range_1_auth_seq_id 
_pdbx_struct_sheet_hbond.range_2_label_atom_id 
_pdbx_struct_sheet_hbond.range_2_label_comp_id 
_pdbx_struct_sheet_hbond.range_2_label_asym_id 
_pdbx_struct_sheet_hbond.range_2_label_seq_id 
_pdbx_struct_sheet_hbond.range_2_PDB_ins_code 
_pdbx_struct_sheet_hbond.range_2_auth_atom_id 
_pdbx_struct_sheet_hbond.range_2_auth_comp_id 
_pdbx_struct_sheet_hbond.range_2_auth_asym_id 
_pdbx_struct_sheet_hbond.range_2_auth_seq_id 
A 1 2 O GLN A 23  ? O GLN A 70  N LYS A 14  ? N LYS A 61  
A 2 3 N PHE A 15  ? N PHE A 62  O TRP A 118 ? O TRP A 165 
A 3 4 O LEU A 123 ? O LEU A 170 N LEU A 47  ? N LEU A 94  
A 4 5 N VAL A 54  ? N VAL A 101 O GLN A 87  ? O GLN A 134 
B 1 2 O GLN A 23  ? O GLN A 70  N LYS A 14  ? N LYS A 61  
B 2 3 N PHE A 15  ? N PHE A 62  O TRP A 118 ? O TRP A 165 
B 3 4 O LEU A 123 ? O LEU A 170 N LEU A 47  ? N LEU A 94  
B 4 5 N ILE A 50  ? N ILE A 97  O GLY A 91  ? O GLY A 138 
C 1 2 N SER A 36  ? N SER A 83  O LYS A 39  ? O LYS A 86  
C 2 3 N LEU A 40  ? N LEU A 87  O ILE A 101 ? O ILE A 148 
C 3 4 O ASP A 102 ? O ASP A 149 N TYR A 71  ? N TYR A 118 
C 4 5 N LEU A 70  ? N LEU A 117 O ILE A 77  ? O ILE A 124 
# 
_pdbx_entry_details.entry_id                   2Q1M 
_pdbx_entry_details.compound_details           ? 
_pdbx_entry_details.source_details             ? 
_pdbx_entry_details.nonpolymer_details         ? 
_pdbx_entry_details.sequence_details           ? 
_pdbx_entry_details.has_ligand_of_interest     ? 
_pdbx_entry_details.has_protein_modification   Y 
# 
loop_
_pdbx_validate_torsion.id 
_pdbx_validate_torsion.PDB_model_num 
_pdbx_validate_torsion.auth_comp_id 
_pdbx_validate_torsion.auth_asym_id 
_pdbx_validate_torsion.auth_seq_id 
_pdbx_validate_torsion.PDB_ins_code 
_pdbx_validate_torsion.label_alt_id 
_pdbx_validate_torsion.phi 
_pdbx_validate_torsion.psi 
1 1 LYS A 68  ? ? -105.78 -125.69 
2 1 ASN A 106 ? ? -89.95  35.61   
3 1 ASN A 120 ? ? 57.48   -123.92 
4 1 ASN A 162 ? ? -140.60 25.00   
# 
_diffrn_reflns.diffrn_id                   1 
_diffrn_reflns.pdbx_d_res_high             2.500 
_diffrn_reflns.pdbx_d_res_low              50.000 
_diffrn_reflns.pdbx_number_obs             10652 
_diffrn_reflns.pdbx_Rmerge_I_obs           0.120 
_diffrn_reflns.pdbx_Rsym_value             ? 
_diffrn_reflns.pdbx_chi_squared            1.05 
_diffrn_reflns.av_sigmaI_over_netI         6.10 
_diffrn_reflns.pdbx_redundancy             16.90 
_diffrn_reflns.pdbx_percent_possible_obs   100.00 
_diffrn_reflns.number                      180253 
_diffrn_reflns.pdbx_observed_criterion     ? 
_diffrn_reflns.limit_h_max                 ? 
_diffrn_reflns.limit_h_min                 ? 
_diffrn_reflns.limit_k_max                 ? 
_diffrn_reflns.limit_k_min                 ? 
_diffrn_reflns.limit_l_max                 ? 
_diffrn_reflns.limit_l_min                 ? 
# 
loop_
_pdbx_diffrn_reflns_shell.diffrn_id 
_pdbx_diffrn_reflns_shell.d_res_high 
_pdbx_diffrn_reflns_shell.d_res_low 
_pdbx_diffrn_reflns_shell.number_obs 
_pdbx_diffrn_reflns_shell.rejects 
_pdbx_diffrn_reflns_shell.Rmerge_I_obs 
_pdbx_diffrn_reflns_shell.Rsym_value 
_pdbx_diffrn_reflns_shell.chi_squared 
_pdbx_diffrn_reflns_shell.redundancy 
_pdbx_diffrn_reflns_shell.percent_possible_obs 
1 5.38 50.00 ? ? 0.080 ? 2.092 16.60 99.80  
1 4.27 5.38  ? ? 0.094 ? 1.970 16.50 99.90  
1 3.73 4.27  ? ? 0.107 ? 1.850 16.90 100.00 
1 3.39 3.73  ? ? 0.119 ? 1.380 17.10 100.00 
1 3.15 3.39  ? ? 0.169 ? 0.888 17.00 100.00 
1 2.96 3.15  ? ? 0.237 ? 0.645 17.10 100.00 
1 2.82 2.96  ? ? 0.343 ? 0.515 17.20 100.00 
1 2.69 2.82  ? ? 0.519 ? 0.436 17.10 100.00 
1 2.59 2.69  ? ? 0.679 ? 0.411 17.00 100.00 
1 2.50 2.59  ? ? ?     ? 0.373 16.70 100.00 
# 
loop_
_pdbx_unobs_or_zero_occ_residues.id 
_pdbx_unobs_or_zero_occ_residues.PDB_model_num 
_pdbx_unobs_or_zero_occ_residues.polymer_flag 
_pdbx_unobs_or_zero_occ_residues.occupancy_flag 
_pdbx_unobs_or_zero_occ_residues.auth_asym_id 
_pdbx_unobs_or_zero_occ_residues.auth_comp_id 
_pdbx_unobs_or_zero_occ_residues.auth_seq_id 
_pdbx_unobs_or_zero_occ_residues.PDB_ins_code 
_pdbx_unobs_or_zero_occ_residues.label_asym_id 
_pdbx_unobs_or_zero_occ_residues.label_comp_id 
_pdbx_unobs_or_zero_occ_residues.label_seq_id 
1  1 Y 1 A GLY 48  ? A GLY 1   
2  1 Y 1 A SER 49  ? A SER 2   
3  1 Y 1 A HIS 50  ? A HIS 3   
4  1 Y 1 A MET 51  ? A MET 4   
5  1 Y 1 A GLU 52  ? A GLU 5   
6  1 Y 1 A THR 53  ? A THR 6   
7  1 Y 1 A ALA 54  ? A ALA 7   
8  1 Y 1 A LYS 55  ? A LYS 8   
9  1 Y 1 A GLU 56  ? A GLU 9   
10 1 Y 1 A PRO 173 ? A PRO 126 
11 1 Y 1 A GLN 174 ? A GLN 127 
12 1 Y 1 A PHE 175 ? A PHE 128 
13 1 Y 1 A ILE 176 ? A ILE 129 
14 1 Y 1 A SER 177 ? A SER 130 
# 
loop_
_chem_comp_atom.comp_id 
_chem_comp_atom.atom_id 
_chem_comp_atom.type_symbol 
_chem_comp_atom.pdbx_aromatic_flag 
_chem_comp_atom.pdbx_stereo_config 
_chem_comp_atom.pdbx_ordinal 
ALA N    N N N 1   
ALA CA   C N S 2   
ALA C    C N N 3   
ALA O    O N N 4   
ALA CB   C N N 5   
ALA OXT  O N N 6   
ALA H    H N N 7   
ALA H2   H N N 8   
ALA HA   H N N 9   
ALA HB1  H N N 10  
ALA HB2  H N N 11  
ALA HB3  H N N 12  
ALA HXT  H N N 13  
ARG N    N N N 14  
ARG CA   C N S 15  
ARG C    C N N 16  
ARG O    O N N 17  
ARG CB   C N N 18  
ARG CG   C N N 19  
ARG CD   C N N 20  
ARG NE   N N N 21  
ARG CZ   C N N 22  
ARG NH1  N N N 23  
ARG NH2  N N N 24  
ARG OXT  O N N 25  
ARG H    H N N 26  
ARG H2   H N N 27  
ARG HA   H N N 28  
ARG HB2  H N N 29  
ARG HB3  H N N 30  
ARG HG2  H N N 31  
ARG HG3  H N N 32  
ARG HD2  H N N 33  
ARG HD3  H N N 34  
ARG HE   H N N 35  
ARG HH11 H N N 36  
ARG HH12 H N N 37  
ARG HH21 H N N 38  
ARG HH22 H N N 39  
ARG HXT  H N N 40  
ASN N    N N N 41  
ASN CA   C N S 42  
ASN C    C N N 43  
ASN O    O N N 44  
ASN CB   C N N 45  
ASN CG   C N N 46  
ASN OD1  O N N 47  
ASN ND2  N N N 48  
ASN OXT  O N N 49  
ASN H    H N N 50  
ASN H2   H N N 51  
ASN HA   H N N 52  
ASN HB2  H N N 53  
ASN HB3  H N N 54  
ASN HD21 H N N 55  
ASN HD22 H N N 56  
ASN HXT  H N N 57  
ASP N    N N N 58  
ASP CA   C N S 59  
ASP C    C N N 60  
ASP O    O N N 61  
ASP CB   C N N 62  
ASP CG   C N N 63  
ASP OD1  O N N 64  
ASP OD2  O N N 65  
ASP OXT  O N N 66  
ASP H    H N N 67  
ASP H2   H N N 68  
ASP HA   H N N 69  
ASP HB2  H N N 70  
ASP HB3  H N N 71  
ASP HD2  H N N 72  
ASP HXT  H N N 73  
CYS N    N N N 74  
CYS CA   C N R 75  
CYS C    C N N 76  
CYS O    O N N 77  
CYS CB   C N N 78  
CYS SG   S N N 79  
CYS OXT  O N N 80  
CYS H    H N N 81  
CYS H2   H N N 82  
CYS HA   H N N 83  
CYS HB2  H N N 84  
CYS HB3  H N N 85  
CYS HG   H N N 86  
CYS HXT  H N N 87  
GLN N    N N N 88  
GLN CA   C N S 89  
GLN C    C N N 90  
GLN O    O N N 91  
GLN CB   C N N 92  
GLN CG   C N N 93  
GLN CD   C N N 94  
GLN OE1  O N N 95  
GLN NE2  N N N 96  
GLN OXT  O N N 97  
GLN H    H N N 98  
GLN H2   H N N 99  
GLN HA   H N N 100 
GLN HB2  H N N 101 
GLN HB3  H N N 102 
GLN HG2  H N N 103 
GLN HG3  H N N 104 
GLN HE21 H N N 105 
GLN HE22 H N N 106 
GLN HXT  H N N 107 
GLU N    N N N 108 
GLU CA   C N S 109 
GLU C    C N N 110 
GLU O    O N N 111 
GLU CB   C N N 112 
GLU CG   C N N 113 
GLU CD   C N N 114 
GLU OE1  O N N 115 
GLU OE2  O N N 116 
GLU OXT  O N N 117 
GLU H    H N N 118 
GLU H2   H N N 119 
GLU HA   H N N 120 
GLU HB2  H N N 121 
GLU HB3  H N N 122 
GLU HG2  H N N 123 
GLU HG3  H N N 124 
GLU HE2  H N N 125 
GLU HXT  H N N 126 
GLY N    N N N 127 
GLY CA   C N N 128 
GLY C    C N N 129 
GLY O    O N N 130 
GLY OXT  O N N 131 
GLY H    H N N 132 
GLY H2   H N N 133 
GLY HA2  H N N 134 
GLY HA3  H N N 135 
GLY HXT  H N N 136 
HIS N    N N N 137 
HIS CA   C N S 138 
HIS C    C N N 139 
HIS O    O N N 140 
HIS CB   C N N 141 
HIS CG   C Y N 142 
HIS ND1  N Y N 143 
HIS CD2  C Y N 144 
HIS CE1  C Y N 145 
HIS NE2  N Y N 146 
HIS OXT  O N N 147 
HIS H    H N N 148 
HIS H2   H N N 149 
HIS HA   H N N 150 
HIS HB2  H N N 151 
HIS HB3  H N N 152 
HIS HD1  H N N 153 
HIS HD2  H N N 154 
HIS HE1  H N N 155 
HIS HE2  H N N 156 
HIS HXT  H N N 157 
HOH O    O N N 158 
HOH H1   H N N 159 
HOH H2   H N N 160 
ILE N    N N N 161 
ILE CA   C N S 162 
ILE C    C N N 163 
ILE O    O N N 164 
ILE CB   C N S 165 
ILE CG1  C N N 166 
ILE CG2  C N N 167 
ILE CD1  C N N 168 
ILE OXT  O N N 169 
ILE H    H N N 170 
ILE H2   H N N 171 
ILE HA   H N N 172 
ILE HB   H N N 173 
ILE HG12 H N N 174 
ILE HG13 H N N 175 
ILE HG21 H N N 176 
ILE HG22 H N N 177 
ILE HG23 H N N 178 
ILE HD11 H N N 179 
ILE HD12 H N N 180 
ILE HD13 H N N 181 
ILE HXT  H N N 182 
LEU N    N N N 183 
LEU CA   C N S 184 
LEU C    C N N 185 
LEU O    O N N 186 
LEU CB   C N N 187 
LEU CG   C N N 188 
LEU CD1  C N N 189 
LEU CD2  C N N 190 
LEU OXT  O N N 191 
LEU H    H N N 192 
LEU H2   H N N 193 
LEU HA   H N N 194 
LEU HB2  H N N 195 
LEU HB3  H N N 196 
LEU HG   H N N 197 
LEU HD11 H N N 198 
LEU HD12 H N N 199 
LEU HD13 H N N 200 
LEU HD21 H N N 201 
LEU HD22 H N N 202 
LEU HD23 H N N 203 
LEU HXT  H N N 204 
LYS N    N N N 205 
LYS CA   C N S 206 
LYS C    C N N 207 
LYS O    O N N 208 
LYS CB   C N N 209 
LYS CG   C N N 210 
LYS CD   C N N 211 
LYS CE   C N N 212 
LYS NZ   N N N 213 
LYS OXT  O N N 214 
LYS H    H N N 215 
LYS H2   H N N 216 
LYS HA   H N N 217 
LYS HB2  H N N 218 
LYS HB3  H N N 219 
LYS HG2  H N N 220 
LYS HG3  H N N 221 
LYS HD2  H N N 222 
LYS HD3  H N N 223 
LYS HE2  H N N 224 
LYS HE3  H N N 225 
LYS HZ1  H N N 226 
LYS HZ2  H N N 227 
LYS HZ3  H N N 228 
LYS HXT  H N N 229 
MET N    N N N 230 
MET CA   C N S 231 
MET C    C N N 232 
MET O    O N N 233 
MET CB   C N N 234 
MET CG   C N N 235 
MET SD   S N N 236 
MET CE   C N N 237 
MET OXT  O N N 238 
MET H    H N N 239 
MET H2   H N N 240 
MET HA   H N N 241 
MET HB2  H N N 242 
MET HB3  H N N 243 
MET HG2  H N N 244 
MET HG3  H N N 245 
MET HE1  H N N 246 
MET HE2  H N N 247 
MET HE3  H N N 248 
MET HXT  H N N 249 
PHE N    N N N 250 
PHE CA   C N S 251 
PHE C    C N N 252 
PHE O    O N N 253 
PHE CB   C N N 254 
PHE CG   C Y N 255 
PHE CD1  C Y N 256 
PHE CD2  C Y N 257 
PHE CE1  C Y N 258 
PHE CE2  C Y N 259 
PHE CZ   C Y N 260 
PHE OXT  O N N 261 
PHE H    H N N 262 
PHE H2   H N N 263 
PHE HA   H N N 264 
PHE HB2  H N N 265 
PHE HB3  H N N 266 
PHE HD1  H N N 267 
PHE HD2  H N N 268 
PHE HE1  H N N 269 
PHE HE2  H N N 270 
PHE HZ   H N N 271 
PHE HXT  H N N 272 
PRO N    N N N 273 
PRO CA   C N S 274 
PRO C    C N N 275 
PRO O    O N N 276 
PRO CB   C N N 277 
PRO CG   C N N 278 
PRO CD   C N N 279 
PRO OXT  O N N 280 
PRO H    H N N 281 
PRO HA   H N N 282 
PRO HB2  H N N 283 
PRO HB3  H N N 284 
PRO HG2  H N N 285 
PRO HG3  H N N 286 
PRO HD2  H N N 287 
PRO HD3  H N N 288 
PRO HXT  H N N 289 
SER N    N N N 290 
SER CA   C N S 291 
SER C    C N N 292 
SER O    O N N 293 
SER CB   C N N 294 
SER OG   O N N 295 
SER OXT  O N N 296 
SER H    H N N 297 
SER H2   H N N 298 
SER HA   H N N 299 
SER HB2  H N N 300 
SER HB3  H N N 301 
SER HG   H N N 302 
SER HXT  H N N 303 
THR N    N N N 304 
THR CA   C N S 305 
THR C    C N N 306 
THR O    O N N 307 
THR CB   C N R 308 
THR OG1  O N N 309 
THR CG2  C N N 310 
THR OXT  O N N 311 
THR H    H N N 312 
THR H2   H N N 313 
THR HA   H N N 314 
THR HB   H N N 315 
THR HG1  H N N 316 
THR HG21 H N N 317 
THR HG22 H N N 318 
THR HG23 H N N 319 
THR HXT  H N N 320 
TRP N    N N N 321 
TRP CA   C N S 322 
TRP C    C N N 323 
TRP O    O N N 324 
TRP CB   C N N 325 
TRP CG   C Y N 326 
TRP CD1  C Y N 327 
TRP CD2  C Y N 328 
TRP NE1  N Y N 329 
TRP CE2  C Y N 330 
TRP CE3  C Y N 331 
TRP CZ2  C Y N 332 
TRP CZ3  C Y N 333 
TRP CH2  C Y N 334 
TRP OXT  O N N 335 
TRP H    H N N 336 
TRP H2   H N N 337 
TRP HA   H N N 338 
TRP HB2  H N N 339 
TRP HB3  H N N 340 
TRP HD1  H N N 341 
TRP HE1  H N N 342 
TRP HE3  H N N 343 
TRP HZ2  H N N 344 
TRP HZ3  H N N 345 
TRP HH2  H N N 346 
TRP HXT  H N N 347 
TYR N    N N N 348 
TYR CA   C N S 349 
TYR C    C N N 350 
TYR O    O N N 351 
TYR CB   C N N 352 
TYR CG   C Y N 353 
TYR CD1  C Y N 354 
TYR CD2  C Y N 355 
TYR CE1  C Y N 356 
TYR CE2  C Y N 357 
TYR CZ   C Y N 358 
TYR OH   O N N 359 
TYR OXT  O N N 360 
TYR H    H N N 361 
TYR H2   H N N 362 
TYR HA   H N N 363 
TYR HB2  H N N 364 
TYR HB3  H N N 365 
TYR HD1  H N N 366 
TYR HD2  H N N 367 
TYR HE1  H N N 368 
TYR HE2  H N N 369 
TYR HH   H N N 370 
TYR HXT  H N N 371 
VAL N    N N N 372 
VAL CA   C N S 373 
VAL C    C N N 374 
VAL O    O N N 375 
VAL CB   C N N 376 
VAL CG1  C N N 377 
VAL CG2  C N N 378 
VAL OXT  O N N 379 
VAL H    H N N 380 
VAL H2   H N N 381 
VAL HA   H N N 382 
VAL HB   H N N 383 
VAL HG11 H N N 384 
VAL HG12 H N N 385 
VAL HG13 H N N 386 
VAL HG21 H N N 387 
VAL HG22 H N N 388 
VAL HG23 H N N 389 
VAL HXT  H N N 390 
# 
loop_
_chem_comp_bond.comp_id 
_chem_comp_bond.atom_id_1 
_chem_comp_bond.atom_id_2 
_chem_comp_bond.value_order 
_chem_comp_bond.pdbx_aromatic_flag 
_chem_comp_bond.pdbx_stereo_config 
_chem_comp_bond.pdbx_ordinal 
ALA N   CA   sing N N 1   
ALA N   H    sing N N 2   
ALA N   H2   sing N N 3   
ALA CA  C    sing N N 4   
ALA CA  CB   sing N N 5   
ALA CA  HA   sing N N 6   
ALA C   O    doub N N 7   
ALA C   OXT  sing N N 8   
ALA CB  HB1  sing N N 9   
ALA CB  HB2  sing N N 10  
ALA CB  HB3  sing N N 11  
ALA OXT HXT  sing N N 12  
ARG N   CA   sing N N 13  
ARG N   H    sing N N 14  
ARG N   H2   sing N N 15  
ARG CA  C    sing N N 16  
ARG CA  CB   sing N N 17  
ARG CA  HA   sing N N 18  
ARG C   O    doub N N 19  
ARG C   OXT  sing N N 20  
ARG CB  CG   sing N N 21  
ARG CB  HB2  sing N N 22  
ARG CB  HB3  sing N N 23  
ARG CG  CD   sing N N 24  
ARG CG  HG2  sing N N 25  
ARG CG  HG3  sing N N 26  
ARG CD  NE   sing N N 27  
ARG CD  HD2  sing N N 28  
ARG CD  HD3  sing N N 29  
ARG NE  CZ   sing N N 30  
ARG NE  HE   sing N N 31  
ARG CZ  NH1  sing N N 32  
ARG CZ  NH2  doub N N 33  
ARG NH1 HH11 sing N N 34  
ARG NH1 HH12 sing N N 35  
ARG NH2 HH21 sing N N 36  
ARG NH2 HH22 sing N N 37  
ARG OXT HXT  sing N N 38  
ASN N   CA   sing N N 39  
ASN N   H    sing N N 40  
ASN N   H2   sing N N 41  
ASN CA  C    sing N N 42  
ASN CA  CB   sing N N 43  
ASN CA  HA   sing N N 44  
ASN C   O    doub N N 45  
ASN C   OXT  sing N N 46  
ASN CB  CG   sing N N 47  
ASN CB  HB2  sing N N 48  
ASN CB  HB3  sing N N 49  
ASN CG  OD1  doub N N 50  
ASN CG  ND2  sing N N 51  
ASN ND2 HD21 sing N N 52  
ASN ND2 HD22 sing N N 53  
ASN OXT HXT  sing N N 54  
ASP N   CA   sing N N 55  
ASP N   H    sing N N 56  
ASP N   H2   sing N N 57  
ASP CA  C    sing N N 58  
ASP CA  CB   sing N N 59  
ASP CA  HA   sing N N 60  
ASP C   O    doub N N 61  
ASP C   OXT  sing N N 62  
ASP CB  CG   sing N N 63  
ASP CB  HB2  sing N N 64  
ASP CB  HB3  sing N N 65  
ASP CG  OD1  doub N N 66  
ASP CG  OD2  sing N N 67  
ASP OD2 HD2  sing N N 68  
ASP OXT HXT  sing N N 69  
CYS N   CA   sing N N 70  
CYS N   H    sing N N 71  
CYS N   H2   sing N N 72  
CYS CA  C    sing N N 73  
CYS CA  CB   sing N N 74  
CYS CA  HA   sing N N 75  
CYS C   O    doub N N 76  
CYS C   OXT  sing N N 77  
CYS CB  SG   sing N N 78  
CYS CB  HB2  sing N N 79  
CYS CB  HB3  sing N N 80  
CYS SG  HG   sing N N 81  
CYS OXT HXT  sing N N 82  
GLN N   CA   sing N N 83  
GLN N   H    sing N N 84  
GLN N   H2   sing N N 85  
GLN CA  C    sing N N 86  
GLN CA  CB   sing N N 87  
GLN CA  HA   sing N N 88  
GLN C   O    doub N N 89  
GLN C   OXT  sing N N 90  
GLN CB  CG   sing N N 91  
GLN CB  HB2  sing N N 92  
GLN CB  HB3  sing N N 93  
GLN CG  CD   sing N N 94  
GLN CG  HG2  sing N N 95  
GLN CG  HG3  sing N N 96  
GLN CD  OE1  doub N N 97  
GLN CD  NE2  sing N N 98  
GLN NE2 HE21 sing N N 99  
GLN NE2 HE22 sing N N 100 
GLN OXT HXT  sing N N 101 
GLU N   CA   sing N N 102 
GLU N   H    sing N N 103 
GLU N   H2   sing N N 104 
GLU CA  C    sing N N 105 
GLU CA  CB   sing N N 106 
GLU CA  HA   sing N N 107 
GLU C   O    doub N N 108 
GLU C   OXT  sing N N 109 
GLU CB  CG   sing N N 110 
GLU CB  HB2  sing N N 111 
GLU CB  HB3  sing N N 112 
GLU CG  CD   sing N N 113 
GLU CG  HG2  sing N N 114 
GLU CG  HG3  sing N N 115 
GLU CD  OE1  doub N N 116 
GLU CD  OE2  sing N N 117 
GLU OE2 HE2  sing N N 118 
GLU OXT HXT  sing N N 119 
GLY N   CA   sing N N 120 
GLY N   H    sing N N 121 
GLY N   H2   sing N N 122 
GLY CA  C    sing N N 123 
GLY CA  HA2  sing N N 124 
GLY CA  HA3  sing N N 125 
GLY C   O    doub N N 126 
GLY C   OXT  sing N N 127 
GLY OXT HXT  sing N N 128 
HIS N   CA   sing N N 129 
HIS N   H    sing N N 130 
HIS N   H2   sing N N 131 
HIS CA  C    sing N N 132 
HIS CA  CB   sing N N 133 
HIS CA  HA   sing N N 134 
HIS C   O    doub N N 135 
HIS C   OXT  sing N N 136 
HIS CB  CG   sing N N 137 
HIS CB  HB2  sing N N 138 
HIS CB  HB3  sing N N 139 
HIS CG  ND1  sing Y N 140 
HIS CG  CD2  doub Y N 141 
HIS ND1 CE1  doub Y N 142 
HIS ND1 HD1  sing N N 143 
HIS CD2 NE2  sing Y N 144 
HIS CD2 HD2  sing N N 145 
HIS CE1 NE2  sing Y N 146 
HIS CE1 HE1  sing N N 147 
HIS NE2 HE2  sing N N 148 
HIS OXT HXT  sing N N 149 
HOH O   H1   sing N N 150 
HOH O   H2   sing N N 151 
ILE N   CA   sing N N 152 
ILE N   H    sing N N 153 
ILE N   H2   sing N N 154 
ILE CA  C    sing N N 155 
ILE CA  CB   sing N N 156 
ILE CA  HA   sing N N 157 
ILE C   O    doub N N 158 
ILE C   OXT  sing N N 159 
ILE CB  CG1  sing N N 160 
ILE CB  CG2  sing N N 161 
ILE CB  HB   sing N N 162 
ILE CG1 CD1  sing N N 163 
ILE CG1 HG12 sing N N 164 
ILE CG1 HG13 sing N N 165 
ILE CG2 HG21 sing N N 166 
ILE CG2 HG22 sing N N 167 
ILE CG2 HG23 sing N N 168 
ILE CD1 HD11 sing N N 169 
ILE CD1 HD12 sing N N 170 
ILE CD1 HD13 sing N N 171 
ILE OXT HXT  sing N N 172 
LEU N   CA   sing N N 173 
LEU N   H    sing N N 174 
LEU N   H2   sing N N 175 
LEU CA  C    sing N N 176 
LEU CA  CB   sing N N 177 
LEU CA  HA   sing N N 178 
LEU C   O    doub N N 179 
LEU C   OXT  sing N N 180 
LEU CB  CG   sing N N 181 
LEU CB  HB2  sing N N 182 
LEU CB  HB3  sing N N 183 
LEU CG  CD1  sing N N 184 
LEU CG  CD2  sing N N 185 
LEU CG  HG   sing N N 186 
LEU CD1 HD11 sing N N 187 
LEU CD1 HD12 sing N N 188 
LEU CD1 HD13 sing N N 189 
LEU CD2 HD21 sing N N 190 
LEU CD2 HD22 sing N N 191 
LEU CD2 HD23 sing N N 192 
LEU OXT HXT  sing N N 193 
LYS N   CA   sing N N 194 
LYS N   H    sing N N 195 
LYS N   H2   sing N N 196 
LYS CA  C    sing N N 197 
LYS CA  CB   sing N N 198 
LYS CA  HA   sing N N 199 
LYS C   O    doub N N 200 
LYS C   OXT  sing N N 201 
LYS CB  CG   sing N N 202 
LYS CB  HB2  sing N N 203 
LYS CB  HB3  sing N N 204 
LYS CG  CD   sing N N 205 
LYS CG  HG2  sing N N 206 
LYS CG  HG3  sing N N 207 
LYS CD  CE   sing N N 208 
LYS CD  HD2  sing N N 209 
LYS CD  HD3  sing N N 210 
LYS CE  NZ   sing N N 211 
LYS CE  HE2  sing N N 212 
LYS CE  HE3  sing N N 213 
LYS NZ  HZ1  sing N N 214 
LYS NZ  HZ2  sing N N 215 
LYS NZ  HZ3  sing N N 216 
LYS OXT HXT  sing N N 217 
MET N   CA   sing N N 218 
MET N   H    sing N N 219 
MET N   H2   sing N N 220 
MET CA  C    sing N N 221 
MET CA  CB   sing N N 222 
MET CA  HA   sing N N 223 
MET C   O    doub N N 224 
MET C   OXT  sing N N 225 
MET CB  CG   sing N N 226 
MET CB  HB2  sing N N 227 
MET CB  HB3  sing N N 228 
MET CG  SD   sing N N 229 
MET CG  HG2  sing N N 230 
MET CG  HG3  sing N N 231 
MET SD  CE   sing N N 232 
MET CE  HE1  sing N N 233 
MET CE  HE2  sing N N 234 
MET CE  HE3  sing N N 235 
MET OXT HXT  sing N N 236 
PHE N   CA   sing N N 237 
PHE N   H    sing N N 238 
PHE N   H2   sing N N 239 
PHE CA  C    sing N N 240 
PHE CA  CB   sing N N 241 
PHE CA  HA   sing N N 242 
PHE C   O    doub N N 243 
PHE C   OXT  sing N N 244 
PHE CB  CG   sing N N 245 
PHE CB  HB2  sing N N 246 
PHE CB  HB3  sing N N 247 
PHE CG  CD1  doub Y N 248 
PHE CG  CD2  sing Y N 249 
PHE CD1 CE1  sing Y N 250 
PHE CD1 HD1  sing N N 251 
PHE CD2 CE2  doub Y N 252 
PHE CD2 HD2  sing N N 253 
PHE CE1 CZ   doub Y N 254 
PHE CE1 HE1  sing N N 255 
PHE CE2 CZ   sing Y N 256 
PHE CE2 HE2  sing N N 257 
PHE CZ  HZ   sing N N 258 
PHE OXT HXT  sing N N 259 
PRO N   CA   sing N N 260 
PRO N   CD   sing N N 261 
PRO N   H    sing N N 262 
PRO CA  C    sing N N 263 
PRO CA  CB   sing N N 264 
PRO CA  HA   sing N N 265 
PRO C   O    doub N N 266 
PRO C   OXT  sing N N 267 
PRO CB  CG   sing N N 268 
PRO CB  HB2  sing N N 269 
PRO CB  HB3  sing N N 270 
PRO CG  CD   sing N N 271 
PRO CG  HG2  sing N N 272 
PRO CG  HG3  sing N N 273 
PRO CD  HD2  sing N N 274 
PRO CD  HD3  sing N N 275 
PRO OXT HXT  sing N N 276 
SER N   CA   sing N N 277 
SER N   H    sing N N 278 
SER N   H2   sing N N 279 
SER CA  C    sing N N 280 
SER CA  CB   sing N N 281 
SER CA  HA   sing N N 282 
SER C   O    doub N N 283 
SER C   OXT  sing N N 284 
SER CB  OG   sing N N 285 
SER CB  HB2  sing N N 286 
SER CB  HB3  sing N N 287 
SER OG  HG   sing N N 288 
SER OXT HXT  sing N N 289 
THR N   CA   sing N N 290 
THR N   H    sing N N 291 
THR N   H2   sing N N 292 
THR CA  C    sing N N 293 
THR CA  CB   sing N N 294 
THR CA  HA   sing N N 295 
THR C   O    doub N N 296 
THR C   OXT  sing N N 297 
THR CB  OG1  sing N N 298 
THR CB  CG2  sing N N 299 
THR CB  HB   sing N N 300 
THR OG1 HG1  sing N N 301 
THR CG2 HG21 sing N N 302 
THR CG2 HG22 sing N N 303 
THR CG2 HG23 sing N N 304 
THR OXT HXT  sing N N 305 
TRP N   CA   sing N N 306 
TRP N   H    sing N N 307 
TRP N   H2   sing N N 308 
TRP CA  C    sing N N 309 
TRP CA  CB   sing N N 310 
TRP CA  HA   sing N N 311 
TRP C   O    doub N N 312 
TRP C   OXT  sing N N 313 
TRP CB  CG   sing N N 314 
TRP CB  HB2  sing N N 315 
TRP CB  HB3  sing N N 316 
TRP CG  CD1  doub Y N 317 
TRP CG  CD2  sing Y N 318 
TRP CD1 NE1  sing Y N 319 
TRP CD1 HD1  sing N N 320 
TRP CD2 CE2  doub Y N 321 
TRP CD2 CE3  sing Y N 322 
TRP NE1 CE2  sing Y N 323 
TRP NE1 HE1  sing N N 324 
TRP CE2 CZ2  sing Y N 325 
TRP CE3 CZ3  doub Y N 326 
TRP CE3 HE3  sing N N 327 
TRP CZ2 CH2  doub Y N 328 
TRP CZ2 HZ2  sing N N 329 
TRP CZ3 CH2  sing Y N 330 
TRP CZ3 HZ3  sing N N 331 
TRP CH2 HH2  sing N N 332 
TRP OXT HXT  sing N N 333 
TYR N   CA   sing N N 334 
TYR N   H    sing N N 335 
TYR N   H2   sing N N 336 
TYR CA  C    sing N N 337 
TYR CA  CB   sing N N 338 
TYR CA  HA   sing N N 339 
TYR C   O    doub N N 340 
TYR C   OXT  sing N N 341 
TYR CB  CG   sing N N 342 
TYR CB  HB2  sing N N 343 
TYR CB  HB3  sing N N 344 
TYR CG  CD1  doub Y N 345 
TYR CG  CD2  sing Y N 346 
TYR CD1 CE1  sing Y N 347 
TYR CD1 HD1  sing N N 348 
TYR CD2 CE2  doub Y N 349 
TYR CD2 HD2  sing N N 350 
TYR CE1 CZ   doub Y N 351 
TYR CE1 HE1  sing N N 352 
TYR CE2 CZ   sing Y N 353 
TYR CE2 HE2  sing N N 354 
TYR CZ  OH   sing N N 355 
TYR OH  HH   sing N N 356 
TYR OXT HXT  sing N N 357 
VAL N   CA   sing N N 358 
VAL N   H    sing N N 359 
VAL N   H2   sing N N 360 
VAL CA  C    sing N N 361 
VAL CA  CB   sing N N 362 
VAL CA  HA   sing N N 363 
VAL C   O    doub N N 364 
VAL C   OXT  sing N N 365 
VAL CB  CG1  sing N N 366 
VAL CB  CG2  sing N N 367 
VAL CB  HB   sing N N 368 
VAL CG1 HG11 sing N N 369 
VAL CG1 HG12 sing N N 370 
VAL CG1 HG13 sing N N 371 
VAL CG2 HG21 sing N N 372 
VAL CG2 HG22 sing N N 373 
VAL CG2 HG23 sing N N 374 
VAL OXT HXT  sing N N 375 
# 
_atom_sites.entry_id                    2Q1M 
_atom_sites.fract_transf_matrix[1][1]   0.00929885 
_atom_sites.fract_transf_matrix[1][2]   0.01286674 
_atom_sites.fract_transf_matrix[1][3]   0.00056993 
_atom_sites.fract_transf_matrix[2][1]   0.01506158 
_atom_sites.fract_transf_matrix[2][2]   -0.00085847 
_atom_sites.fract_transf_matrix[2][3]   -0.00497444 
_atom_sites.fract_transf_matrix[3][1]   -0.00547351 
_atom_sites.fract_transf_matrix[3][2]   0.00472593 
_atom_sites.fract_transf_matrix[3][3]   -0.01738823 
_atom_sites.fract_transf_vector[1]      0.474530 
_atom_sites.fract_transf_vector[2]      0.353683 
_atom_sites.fract_transf_vector[3]      0.198425 
# 
loop_
_atom_type.symbol 
C 
N 
O 
S 
# 
loop_
_atom_site.group_PDB 
_atom_site.id 
_atom_site.type_symbol 
_atom_site.label_atom_id 
_atom_site.label_alt_id 
_atom_site.label_comp_id 
_atom_site.label_asym_id 
_atom_site.label_entity_id 
_atom_site.label_seq_id 
_atom_site.pdbx_PDB_ins_code 
_atom_site.Cartn_x 
_atom_site.Cartn_y 
_atom_site.Cartn_z 
_atom_site.occupancy 
_atom_site.B_iso_or_equiv 
_atom_site.pdbx_formal_charge 
_atom_site.auth_seq_id 
_atom_site.auth_comp_id 
_atom_site.auth_asym_id 
_atom_site.auth_atom_id 
_atom_site.pdbx_PDB_model_num 
ATOM   1   N N   . PRO A 1 10  ? -5.079  11.019  -15.552 1.00 48.40 ? 57  PRO A N   1 
ATOM   2   C CA  . PRO A 1 10  ? -4.427  10.660  -14.293 1.00 48.35 ? 57  PRO A CA  1 
ATOM   3   C C   . PRO A 1 10  ? -3.883  9.220   -14.298 1.00 47.54 ? 57  PRO A C   1 
ATOM   4   O O   . PRO A 1 10  ? -4.432  8.354   -14.998 1.00 49.04 ? 57  PRO A O   1 
ATOM   5   C CB  . PRO A 1 10  ? -5.552  10.798  -13.256 1.00 48.91 ? 57  PRO A CB  1 
ATOM   6   C CG  . PRO A 1 10  ? -6.837  11.045  -14.040 1.00 49.15 ? 57  PRO A CG  1 
ATOM   7   C CD  . PRO A 1 10  ? -6.537  10.835  -15.491 1.00 48.75 ? 57  PRO A CD  1 
ATOM   8   N N   . CYS A 1 11  ? -2.789  8.988   -13.580 1.00 45.20 ? 58  CYS A N   1 
ATOM   9   C CA  . CYS A 1 11  ? -2.291  7.645   -13.356 1.00 43.86 ? 58  CYS A CA  1 
ATOM   10  C C   . CYS A 1 11  ? -2.427  7.285   -11.889 1.00 42.96 ? 58  CYS A C   1 
ATOM   11  O O   . CYS A 1 11  ? -1.845  7.941   -11.035 1.00 41.61 ? 58  CYS A O   1 
ATOM   12  C CB  . CYS A 1 11  ? -0.830  7.505   -13.794 1.00 44.01 ? 58  CYS A CB  1 
ATOM   13  S SG  . CYS A 1 11  ? -0.249  5.789   -13.696 1.00 43.14 ? 58  CYS A SG  1 
ATOM   14  N N   . MET A 1 12  ? -3.194  6.234   -11.615 1.00 42.66 ? 59  MET A N   1 
ATOM   15  C CA  . MET A 1 12  ? -3.399  5.758   -10.243 1.00 43.54 ? 59  MET A CA  1 
ATOM   16  C C   . MET A 1 12  ? -3.697  4.261   -10.111 1.00 41.67 ? 59  MET A C   1 
ATOM   17  O O   . MET A 1 12  ? -4.144  3.612   -11.045 1.00 41.72 ? 59  MET A O   1 
ATOM   18  C CB  . MET A 1 12  ? -4.480  6.580   -9.540  1.00 43.16 ? 59  MET A CB  1 
ATOM   19  C CG  . MET A 1 12  ? -5.773  6.705   -10.309 1.00 44.39 ? 59  MET A CG  1 
ATOM   20  S SD  . MET A 1 12  ? -6.670  8.178   -9.765  1.00 48.70 ? 59  MET A SD  1 
ATOM   21  C CE  . MET A 1 12  ? -6.738  7.898   -7.992  1.00 41.27 ? 59  MET A CE  1 
ATOM   22  N N   . ALA A 1 13  ? -3.456  3.731   -8.924  1.00 40.32 ? 60  ALA A N   1 
ATOM   23  C CA  . ALA A 1 13  ? -3.650  2.336   -8.668  1.00 39.56 ? 60  ALA A CA  1 
ATOM   24  C C   . ALA A 1 13  ? -3.965  2.161   -7.203  1.00 39.49 ? 60  ALA A C   1 
ATOM   25  O O   . ALA A 1 13  ? -3.535  2.940   -6.356  1.00 39.25 ? 60  ALA A O   1 
ATOM   26  C CB  . ALA A 1 13  ? -2.408  1.531   -9.069  1.00 39.03 ? 60  ALA A CB  1 
ATOM   27  N N   . LYS A 1 14  ? -4.750  1.140   -6.908  1.00 39.90 ? 61  LYS A N   1 
ATOM   28  C CA  . LYS A 1 14  ? -5.183  0.881   -5.557  1.00 40.30 ? 61  LYS A CA  1 
ATOM   29  C C   . LYS A 1 14  ? -5.304  -0.617  -5.401  1.00 40.49 ? 61  LYS A C   1 
ATOM   30  O O   . LYS A 1 14  ? -5.832  -1.303  -6.279  1.00 40.53 ? 61  LYS A O   1 
ATOM   31  C CB  . LYS A 1 14  ? -6.535  1.555   -5.312  1.00 40.57 ? 61  LYS A CB  1 
ATOM   32  C CG  . LYS A 1 14  ? -7.068  1.457   -3.882  1.00 41.39 ? 61  LYS A CG  1 
ATOM   33  C CD  . LYS A 1 14  ? -8.564  1.716   -3.861  1.00 44.40 ? 61  LYS A CD  1 
ATOM   34  C CE  . LYS A 1 14  ? -9.123  1.663   -2.426  1.00 47.43 ? 61  LYS A CE  1 
ATOM   35  N NZ  . LYS A 1 14  ? -10.633 1.715   -2.348  1.00 47.27 ? 61  LYS A NZ  1 
ATOM   36  N N   . PHE A 1 15  ? -4.780  -1.129  -4.299  1.00 41.17 ? 62  PHE A N   1 
ATOM   37  C CA  . PHE A 1 15  ? -5.024  -2.505  -3.927  1.00 41.58 ? 62  PHE A CA  1 
ATOM   38  C C   . PHE A 1 15  ? -6.063  -2.636  -2.803  1.00 42.53 ? 62  PHE A C   1 
ATOM   39  O O   . PHE A 1 15  ? -5.913  -2.058  -1.730  1.00 42.01 ? 62  PHE A O   1 
ATOM   40  C CB  . PHE A 1 15  ? -3.735  -3.236  -3.541  1.00 41.37 ? 62  PHE A CB  1 
ATOM   41  C CG  . PHE A 1 15  ? -3.936  -4.723  -3.369  1.00 41.05 ? 62  PHE A CG  1 
ATOM   42  C CD1 . PHE A 1 15  ? -3.649  -5.598  -4.409  1.00 42.35 ? 62  PHE A CD1 1 
ATOM   43  C CD2 . PHE A 1 15  ? -4.478  -5.234  -2.194  1.00 39.51 ? 62  PHE A CD2 1 
ATOM   44  C CE1 . PHE A 1 15  ? -3.855  -6.952  -4.265  1.00 41.37 ? 62  PHE A CE1 1 
ATOM   45  C CE2 . PHE A 1 15  ? -4.702  -6.587  -2.034  1.00 40.26 ? 62  PHE A CE2 1 
ATOM   46  C CZ  . PHE A 1 15  ? -4.393  -7.451  -3.067  1.00 41.99 ? 62  PHE A CZ  1 
ATOM   47  N N   . GLY A 1 16  ? -7.090  -3.452  -3.046  1.00 44.12 ? 63  GLY A N   1 
ATOM   48  C CA  . GLY A 1 16  ? -8.148  -3.666  -2.068  1.00 45.22 ? 63  GLY A CA  1 
ATOM   49  C C   . GLY A 1 16  ? -9.087  -2.471  -1.946  1.00 46.86 ? 63  GLY A C   1 
ATOM   50  O O   . GLY A 1 16  ? -9.026  -1.544  -2.759  1.00 47.06 ? 63  GLY A O   1 
ATOM   51  N N   . PRO A 1 17  ? -9.984  -2.495  -0.937  1.00 47.78 ? 64  PRO A N   1 
ATOM   52  C CA  . PRO A 1 17  ? -10.079 -3.642  -0.033  1.00 49.13 ? 64  PRO A CA  1 
ATOM   53  C C   . PRO A 1 17  ? -10.869 -4.763  -0.721  1.00 50.56 ? 64  PRO A C   1 
ATOM   54  O O   . PRO A 1 17  ? -11.426 -4.552  -1.808  1.00 50.87 ? 64  PRO A O   1 
ATOM   55  C CB  . PRO A 1 17  ? -10.858 -3.080  1.156   1.00 48.97 ? 64  PRO A CB  1 
ATOM   56  C CG  . PRO A 1 17  ? -11.674 -1.955  0.598   1.00 47.81 ? 64  PRO A CG  1 
ATOM   57  C CD  . PRO A 1 17  ? -10.989 -1.457  -0.644  1.00 47.28 ? 64  PRO A CD  1 
ATOM   58  N N   . LEU A 1 18  ? -10.915 -5.943  -0.112  1.00 52.48 ? 65  LEU A N   1 
ATOM   59  C CA  . LEU A 1 18  ? -11.838 -6.988  -0.583  1.00 53.73 ? 65  LEU A CA  1 
ATOM   60  C C   . LEU A 1 18  ? -13.217 -6.408  -0.921  1.00 54.50 ? 65  LEU A C   1 
ATOM   61  O O   . LEU A 1 18  ? -13.713 -5.513  -0.204  1.00 54.59 ? 65  LEU A O   1 
ATOM   62  C CB  . LEU A 1 18  ? -11.946 -8.129  0.420   1.00 53.72 ? 65  LEU A CB  1 
ATOM   63  C CG  . LEU A 1 18  ? -10.721 -9.046  0.397   1.00 55.26 ? 65  LEU A CG  1 
ATOM   64  C CD1 . LEU A 1 18  ? -10.969 -10.257 1.300   1.00 57.50 ? 65  LEU A CD1 1 
ATOM   65  C CD2 . LEU A 1 18  ? -10.358 -9.493  -1.030  1.00 55.67 ? 65  LEU A CD2 1 
ATOM   66  N N   . PRO A 1 19  ? -13.841 -6.897  -2.022  1.00 55.22 ? 66  PRO A N   1 
ATOM   67  C CA  . PRO A 1 19  ? -13.370 -8.008  -2.885  1.00 55.40 ? 66  PRO A CA  1 
ATOM   68  C C   . PRO A 1 19  ? -12.199 -7.703  -3.853  1.00 55.38 ? 66  PRO A C   1 
ATOM   69  O O   . PRO A 1 19  ? -11.590 -8.636  -4.388  1.00 55.71 ? 66  PRO A O   1 
ATOM   70  C CB  . PRO A 1 19  ? -14.634 -8.404  -3.661  1.00 55.84 ? 66  PRO A CB  1 
ATOM   71  C CG  . PRO A 1 19  ? -15.494 -7.146  -3.685  1.00 55.59 ? 66  PRO A CG  1 
ATOM   72  C CD  . PRO A 1 19  ? -15.136 -6.334  -2.474  1.00 55.13 ? 66  PRO A CD  1 
ATOM   73  N N   . SER A 1 20  ? -11.869 -6.424  -4.050  1.00 55.07 ? 67  SER A N   1 
ATOM   74  C CA  . SER A 1 20  ? -10.858 -6.026  -5.047  1.00 54.42 ? 67  SER A CA  1 
ATOM   75  C C   . SER A 1 20  ? -9.425  -6.416  -4.686  1.00 53.70 ? 67  SER A C   1 
ATOM   76  O O   . SER A 1 20  ? -9.050  -6.486  -3.513  1.00 53.25 ? 67  SER A O   1 
ATOM   77  C CB  . SER A 1 20  ? -10.914 -4.521  -5.327  1.00 54.40 ? 67  SER A CB  1 
ATOM   78  O OG  . SER A 1 20  ? -12.245 -4.084  -5.524  1.00 55.50 ? 67  SER A OG  1 
ATOM   79  N N   . LYS A 1 21  ? -8.646  -6.696  -5.725  1.00 52.98 ? 68  LYS A N   1 
ATOM   80  C CA  . LYS A 1 21  ? -7.208  -6.805  -5.604  1.00 52.71 ? 68  LYS A CA  1 
ATOM   81  C C   . LYS A 1 21  ? -6.609  -5.529  -6.239  1.00 51.65 ? 68  LYS A C   1 
ATOM   82  O O   . LYS A 1 21  ? -7.000  -4.429  -5.834  1.00 51.30 ? 68  LYS A O   1 
ATOM   83  C CB  . LYS A 1 21  ? -6.715  -8.125  -6.204  1.00 53.74 ? 68  LYS A CB  1 
ATOM   84  C CG  . LYS A 1 21  ? -7.198  -9.349  -5.420  1.00 54.41 ? 68  LYS A CG  1 
ATOM   85  C CD  . LYS A 1 21  ? -6.323  -10.581 -5.694  1.00 58.97 ? 68  LYS A CD  1 
ATOM   86  C CE  . LYS A 1 21  ? -6.691  -11.769 -4.775  1.00 59.15 ? 68  LYS A CE  1 
ATOM   87  N NZ  . LYS A 1 21  ? -5.878  -13.002 -5.082  1.00 61.92 ? 68  LYS A NZ  1 
ATOM   88  N N   . TRP A 1 22  ? -5.692  -5.650  -7.203  1.00 50.35 ? 69  TRP A N   1 
ATOM   89  C CA  . TRP A 1 22  ? -5.157  -4.467  -7.897  1.00 49.41 ? 69  TRP A CA  1 
ATOM   90  C C   . TRP A 1 22  ? -6.133  -3.903  -8.917  1.00 49.59 ? 69  TRP A C   1 
ATOM   91  O O   . TRP A 1 22  ? -6.613  -4.619  -9.800  1.00 50.35 ? 69  TRP A O   1 
ATOM   92  C CB  . TRP A 1 22  ? -3.815  -4.744  -8.591  1.00 48.49 ? 69  TRP A CB  1 
ATOM   93  C CG  . TRP A 1 22  ? -2.635  -4.649  -7.692  1.00 47.00 ? 69  TRP A CG  1 
ATOM   94  C CD1 . TRP A 1 22  ? -1.787  -5.661  -7.335  1.00 46.30 ? 69  TRP A CD1 1 
ATOM   95  C CD2 . TRP A 1 22  ? -2.174  -3.482  -7.016  1.00 45.28 ? 69  TRP A CD2 1 
ATOM   96  N NE1 . TRP A 1 22  ? -0.826  -5.194  -6.481  1.00 44.81 ? 69  TRP A NE1 1 
ATOM   97  C CE2 . TRP A 1 22  ? -1.041  -3.856  -6.266  1.00 45.48 ? 69  TRP A CE2 1 
ATOM   98  C CE3 . TRP A 1 22  ? -2.618  -2.152  -6.962  1.00 45.47 ? 69  TRP A CE3 1 
ATOM   99  C CZ2 . TRP A 1 22  ? -0.333  -2.942  -5.467  1.00 46.39 ? 69  TRP A CZ2 1 
ATOM   100 C CZ3 . TRP A 1 22  ? -1.918  -1.240  -6.166  1.00 45.37 ? 69  TRP A CZ3 1 
ATOM   101 C CH2 . TRP A 1 22  ? -0.793  -1.646  -5.426  1.00 46.61 ? 69  TRP A CH2 1 
ATOM   102 N N   . GLN A 1 23  ? -6.438  -2.621  -8.763  1.00 49.59 ? 70  GLN A N   1 
ATOM   103 C CA  . GLN A 1 23  ? -7.205  -1.847  -9.731  1.00 49.87 ? 70  GLN A CA  1 
ATOM   104 C C   . GLN A 1 23  ? -6.271  -0.766  -10.251 1.00 50.09 ? 70  GLN A C   1 
ATOM   105 O O   . GLN A 1 23  ? -5.490  -0.193  -9.477  1.00 49.92 ? 70  GLN A O   1 
ATOM   106 C CB  . GLN A 1 23  ? -8.431  -1.211  -9.067  1.00 49.97 ? 70  GLN A CB  1 
ATOM   107 C CG  . GLN A 1 23  ? -9.228  -2.168  -8.180  1.00 49.46 ? 70  GLN A CG  1 
ATOM   108 C CD  . GLN A 1 23  ? -9.623  -1.534  -6.853  1.00 50.65 ? 70  GLN A CD  1 
ATOM   109 O OE1 . GLN A 1 23  ? -10.612 -0.785  -6.782  1.00 50.10 ? 70  GLN A OE1 1 
ATOM   110 N NE2 . GLN A 1 23  ? -8.843  -1.824  -5.786  1.00 48.43 ? 70  GLN A NE2 1 
ATOM   111 N N   . MET A 1 24  ? -6.353  -0.492  -11.550 1.00 50.38 ? 71  MET A N   1 
ATOM   112 C CA  . MET A 1 24  ? -5.447  0.438   -12.227 1.00 51.62 ? 71  MET A CA  1 
ATOM   113 C C   . MET A 1 24  ? -6.186  1.333   -13.206 1.00 51.06 ? 71  MET A C   1 
ATOM   114 O O   . MET A 1 24  ? -7.190  0.928   -13.791 1.00 51.54 ? 71  MET A O   1 
ATOM   115 C CB  . MET A 1 24  ? -4.378  -0.332  -13.015 1.00 51.43 ? 71  MET A CB  1 
ATOM   116 C CG  . MET A 1 24  ? -2.958  -0.189  -12.509 1.00 52.22 ? 71  MET A CG  1 
ATOM   117 S SD  . MET A 1 24  ? -1.788  -0.034  -13.887 1.00 54.97 ? 71  MET A SD  1 
ATOM   118 C CE  . MET A 1 24  ? -1.770  1.738   -14.209 1.00 53.27 ? 71  MET A CE  1 
ATOM   119 N N   . ALA A 1 25  ? -5.663  2.538   -13.406 1.00 50.84 ? 72  ALA A N   1 
ATOM   120 C CA  . ALA A 1 25  ? -6.121  3.428   -14.460 1.00 50.27 ? 72  ALA A CA  1 
ATOM   121 C C   . ALA A 1 25  ? -5.006  4.375   -14.848 1.00 50.23 ? 72  ALA A C   1 
ATOM   122 O O   . ALA A 1 25  ? -4.565  5.176   -14.030 1.00 50.31 ? 72  ALA A O   1 
ATOM   123 C CB  . ALA A 1 25  ? -7.340  4.218   -13.990 1.00 50.83 ? 72  ALA A CB  1 
ATOM   124 N N   . SER A 1 26  ? -4.542  4.286   -16.092 1.00 50.21 ? 73  SER A N   1 
ATOM   125 C CA  . SER A 1 26  ? -3.620  5.290   -16.649 1.00 50.32 ? 73  SER A CA  1 
ATOM   126 C C   . SER A 1 26  ? -3.723  5.355   -18.152 1.00 49.57 ? 73  SER A C   1 
ATOM   127 O O   . SER A 1 26  ? -4.453  4.596   -18.760 1.00 50.29 ? 73  SER A O   1 
ATOM   128 C CB  . SER A 1 26  ? -2.162  4.990   -16.287 1.00 50.36 ? 73  SER A CB  1 
ATOM   129 O OG  . SER A 1 26  ? -1.761  3.758   -16.853 1.00 52.74 ? 73  SER A OG  1 
ATOM   130 N N   . SER A 1 27  ? -2.970  6.266   -18.746 1.00 48.69 ? 74  SER A N   1 
ATOM   131 C CA  . SER A 1 27  ? -2.767  6.237   -20.175 1.00 47.51 ? 74  SER A CA  1 
ATOM   132 C C   . SER A 1 27  ? -1.598  5.289   -20.501 1.00 46.52 ? 74  SER A C   1 
ATOM   133 O O   . SER A 1 27  ? -1.014  4.658   -19.613 1.00 46.06 ? 74  SER A O   1 
ATOM   134 C CB  . SER A 1 27  ? -2.558  7.659   -20.744 1.00 47.91 ? 74  SER A CB  1 
ATOM   135 O OG  . SER A 1 27  ? -1.539  8.377   -20.062 1.00 47.93 ? 74  SER A OG  1 
ATOM   136 N N   A GLU A 1 28  ? -1.300  5.139   -21.787 0.70 45.92 ? 75  GLU A N   1 
ATOM   137 N N   B GLU A 1 28  ? -1.307  5.207   -21.800 0.30 45.71 ? 75  GLU A N   1 
ATOM   138 C CA  A GLU A 1 28  ? -0.175  4.342   -22.215 0.70 44.56 ? 75  GLU A CA  1 
ATOM   139 C CA  B GLU A 1 28  ? -0.197  4.455   -22.345 0.30 44.60 ? 75  GLU A CA  1 
ATOM   140 C C   A GLU A 1 28  ? 0.917   5.357   -22.520 0.70 44.14 ? 75  GLU A C   1 
ATOM   141 C C   B GLU A 1 28  ? 0.951   5.434   -22.555 0.30 44.00 ? 75  GLU A C   1 
ATOM   142 O O   A GLU A 1 28  ? 0.636   6.365   -23.166 0.70 44.95 ? 75  GLU A O   1 
ATOM   143 O O   B GLU A 1 28  ? 0.751   6.487   -23.166 0.30 44.39 ? 75  GLU A O   1 
ATOM   144 C CB  A GLU A 1 28  ? -0.549  3.507   -23.453 0.70 44.54 ? 75  GLU A CB  1 
ATOM   145 C CB  B GLU A 1 28  ? -0.594  3.835   -23.692 0.30 44.61 ? 75  GLU A CB  1 
ATOM   146 C CG  A GLU A 1 28  ? 0.514   2.494   -23.911 0.70 42.38 ? 75  GLU A CG  1 
ATOM   147 C CG  B GLU A 1 28  ? -1.795  2.887   -23.650 0.30 43.60 ? 75  GLU A CG  1 
ATOM   148 C CD  A GLU A 1 28  ? 1.721   3.144   -24.569 0.70 39.24 ? 75  GLU A CD  1 
ATOM   149 C CD  B GLU A 1 28  ? -3.130  3.542   -24.016 0.30 42.86 ? 75  GLU A CD  1 
ATOM   150 O OE1 A GLU A 1 28  ? 2.852   2.701   -24.329 0.70 38.70 ? 75  GLU A OE1 1 
ATOM   151 O OE1 B GLU A 1 28  ? -3.352  4.722   -23.667 0.30 42.35 ? 75  GLU A OE1 1 
ATOM   152 O OE2 A GLU A 1 28  ? 1.555   4.125   -25.301 0.70 40.88 ? 75  GLU A OE2 1 
ATOM   153 O OE2 B GLU A 1 28  ? -3.970  2.857   -24.645 0.30 41.48 ? 75  GLU A OE2 1 
ATOM   154 N N   . PRO A 1 29  ? 2.157   5.114   -22.042 1.00 43.10 ? 76  PRO A N   1 
ATOM   155 C CA  . PRO A 1 29  ? 2.554   3.960   -21.239 1.00 42.05 ? 76  PRO A CA  1 
ATOM   156 C C   . PRO A 1 29  ? 2.161   4.130   -19.756 1.00 41.20 ? 76  PRO A C   1 
ATOM   157 O O   . PRO A 1 29  ? 2.086   5.267   -19.271 1.00 41.04 ? 76  PRO A O   1 
ATOM   158 C CB  . PRO A 1 29  ? 4.067   3.950   -21.403 1.00 41.75 ? 76  PRO A CB  1 
ATOM   159 C CG  . PRO A 1 29  ? 4.421   5.390   -21.490 1.00 41.87 ? 76  PRO A CG  1 
ATOM   160 C CD  . PRO A 1 29  ? 3.299   6.016   -22.282 1.00 43.06 ? 76  PRO A CD  1 
ATOM   161 N N   . PRO A 1 30  ? 1.915   3.012   -19.038 1.00 39.87 ? 77  PRO A N   1 
ATOM   162 C CA  . PRO A 1 30  ? 1.444   3.172   -17.645 1.00 39.33 ? 77  PRO A CA  1 
ATOM   163 C C   . PRO A 1 30  ? 2.552   3.654   -16.705 1.00 39.04 ? 77  PRO A C   1 
ATOM   164 O O   . PRO A 1 30  ? 3.732   3.439   -16.985 1.00 40.08 ? 77  PRO A O   1 
ATOM   165 C CB  . PRO A 1 30  ? 0.953   1.762   -17.266 1.00 38.96 ? 77  PRO A CB  1 
ATOM   166 C CG  . PRO A 1 30  ? 1.734   0.814   -18.179 1.00 39.06 ? 77  PRO A CG  1 
ATOM   167 C CD  . PRO A 1 30  ? 2.043   1.600   -19.447 1.00 39.53 ? 77  PRO A CD  1 
ATOM   168 N N   . CYS A 1 31  ? 2.193   4.291   -15.601 1.00 38.25 ? 78  CYS A N   1 
ATOM   169 C CA  . CYS A 1 31  ? 3.220   4.780   -14.667 1.00 38.50 ? 78  CYS A CA  1 
ATOM   170 C C   . CYS A 1 31  ? 3.655   3.738   -13.629 1.00 37.61 ? 78  CYS A C   1 
ATOM   171 O O   . CYS A 1 31  ? 4.700   3.881   -13.001 1.00 36.95 ? 78  CYS A O   1 
ATOM   172 C CB  . CYS A 1 31  ? 2.775   6.085   -13.986 1.00 38.28 ? 78  CYS A CB  1 
ATOM   173 S SG  . CYS A 1 31  ? 1.522   5.894   -12.721 1.00 40.74 ? 78  CYS A SG  1 
ATOM   174 N N   . VAL A 1 32  ? 2.833   2.708   -13.456 1.00 37.68 ? 79  VAL A N   1 
ATOM   175 C CA  . VAL A 1 32  ? 3.077   1.651   -12.492 1.00 37.83 ? 79  VAL A CA  1 
ATOM   176 C C   . VAL A 1 32  ? 2.598   0.339   -13.074 1.00 38.78 ? 79  VAL A C   1 
ATOM   177 O O   . VAL A 1 32  ? 1.833   0.320   -14.022 1.00 39.05 ? 79  VAL A O   1 
ATOM   178 C CB  . VAL A 1 32  ? 2.343   1.887   -11.108 1.00 37.73 ? 79  VAL A CB  1 
ATOM   179 C CG1 . VAL A 1 32  ? 2.991   3.011   -10.313 1.00 37.13 ? 79  VAL A CG1 1 
ATOM   180 C CG2 . VAL A 1 32  ? 0.818   2.088   -11.266 1.00 34.88 ? 79  VAL A CG2 1 
ATOM   181 N N   . ASN A 1 33  ? 3.073   -0.758  -12.502 1.00 40.36 ? 80  ASN A N   1 
ATOM   182 C CA  . ASN A 1 33  ? 2.537   -2.081  -12.776 1.00 41.33 ? 80  ASN A CA  1 
ATOM   183 C C   . ASN A 1 33  ? 2.530   -2.951  -11.540 1.00 41.64 ? 80  ASN A C   1 
ATOM   184 O O   . ASN A 1 33  ? 3.493   -2.979  -10.789 1.00 40.82 ? 80  ASN A O   1 
ATOM   185 C CB  . ASN A 1 33  ? 3.312   -2.808  -13.878 1.00 41.92 ? 80  ASN A CB  1 
ATOM   186 C CG  . ASN A 1 33  ? 2.628   -4.118  -14.281 1.00 43.20 ? 80  ASN A CG  1 
ATOM   187 O OD1 . ASN A 1 33  ? 3.230   -5.189  -14.198 1.00 44.59 ? 80  ASN A OD1 1 
ATOM   188 N ND2 . ASN A 1 33  ? 1.337   -4.040  -14.626 1.00 42.54 ? 80  ASN A ND2 1 
ATOM   189 N N   . LYS A 1 34  ? 1.433   -3.670  -11.354 1.00 43.12 ? 81  LYS A N   1 
ATOM   190 C CA  . LYS A 1 34  ? 1.281   -4.556  -10.209 1.00 45.00 ? 81  LYS A CA  1 
ATOM   191 C C   . LYS A 1 34  ? 2.261   -5.724  -10.237 1.00 45.55 ? 81  LYS A C   1 
ATOM   192 O O   . LYS A 1 34  ? 2.472   -6.348  -11.274 1.00 46.42 ? 81  LYS A O   1 
ATOM   193 C CB  . LYS A 1 34  ? -0.156  -5.050  -10.082 1.00 45.16 ? 81  LYS A CB  1 
ATOM   194 C CG  . LYS A 1 34  ? -0.914  -5.251  -11.401 1.00 47.80 ? 81  LYS A CG  1 
ATOM   195 C CD  . LYS A 1 34  ? -0.837  -6.707  -11.860 1.00 51.58 ? 81  LYS A CD  1 
ATOM   196 C CE  . LYS A 1 34  ? -1.897  -7.585  -11.193 1.00 53.28 ? 81  LYS A CE  1 
ATOM   197 N NZ  . LYS A 1 34  ? -3.294  -7.296  -11.664 1.00 56.12 ? 81  LYS A NZ  1 
ATOM   198 N N   . VAL A 1 35  ? 2.881   -6.002  -9.102  1.00 45.47 ? 82  VAL A N   1 
ATOM   199 C CA  . VAL A 1 35  ? 3.789   -7.120  -9.039  1.00 45.64 ? 82  VAL A CA  1 
ATOM   200 C C   . VAL A 1 35  ? 3.029   -8.340  -8.529  1.00 45.98 ? 82  VAL A C   1 
ATOM   201 O O   . VAL A 1 35  ? 3.043   -9.387  -9.172  1.00 46.82 ? 82  VAL A O   1 
ATOM   202 C CB  . VAL A 1 35  ? 5.007   -6.822  -8.177  1.00 45.54 ? 82  VAL A CB  1 
ATOM   203 C CG1 . VAL A 1 35  ? 5.849   -8.090  -8.002  1.00 45.86 ? 82  VAL A CG1 1 
ATOM   204 C CG2 . VAL A 1 35  ? 5.817   -5.702  -8.804  1.00 44.58 ? 82  VAL A CG2 1 
ATOM   205 N N   . SER A 1 36  ? 2.364   -8.181  -7.384  1.00 45.55 ? 83  SER A N   1 
ATOM   206 C CA  . SER A 1 36  ? 1.567   -9.227  -6.745  1.00 45.02 ? 83  SER A CA  1 
ATOM   207 C C   . SER A 1 36  ? 0.734   -8.542  -5.660  1.00 44.78 ? 83  SER A C   1 
ATOM   208 O O   . SER A 1 36  ? 0.906   -7.333  -5.422  1.00 44.75 ? 83  SER A O   1 
ATOM   209 C CB  . SER A 1 36  ? 2.467   -10.330 -6.151  1.00 45.54 ? 83  SER A CB  1 
ATOM   210 O OG  . SER A 1 36  ? 3.564   -9.808  -5.407  1.00 44.69 ? 83  SER A OG  1 
ATOM   211 N N   . ASP A 1 37  ? -0.166  -9.287  -5.012  1.00 43.71 ? 84  ASP A N   1 
ATOM   212 C CA  . ASP A 1 37  ? -1.031  -8.722  -3.964  1.00 42.75 ? 84  ASP A CA  1 
ATOM   213 C C   . ASP A 1 37  ? -0.254  -7.778  -3.064  1.00 41.70 ? 84  ASP A C   1 
ATOM   214 O O   . ASP A 1 37  ? 0.761   -8.179  -2.488  1.00 41.01 ? 84  ASP A O   1 
ATOM   215 C CB  . ASP A 1 37  ? -1.684  -9.809  -3.097  1.00 43.04 ? 84  ASP A CB  1 
ATOM   216 C CG  . ASP A 1 37  ? -2.826  -10.536 -3.806  1.00 44.41 ? 84  ASP A CG  1 
ATOM   217 O OD1 . ASP A 1 37  ? -2.996  -10.361 -5.029  1.00 45.10 ? 84  ASP A OD1 1 
ATOM   218 O OD2 . ASP A 1 37  ? -3.557  -11.292 -3.126  1.00 47.43 ? 84  ASP A OD2 1 
ATOM   219 N N   . TRP A 1 38  ? -0.735  -6.528  -2.980  1.00 40.46 ? 85  TRP A N   1 
ATOM   220 C CA  . TRP A 1 38  ? -0.197  -5.486  -2.089  1.00 39.60 ? 85  TRP A CA  1 
ATOM   221 C C   . TRP A 1 38  ? 1.134   -4.902  -2.518  1.00 38.89 ? 85  TRP A C   1 
ATOM   222 O O   . TRP A 1 38  ? 1.720   -4.142  -1.773  1.00 38.84 ? 85  TRP A O   1 
ATOM   223 C CB  . TRP A 1 38  ? -0.032  -6.000  -0.663  1.00 39.37 ? 85  TRP A CB  1 
ATOM   224 C CG  . TRP A 1 38  ? -1.296  -6.442  -0.043  1.00 40.29 ? 85  TRP A CG  1 
ATOM   225 C CD1 . TRP A 1 38  ? -1.731  -7.733  0.107   1.00 39.24 ? 85  TRP A CD1 1 
ATOM   226 C CD2 . TRP A 1 38  ? -2.313  -5.600  0.518   1.00 40.04 ? 85  TRP A CD2 1 
ATOM   227 N NE1 . TRP A 1 38  ? -2.960  -7.740  0.727   1.00 41.51 ? 85  TRP A NE1 1 
ATOM   228 C CE2 . TRP A 1 38  ? -3.331  -6.446  1.003   1.00 41.17 ? 85  TRP A CE2 1 
ATOM   229 C CE3 . TRP A 1 38  ? -2.459  -4.210  0.659   1.00 39.66 ? 85  TRP A CE3 1 
ATOM   230 C CZ2 . TRP A 1 38  ? -4.486  -5.948  1.621   1.00 41.00 ? 85  TRP A CZ2 1 
ATOM   231 C CZ3 . TRP A 1 38  ? -3.586  -3.718  1.261   1.00 39.24 ? 85  TRP A CZ3 1 
ATOM   232 C CH2 . TRP A 1 38  ? -4.595  -4.586  1.739   1.00 40.00 ? 85  TRP A CH2 1 
ATOM   233 N N   . LYS A 1 39  ? 1.616   -5.274  -3.702  1.00 38.33 ? 86  LYS A N   1 
ATOM   234 C CA  . LYS A 1 39  ? 2.941   -4.871  -4.161  1.00 37.40 ? 86  LYS A CA  1 
ATOM   235 C C   . LYS A 1 39  ? 2.907   -4.338  -5.592  1.00 36.91 ? 86  LYS A C   1 
ATOM   236 O O   . LYS A 1 39  ? 2.280   -4.919  -6.463  1.00 36.11 ? 86  LYS A O   1 
ATOM   237 C CB  . LYS A 1 39  ? 3.947   -6.016  -4.034  1.00 37.12 ? 86  LYS A CB  1 
ATOM   238 C CG  . LYS A 1 39  ? 5.332   -5.621  -4.459  1.00 37.41 ? 86  LYS A CG  1 
ATOM   239 C CD  . LYS A 1 39  ? 6.324   -6.744  -4.317  1.00 39.14 ? 86  LYS A CD  1 
ATOM   240 C CE  . LYS A 1 39  ? 7.674   -6.261  -4.817  1.00 38.21 ? 86  LYS A CE  1 
ATOM   241 N NZ  . LYS A 1 39  ? 8.779   -7.125  -4.382  1.00 40.34 ? 86  LYS A NZ  1 
ATOM   242 N N   . LEU A 1 40  ? 3.609   -3.234  -5.807  1.00 36.57 ? 87  LEU A N   1 
ATOM   243 C CA  . LEU A 1 40  ? 3.561   -2.490  -7.058  1.00 36.50 ? 87  LEU A CA  1 
ATOM   244 C C   . LEU A 1 40  ? 4.978   -2.117  -7.451  1.00 36.28 ? 87  LEU A C   1 
ATOM   245 O O   . LEU A 1 40  ? 5.851   -1.974  -6.586  1.00 35.91 ? 87  LEU A O   1 
ATOM   246 C CB  . LEU A 1 40  ? 2.741   -1.218  -6.837  1.00 36.33 ? 87  LEU A CB  1 
ATOM   247 C CG  . LEU A 1 40  ? 2.117   -0.405  -7.955  1.00 37.27 ? 87  LEU A CG  1 
ATOM   248 C CD1 . LEU A 1 40  ? 0.921   -1.143  -8.552  1.00 38.44 ? 87  LEU A CD1 1 
ATOM   249 C CD2 . LEU A 1 40  ? 1.673   0.941   -7.400  1.00 37.00 ? 87  LEU A CD2 1 
ATOM   250 N N   . GLU A 1 41  ? 5.201   -1.958  -8.754  1.00 36.27 ? 88  GLU A N   1 
ATOM   251 C CA  . GLU A 1 41  ? 6.464   -1.441  -9.255  1.00 36.41 ? 88  GLU A CA  1 
ATOM   252 C C   . GLU A 1 41  ? 6.212   -0.090  -9.932  1.00 36.35 ? 88  GLU A C   1 
ATOM   253 O O   . GLU A 1 41  ? 5.179   0.106   -10.602 1.00 36.07 ? 88  GLU A O   1 
ATOM   254 C CB  . GLU A 1 41  ? 7.103   -2.454  -10.228 1.00 36.40 ? 88  GLU A CB  1 
ATOM   255 C CG  . GLU A 1 41  ? 8.331   -1.944  -10.971 1.00 37.19 ? 88  GLU A CG  1 
ATOM   256 C CD  . GLU A 1 41  ? 8.750   -2.809  -12.156 1.00 37.78 ? 88  GLU A CD  1 
ATOM   257 O OE1 . GLU A 1 41  ? 7.919   -3.552  -12.746 1.00 38.60 ? 88  GLU A OE1 1 
ATOM   258 O OE2 . GLU A 1 41  ? 9.938   -2.721  -12.501 1.00 38.62 ? 88  GLU A OE2 1 
ATOM   259 N N   . ILE A 1 42  ? 7.162   0.827   -9.762  1.00 36.17 ? 89  ILE A N   1 
ATOM   260 C CA  . ILE A 1 42  ? 7.099   2.150   -10.367 1.00 36.50 ? 89  ILE A CA  1 
ATOM   261 C C   . ILE A 1 42  ? 7.752   2.090   -11.762 1.00 37.20 ? 89  ILE A C   1 
ATOM   262 O O   . ILE A 1 42  ? 8.864   1.574   -11.925 1.00 36.74 ? 89  ILE A O   1 
ATOM   263 C CB  . ILE A 1 42  ? 7.779   3.227   -9.447  1.00 36.17 ? 89  ILE A CB  1 
ATOM   264 C CG1 . ILE A 1 42  ? 7.163   3.221   -8.033  1.00 36.90 ? 89  ILE A CG1 1 
ATOM   265 C CG2 . ILE A 1 42  ? 7.668   4.612   -10.042 1.00 35.01 ? 89  ILE A CG2 1 
ATOM   266 C CD1 . ILE A 1 42  ? 5.622   3.507   -7.983  1.00 36.97 ? 89  ILE A CD1 1 
ATOM   267 N N   . LEU A 1 43  ? 7.045   2.595   -12.769 1.00 38.15 ? 90  LEU A N   1 
ATOM   268 C CA  . LEU A 1 43  ? 7.515   2.497   -14.151 1.00 39.00 ? 90  LEU A CA  1 
ATOM   269 C C   . LEU A 1 43  ? 7.932   3.843   -14.703 1.00 39.92 ? 90  LEU A C   1 
ATOM   270 O O   . LEU A 1 43  ? 8.633   3.896   -15.703 1.00 40.71 ? 90  LEU A O   1 
ATOM   271 C CB  . LEU A 1 43  ? 6.471   1.821   -15.053 1.00 38.78 ? 90  LEU A CB  1 
ATOM   272 C CG  . LEU A 1 43  ? 6.206   0.329   -14.795 1.00 38.17 ? 90  LEU A CG  1 
ATOM   273 C CD1 . LEU A 1 43  ? 5.200   -0.193  -15.790 1.00 38.96 ? 90  LEU A CD1 1 
ATOM   274 C CD2 . LEU A 1 43  ? 7.491   -0.533  -14.821 1.00 37.02 ? 90  LEU A CD2 1 
ATOM   275 N N   . GLN A 1 44  ? 7.525   4.924   -14.032 1.00 40.84 ? 91  GLN A N   1 
ATOM   276 C CA  . GLN A 1 44  ? 7.965   6.285   -14.377 1.00 42.10 ? 91  GLN A CA  1 
ATOM   277 C C   . GLN A 1 44  ? 8.486   7.068   -13.176 1.00 41.72 ? 91  GLN A C   1 
ATOM   278 O O   . GLN A 1 44  ? 7.904   7.021   -12.094 1.00 41.39 ? 91  GLN A O   1 
ATOM   279 C CB  . GLN A 1 44  ? 6.825   7.089   -15.013 1.00 41.93 ? 91  GLN A CB  1 
ATOM   280 C CG  . GLN A 1 44  ? 6.409   6.591   -16.401 1.00 43.76 ? 91  GLN A CG  1 
ATOM   281 C CD  . GLN A 1 44  ? 5.096   7.212   -16.897 1.00 44.38 ? 91  GLN A CD  1 
ATOM   282 O OE1 . GLN A 1 44  ? 4.495   8.112   -16.243 1.00 43.16 ? 91  GLN A OE1 1 
ATOM   283 N NE2 . GLN A 1 44  ? 4.638   6.728   -18.064 1.00 42.83 ? 91  GLN A NE2 1 
ATOM   284 N N   . ASN A 1 45  ? 9.578   7.801   -13.385 1.00 41.74 ? 92  ASN A N   1 
ATOM   285 C CA  . ASN A 1 45  ? 10.035  8.776   -12.400 1.00 42.00 ? 92  ASN A CA  1 
ATOM   286 C C   . ASN A 1 45  ? 8.954   9.853   -12.165 1.00 41.19 ? 92  ASN A C   1 
ATOM   287 O O   . ASN A 1 45  ? 8.256   10.267  -13.099 1.00 40.77 ? 92  ASN A O   1 
ATOM   288 C CB  . ASN A 1 45  ? 11.359  9.420   -12.826 1.00 42.03 ? 92  ASN A CB  1 
ATOM   289 C CG  . ASN A 1 45  ? 12.502  8.431   -12.869 1.00 43.86 ? 92  ASN A CG  1 
ATOM   290 O OD1 . ASN A 1 45  ? 12.607  7.548   -12.029 1.00 47.56 ? 92  ASN A OD1 1 
ATOM   291 N ND2 . ASN A 1 45  ? 13.366  8.572   -13.852 1.00 46.04 ? 92  ASN A ND2 1 
ATOM   292 N N   . GLY A 1 46  ? 8.794   10.266  -10.913 1.00 40.06 ? 93  GLY A N   1 
ATOM   293 C CA  . GLY A 1 46  ? 7.845   11.315  -10.615 1.00 38.55 ? 93  GLY A CA  1 
ATOM   294 C C   . GLY A 1 46  ? 7.491   11.471  -9.162  1.00 37.48 ? 93  GLY A C   1 
ATOM   295 O O   . GLY A 1 46  ? 8.027   10.794  -8.300  1.00 37.88 ? 93  GLY A O   1 
ATOM   296 N N   . LEU A 1 47  ? 6.574   12.396  -8.913  1.00 36.58 ? 94  LEU A N   1 
ATOM   297 C CA  . LEU A 1 47  ? 6.131   12.732  -7.579  1.00 35.23 ? 94  LEU A CA  1 
ATOM   298 C C   . LEU A 1 47  ? 4.784   12.055  -7.336  1.00 34.28 ? 94  LEU A C   1 
ATOM   299 O O   . LEU A 1 47  ? 3.809   12.344  -8.006  1.00 33.05 ? 94  LEU A O   1 
ATOM   300 C CB  . LEU A 1 47  ? 6.030   14.262  -7.403  1.00 35.29 ? 94  LEU A CB  1 
ATOM   301 C CG  . LEU A 1 47  ? 5.582   14.765  -6.027  1.00 35.36 ? 94  LEU A CG  1 
ATOM   302 C CD1 . LEU A 1 47  ? 6.621   14.415  -4.977  1.00 35.78 ? 94  LEU A CD1 1 
ATOM   303 C CD2 . LEU A 1 47  ? 5.257   16.272  -6.009  1.00 34.20 ? 94  LEU A CD2 1 
ATOM   304 N N   . TYR A 1 48  ? 4.764   11.157  -6.359  1.00 33.56 ? 95  TYR A N   1 
ATOM   305 C CA  . TYR A 1 48  ? 3.599   10.375  -6.068  1.00 33.32 ? 95  TYR A CA  1 
ATOM   306 C C   . TYR A 1 48  ? 3.095   10.657  -4.682  1.00 33.64 ? 95  TYR A C   1 
ATOM   307 O O   . TYR A 1 48  ? 3.849   11.044  -3.757  1.00 33.52 ? 95  TYR A O   1 
ATOM   308 C CB  . TYR A 1 48  ? 3.903   8.873   -6.181  1.00 33.52 ? 95  TYR A CB  1 
ATOM   309 C CG  . TYR A 1 48  ? 4.288   8.424   -7.571  1.00 32.37 ? 95  TYR A CG  1 
ATOM   310 C CD1 . TYR A 1 48  ? 5.574   8.630   -8.055  1.00 32.41 ? 95  TYR A CD1 1 
ATOM   311 C CD2 . TYR A 1 48  ? 3.377   7.774   -8.386  1.00 32.30 ? 95  TYR A CD2 1 
ATOM   312 C CE1 . TYR A 1 48  ? 5.940   8.213   -9.323  1.00 32.22 ? 95  TYR A CE1 1 
ATOM   313 C CE2 . TYR A 1 48  ? 3.731   7.340   -9.670  1.00 33.29 ? 95  TYR A CE2 1 
ATOM   314 C CZ  . TYR A 1 48  ? 5.016   7.569   -10.125 1.00 33.56 ? 95  TYR A CZ  1 
ATOM   315 O OH  . TYR A 1 48  ? 5.389   7.166   -11.384 1.00 33.89 ? 95  TYR A OH  1 
ATOM   316 N N   . LEU A 1 49  ? 1.807   10.430  -4.539  1.00 33.08 ? 96  LEU A N   1 
ATOM   317 C CA  . LEU A 1 49  ? 1.201   10.424  -3.247  1.00 33.12 ? 96  LEU A CA  1 
ATOM   318 C C   . LEU A 1 49  ? 0.708   9.005   -2.977  1.00 32.38 ? 96  LEU A C   1 
ATOM   319 O O   . LEU A 1 49  ? -0.099  8.474   -3.737  1.00 31.46 ? 96  LEU A O   1 
ATOM   320 C CB  . LEU A 1 49  ? 0.041   11.407  -3.287  1.00 34.25 ? 96  LEU A CB  1 
ATOM   321 C CG  . LEU A 1 49  ? -0.596  12.032  -2.077  1.00 34.99 ? 96  LEU A CG  1 
ATOM   322 C CD1 . LEU A 1 49  ? 0.450   12.842  -1.358  1.00 38.93 ? 96  LEU A CD1 1 
ATOM   323 C CD2 . LEU A 1 49  ? -1.636  12.948  -2.674  1.00 36.13 ? 96  LEU A CD2 1 
ATOM   324 N N   . ILE A 1 50  ? 1.236   8.389   -1.920  1.00 31.94 ? 97  ILE A N   1 
ATOM   325 C CA  . ILE A 1 50  ? 0.750   7.097   -1.450  1.00 31.69 ? 97  ILE A CA  1 
ATOM   326 C C   . ILE A 1 50  ? -0.263  7.350   -0.363  1.00 31.75 ? 97  ILE A C   1 
ATOM   327 O O   . ILE A 1 50  ? -0.059  8.230   0.488   1.00 32.44 ? 97  ILE A O   1 
ATOM   328 C CB  . ILE A 1 50  ? 1.913   6.207   -0.907  1.00 31.82 ? 97  ILE A CB  1 
ATOM   329 C CG1 . ILE A 1 50  ? 2.936   5.913   -2.013  1.00 30.13 ? 97  ILE A CG1 1 
ATOM   330 C CG2 . ILE A 1 50  ? 1.362   4.933   -0.265  1.00 31.14 ? 97  ILE A CG2 1 
ATOM   331 C CD1 . ILE A 1 50  ? 4.190   5.155   -1.539  1.00 31.50 ? 97  ILE A CD1 1 
ATOM   332 N N   . TYR A 1 51  ? -1.363  6.603   -0.381  1.00 31.59 ? 98  TYR A N   1 
ATOM   333 C CA  . TYR A 1 51  ? -2.442  6.800   0.600   1.00 31.89 ? 98  TYR A CA  1 
ATOM   334 C C   . TYR A 1 51  ? -3.008  5.440   1.001   1.00 33.17 ? 98  TYR A C   1 
ATOM   335 O O   . TYR A 1 51  ? -2.628  4.410   0.431   1.00 33.14 ? 98  TYR A O   1 
ATOM   336 C CB  . TYR A 1 51  ? -3.557  7.722   0.033   1.00 31.59 ? 98  TYR A CB  1 
ATOM   337 C CG  . TYR A 1 51  ? -4.349  7.080   -1.062  1.00 30.70 ? 98  TYR A CG  1 
ATOM   338 C CD1 . TYR A 1 51  ? -5.504  6.357   -0.778  1.00 32.08 ? 98  TYR A CD1 1 
ATOM   339 C CD2 . TYR A 1 51  ? -3.925  7.155   -2.390  1.00 29.25 ? 98  TYR A CD2 1 
ATOM   340 C CE1 . TYR A 1 51  ? -6.234  5.730   -1.796  1.00 32.16 ? 98  TYR A CE1 1 
ATOM   341 C CE2 . TYR A 1 51  ? -4.647  6.537   -3.413  1.00 29.18 ? 98  TYR A CE2 1 
ATOM   342 C CZ  . TYR A 1 51  ? -5.787  5.822   -3.102  1.00 30.97 ? 98  TYR A CZ  1 
ATOM   343 O OH  . TYR A 1 51  ? -6.492  5.202   -4.098  1.00 32.96 ? 98  TYR A OH  1 
ATOM   344 N N   . GLY A 1 52  ? -3.920  5.436   1.966   1.00 33.82 ? 99  GLY A N   1 
ATOM   345 C CA  . GLY A 1 52  ? -4.640  4.230   2.326   1.00 35.06 ? 99  GLY A CA  1 
ATOM   346 C C   . GLY A 1 52  ? -4.793  4.126   3.821   1.00 36.43 ? 99  GLY A C   1 
ATOM   347 O O   . GLY A 1 52  ? -4.439  5.049   4.555   1.00 35.93 ? 99  GLY A O   1 
ATOM   348 N N   . GLN A 1 53  ? -5.332  2.998   4.274   1.00 37.95 ? 100 GLN A N   1 
ATOM   349 C CA  . GLN A 1 53  ? -5.524  2.773   5.706   1.00 39.90 ? 100 GLN A CA  1 
ATOM   350 C C   . GLN A 1 53  ? -5.409  1.312   6.150   1.00 40.69 ? 100 GLN A C   1 
ATOM   351 O O   . GLN A 1 53  ? -5.784  0.385   5.433   1.00 41.08 ? 100 GLN A O   1 
ATOM   352 C CB  . GLN A 1 53  ? -6.858  3.368   6.169   1.00 39.45 ? 100 GLN A CB  1 
ATOM   353 C CG  . GLN A 1 53  ? -8.050  2.644   5.648   1.00 40.01 ? 100 GLN A CG  1 
ATOM   354 C CD  . GLN A 1 53  ? -9.363  3.244   6.130   1.00 42.36 ? 100 GLN A CD  1 
ATOM   355 O OE1 . GLN A 1 53  ? -9.431  4.428   6.497   1.00 42.61 ? 100 GLN A OE1 1 
ATOM   356 N NE2 . GLN A 1 53  ? -10.418 2.436   6.106   1.00 41.24 ? 100 GLN A NE2 1 
ATOM   357 N N   . VAL A 1 54  ? -4.890  1.124   7.351   1.00 42.58 ? 101 VAL A N   1 
ATOM   358 C CA  . VAL A 1 54  ? -4.915  -0.183  8.003   1.00 44.29 ? 101 VAL A CA  1 
ATOM   359 C C   . VAL A 1 54  ? -6.009  -0.184  9.074   1.00 45.24 ? 101 VAL A C   1 
ATOM   360 O O   . VAL A 1 54  ? -5.936  0.591   10.023  1.00 45.52 ? 101 VAL A O   1 
ATOM   361 C CB  . VAL A 1 54  ? -3.543  -0.492  8.652   1.00 44.40 ? 101 VAL A CB  1 
ATOM   362 C CG1 . VAL A 1 54  ? -3.626  -1.693  9.601   1.00 44.26 ? 101 VAL A CG1 1 
ATOM   363 C CG2 . VAL A 1 54  ? -2.482  -0.714  7.583   1.00 44.69 ? 101 VAL A CG2 1 
ATOM   364 N N   . ALA A 1 55  ? -7.028  -1.021  8.898   1.00 46.80 ? 102 ALA A N   1 
ATOM   365 C CA  . ALA A 1 55  ? -8.035  -1.255  9.952   1.00 48.82 ? 102 ALA A CA  1 
ATOM   366 C C   . ALA A 1 55  ? -7.663  -2.512  10.758  1.00 50.23 ? 102 ALA A C   1 
ATOM   367 O O   . ALA A 1 55  ? -7.802  -3.640  10.265  1.00 50.01 ? 102 ALA A O   1 
ATOM   368 C CB  . ALA A 1 55  ? -9.444  -1.381  9.358   1.00 48.40 ? 102 ALA A CB  1 
ATOM   369 N N   . PRO A 1 56  ? -7.172  -2.322  11.997  1.00 52.25 ? 103 PRO A N   1 
ATOM   370 C CA  . PRO A 1 56  ? -6.669  -3.454  12.766  1.00 54.04 ? 103 PRO A CA  1 
ATOM   371 C C   . PRO A 1 56  ? -7.805  -4.300  13.288  1.00 55.86 ? 103 PRO A C   1 
ATOM   372 O O   . PRO A 1 56  ? -8.772  -3.749  13.831  1.00 56.11 ? 103 PRO A O   1 
ATOM   373 C CB  . PRO A 1 56  ? -5.946  -2.802  13.956  1.00 53.71 ? 103 PRO A CB  1 
ATOM   374 C CG  . PRO A 1 56  ? -5.940  -1.352  13.706  1.00 53.51 ? 103 PRO A CG  1 
ATOM   375 C CD  . PRO A 1 56  ? -7.077  -1.068  12.760  1.00 52.49 ? 103 PRO A CD  1 
ATOM   376 N N   . ASN A 1 57  ? -7.687  -5.618  13.113  1.00 57.77 ? 104 ASN A N   1 
ATOM   377 C CA  . ASN A 1 57  ? -8.624  -6.556  13.702  1.00 59.89 ? 104 ASN A CA  1 
ATOM   378 C C   . ASN A 1 57  ? -8.599  -6.458  15.230  1.00 61.42 ? 104 ASN A C   1 
ATOM   379 O O   . ASN A 1 57  ? -7.569  -6.697  15.876  1.00 62.08 ? 104 ASN A O   1 
ATOM   380 C CB  . ASN A 1 57  ? -8.358  -7.987  13.235  1.00 59.70 ? 104 ASN A CB  1 
ATOM   381 C CG  . ASN A 1 57  ? -9.414  -8.975  13.743  1.00 61.08 ? 104 ASN A CG  1 
ATOM   382 O OD1 . ASN A 1 57  ? -10.213 -8.653  14.641  1.00 61.62 ? 104 ASN A OD1 1 
ATOM   383 N ND2 . ASN A 1 57  ? -9.435  -10.177 13.158  1.00 59.52 ? 104 ASN A ND2 1 
ATOM   384 N N   . ALA A 1 58  ? -9.748  -6.092  15.794  1.00 63.34 ? 105 ALA A N   1 
ATOM   385 C CA  . ALA A 1 58  ? -9.866  -5.830  17.226  1.00 64.63 ? 105 ALA A CA  1 
ATOM   386 C C   . ALA A 1 58  ? -9.679  -7.102  18.051  1.00 65.58 ? 105 ALA A C   1 
ATOM   387 O O   . ALA A 1 58  ? -8.980  -7.080  19.069  1.00 66.06 ? 105 ALA A O   1 
ATOM   388 C CB  . ALA A 1 58  ? -11.200 -5.166  17.539  1.00 64.72 ? 105 ALA A CB  1 
ATOM   389 N N   . ASN A 1 59  ? -10.279 -8.210  17.608  1.00 66.47 ? 106 ASN A N   1 
ATOM   390 C CA  . ASN A 1 59  ? -10.141 -9.482  18.331  1.00 67.26 ? 106 ASN A CA  1 
ATOM   391 C C   . ASN A 1 59  ? -8.940  -10.350 17.884  1.00 67.43 ? 106 ASN A C   1 
ATOM   392 O O   . ASN A 1 59  ? -9.010  -11.591 17.855  1.00 67.53 ? 106 ASN A O   1 
ATOM   393 C CB  . ASN A 1 59  ? -11.475 -10.267 18.367  1.00 67.73 ? 106 ASN A CB  1 
ATOM   394 C CG  . ASN A 1 59  ? -11.940 -10.758 16.988  1.00 68.94 ? 106 ASN A CG  1 
ATOM   395 O OD1 . ASN A 1 59  ? -13.127 -11.054 16.798  1.00 70.28 ? 106 ASN A OD1 1 
ATOM   396 N ND2 . ASN A 1 59  ? -11.014 -10.872 16.041  1.00 69.70 ? 106 ASN A ND2 1 
ATOM   397 N N   . TYR A 1 60  ? -7.838  -9.686  17.534  1.00 67.20 ? 107 TYR A N   1 
ATOM   398 C CA  . TYR A 1 60  ? -6.645  -10.403 17.127  1.00 67.01 ? 107 TYR A CA  1 
ATOM   399 C C   . TYR A 1 60  ? -5.932  -10.964 18.356  1.00 67.29 ? 107 TYR A C   1 
ATOM   400 O O   . TYR A 1 60  ? -5.402  -10.219 19.194  1.00 67.07 ? 107 TYR A O   1 
ATOM   401 C CB  . TYR A 1 60  ? -5.698  -9.539  16.268  1.00 66.56 ? 107 TYR A CB  1 
ATOM   402 C CG  . TYR A 1 60  ? -4.329  -10.173 16.088  1.00 65.04 ? 107 TYR A CG  1 
ATOM   403 C CD1 . TYR A 1 60  ? -3.224  -9.699  16.798  1.00 64.29 ? 107 TYR A CD1 1 
ATOM   404 C CD2 . TYR A 1 60  ? -4.154  -11.269 15.247  1.00 64.11 ? 107 TYR A CD2 1 
ATOM   405 C CE1 . TYR A 1 60  ? -1.971  -10.291 16.657  1.00 64.01 ? 107 TYR A CE1 1 
ATOM   406 C CE2 . TYR A 1 60  ? -2.906  -11.865 15.100  1.00 64.32 ? 107 TYR A CE2 1 
ATOM   407 C CZ  . TYR A 1 60  ? -1.822  -11.366 15.808  1.00 64.14 ? 107 TYR A CZ  1 
ATOM   408 O OH  . TYR A 1 60  ? -0.586  -11.951 15.668  1.00 64.57 ? 107 TYR A OH  1 
ATOM   409 N N   . ASN A 1 61  ? -5.931  -12.286 18.448  1.00 67.58 ? 108 ASN A N   1 
ATOM   410 C CA  . ASN A 1 61  ? -5.254  -12.964 19.536  1.00 68.25 ? 108 ASN A CA  1 
ATOM   411 C C   . ASN A 1 61  ? -4.455  -14.167 19.022  1.00 67.83 ? 108 ASN A C   1 
ATOM   412 O O   . ASN A 1 61  ? -4.817  -15.325 19.247  1.00 68.32 ? 108 ASN A O   1 
ATOM   413 C CB  . ASN A 1 61  ? -6.249  -13.356 20.642  1.00 68.60 ? 108 ASN A CB  1 
ATOM   414 C CG  . ASN A 1 61  ? -5.602  -14.186 21.739  1.00 70.67 ? 108 ASN A CG  1 
ATOM   415 O OD1 . ASN A 1 61  ? -4.730  -13.703 22.478  1.00 72.25 ? 108 ASN A OD1 1 
ATOM   416 N ND2 . ASN A 1 61  ? -6.012  -15.453 21.840  1.00 71.35 ? 108 ASN A ND2 1 
ATOM   417 N N   . ASP A 1 62  ? -3.390  -13.867 18.285  1.00 66.96 ? 109 ASP A N   1 
ATOM   418 C CA  . ASP A 1 62  ? -2.368  -14.848 17.968  1.00 65.76 ? 109 ASP A CA  1 
ATOM   419 C C   . ASP A 1 62  ? -1.050  -14.329 18.521  1.00 64.50 ? 109 ASP A C   1 
ATOM   420 O O   . ASP A 1 62  ? -0.983  -13.204 19.048  1.00 64.05 ? 109 ASP A O   1 
ATOM   421 C CB  . ASP A 1 62  ? -2.290  -15.116 16.466  1.00 66.20 ? 109 ASP A CB  1 
ATOM   422 C CG  . ASP A 1 62  ? -3.618  -15.553 15.882  1.00 68.19 ? 109 ASP A CG  1 
ATOM   423 O OD1 . ASP A 1 62  ? -4.405  -16.218 16.603  1.00 70.51 ? 109 ASP A OD1 1 
ATOM   424 O OD2 . ASP A 1 62  ? -3.878  -15.238 14.694  1.00 70.53 ? 109 ASP A OD2 1 
ATOM   425 N N   . VAL A 1 63  ? -0.008  -15.153 18.413  1.00 63.04 ? 110 VAL A N   1 
ATOM   426 C CA  . VAL A 1 63  ? 1.254   -14.882 19.119  1.00 61.41 ? 110 VAL A CA  1 
ATOM   427 C C   . VAL A 1 63  ? 2.098   -13.796 18.440  1.00 59.53 ? 110 VAL A C   1 
ATOM   428 O O   . VAL A 1 63  ? 2.842   -13.076 19.121  1.00 59.58 ? 110 VAL A O   1 
ATOM   429 C CB  . VAL A 1 63  ? 2.095   -16.171 19.336  1.00 61.62 ? 110 VAL A CB  1 
ATOM   430 C CG1 . VAL A 1 63  ? 2.919   -16.060 20.606  1.00 61.81 ? 110 VAL A CG1 1 
ATOM   431 C CG2 . VAL A 1 63  ? 1.192   -17.401 19.396  1.00 62.63 ? 110 VAL A CG2 1 
ATOM   432 N N   . ALA A 1 64  ? 1.988   -13.684 17.114  1.00 57.32 ? 111 ALA A N   1 
ATOM   433 C CA  . ALA A 1 64  ? 2.708   -12.642 16.365  1.00 55.31 ? 111 ALA A CA  1 
ATOM   434 C C   . ALA A 1 64  ? 2.350   -11.256 16.921  1.00 53.77 ? 111 ALA A C   1 
ATOM   435 O O   . ALA A 1 64  ? 1.170   -10.925 17.035  1.00 53.65 ? 111 ALA A O   1 
ATOM   436 C CB  . ALA A 1 64  ? 2.398   -12.726 14.864  1.00 55.10 ? 111 ALA A CB  1 
ATOM   437 N N   . PRO A 1 65  ? 3.365   -10.454 17.303  1.00 52.03 ? 112 PRO A N   1 
ATOM   438 C CA  . PRO A 1 65  ? 3.096   -9.065  17.664  1.00 50.94 ? 112 PRO A CA  1 
ATOM   439 C C   . PRO A 1 65  ? 2.448   -8.277  16.513  1.00 49.90 ? 112 PRO A C   1 
ATOM   440 O O   . PRO A 1 65  ? 2.594   -8.647  15.329  1.00 48.92 ? 112 PRO A O   1 
ATOM   441 C CB  . PRO A 1 65  ? 4.485   -8.496  17.985  1.00 50.95 ? 112 PRO A CB  1 
ATOM   442 C CG  . PRO A 1 65  ? 5.453   -9.445  17.396  1.00 51.32 ? 112 PRO A CG  1 
ATOM   443 C CD  . PRO A 1 65  ? 4.793   -10.785 17.418  1.00 52.03 ? 112 PRO A CD  1 
ATOM   444 N N   . PHE A 1 66  ? 1.723   -7.213  16.873  1.00 48.72 ? 113 PHE A N   1 
ATOM   445 C CA  . PHE A 1 66  ? 1.049   -6.371  15.890  1.00 47.40 ? 113 PHE A CA  1 
ATOM   446 C C   . PHE A 1 66  ? 2.048   -5.427  15.220  1.00 46.36 ? 113 PHE A C   1 
ATOM   447 O O   . PHE A 1 66  ? 2.758   -4.685  15.897  1.00 46.15 ? 113 PHE A O   1 
ATOM   448 C CB  . PHE A 1 66  ? -0.124  -5.587  16.503  1.00 47.26 ? 113 PHE A CB  1 
ATOM   449 C CG  . PHE A 1 66  ? -0.975  -4.877  15.469  1.00 48.06 ? 113 PHE A CG  1 
ATOM   450 C CD1 . PHE A 1 66  ? -2.093  -5.502  14.916  1.00 47.93 ? 113 PHE A CD1 1 
ATOM   451 C CD2 . PHE A 1 66  ? -0.627  -3.604  15.011  1.00 47.72 ? 113 PHE A CD2 1 
ATOM   452 C CE1 . PHE A 1 66  ? -2.863  -4.863  13.947  1.00 48.75 ? 113 PHE A CE1 1 
ATOM   453 C CE2 . PHE A 1 66  ? -1.396  -2.954  14.036  1.00 47.78 ? 113 PHE A CE2 1 
ATOM   454 C CZ  . PHE A 1 66  ? -2.512  -3.578  13.505  1.00 47.91 ? 113 PHE A CZ  1 
ATOM   455 N N   . GLU A 1 67  ? 2.111   -5.499  13.889  1.00 45.12 ? 114 GLU A N   1 
ATOM   456 C CA  . GLU A 1 67  ? 2.913   -4.589  13.065  1.00 43.98 ? 114 GLU A CA  1 
ATOM   457 C C   . GLU A 1 67  ? 2.520   -4.734  11.603  1.00 42.76 ? 114 GLU A C   1 
ATOM   458 O O   . GLU A 1 67  ? 2.286   -5.838  11.100  1.00 42.57 ? 114 GLU A O   1 
ATOM   459 C CB  . GLU A 1 67  ? 4.437   -4.769  13.242  1.00 43.98 ? 114 GLU A CB  1 
ATOM   460 C CG  . GLU A 1 67  ? 5.249   -3.618  12.631  1.00 44.50 ? 114 GLU A CG  1 
ATOM   461 C CD  . GLU A 1 67  ? 6.764   -3.795  12.673  1.00 45.39 ? 114 GLU A CD  1 
ATOM   462 O OE1 . GLU A 1 67  ? 7.324   -4.802  12.176  1.00 46.45 ? 114 GLU A OE1 1 
ATOM   463 O OE2 . GLU A 1 67  ? 7.426   -2.875  13.172  1.00 50.73 ? 114 GLU A OE2 1 
ATOM   464 N N   . VAL A 1 68  ? 2.382   -3.584  10.955  1.00 41.26 ? 115 VAL A N   1 
ATOM   465 C CA  . VAL A 1 68  ? 2.212   -3.499  9.519   1.00 39.79 ? 115 VAL A CA  1 
ATOM   466 C C   . VAL A 1 68  ? 3.332   -2.602  9.003   1.00 38.83 ? 115 VAL A C   1 
ATOM   467 O O   . VAL A 1 68  ? 3.652   -1.570  9.624   1.00 37.99 ? 115 VAL A O   1 
ATOM   468 C CB  . VAL A 1 68  ? 0.823   -2.983  9.130   1.00 39.79 ? 115 VAL A CB  1 
ATOM   469 C CG1 . VAL A 1 68  ? 0.733   -2.777  7.625   1.00 39.37 ? 115 VAL A CG1 1 
ATOM   470 C CG2 . VAL A 1 68  ? -0.253  -3.980  9.591   1.00 39.53 ? 115 VAL A CG2 1 
ATOM   471 N N   . ARG A 1 69  ? 3.975   -3.036  7.918   1.00 37.39 ? 116 ARG A N   1 
ATOM   472 C CA  . ARG A 1 69  ? 5.132   -2.311  7.398   1.00 36.41 ? 116 ARG A CA  1 
ATOM   473 C C   . ARG A 1 69  ? 4.931   -1.978  5.936   1.00 36.04 ? 116 ARG A C   1 
ATOM   474 O O   . ARG A 1 69  ? 4.507   -2.837  5.150   1.00 36.09 ? 116 ARG A O   1 
ATOM   475 C CB  . ARG A 1 69  ? 6.438   -3.093  7.591   1.00 36.06 ? 116 ARG A CB  1 
ATOM   476 C CG  . ARG A 1 69  ? 6.904   -3.258  9.053   1.00 36.09 ? 116 ARG A CG  1 
ATOM   477 C CD  . ARG A 1 69  ? 8.242   -4.077  9.165   1.00 36.90 ? 116 ARG A CD  1 
ATOM   478 N NE  . ARG A 1 69  ? 8.169   -5.380  8.478   1.00 37.12 ? 116 ARG A NE  1 
ATOM   479 C CZ  . ARG A 1 69  ? 7.467   -6.425  8.898   1.00 40.01 ? 116 ARG A CZ  1 
ATOM   480 N NH1 . ARG A 1 69  ? 6.761   -6.355  10.029  1.00 42.02 ? 116 ARG A NH1 1 
ATOM   481 N NH2 . ARG A 1 69  ? 7.464   -7.552  8.190   1.00 40.69 ? 116 ARG A NH2 1 
ATOM   482 N N   . LEU A 1 70  ? 5.241   -0.722  5.595   1.00 35.29 ? 117 LEU A N   1 
ATOM   483 C CA  . LEU A 1 70  ? 5.257   -0.243  4.230   1.00 34.27 ? 117 LEU A CA  1 
ATOM   484 C C   . LEU A 1 70  ? 6.710   -0.207  3.778   1.00 33.93 ? 117 LEU A C   1 
ATOM   485 O O   . LEU A 1 70  ? 7.572   0.359   4.454   1.00 33.36 ? 117 LEU A O   1 
ATOM   486 C CB  . LEU A 1 70  ? 4.624   1.164   4.129   1.00 34.40 ? 117 LEU A CB  1 
ATOM   487 C CG  . LEU A 1 70  ? 4.408   1.814   2.747   1.00 34.93 ? 117 LEU A CG  1 
ATOM   488 C CD1 . LEU A 1 70  ? 3.439   1.021   1.851   1.00 34.48 ? 117 LEU A CD1 1 
ATOM   489 C CD2 . LEU A 1 70  ? 3.954   3.272   2.889   1.00 33.84 ? 117 LEU A CD2 1 
ATOM   490 N N   . TYR A 1 71  ? 6.954   -0.787  2.614   1.00 33.33 ? 118 TYR A N   1 
ATOM   491 C CA  . TYR A 1 71  ? 8.297   -0.878  2.078   1.00 33.85 ? 118 TYR A CA  1 
ATOM   492 C C   . TYR A 1 71  ? 8.479   -0.039  0.834   1.00 33.86 ? 118 TYR A C   1 
ATOM   493 O O   . TYR A 1 71  ? 7.608   -0.007  -0.009  1.00 33.55 ? 118 TYR A O   1 
ATOM   494 C CB  . TYR A 1 71  ? 8.655   -2.343  1.779   1.00 34.00 ? 118 TYR A CB  1 
ATOM   495 C CG  . TYR A 1 71  ? 9.053   -3.079  3.033   1.00 32.90 ? 118 TYR A CG  1 
ATOM   496 C CD1 . TYR A 1 71  ? 8.106   -3.737  3.801   1.00 30.91 ? 118 TYR A CD1 1 
ATOM   497 C CD2 . TYR A 1 71  ? 10.374  -3.071  3.459   1.00 33.15 ? 118 TYR A CD2 1 
ATOM   498 C CE1 . TYR A 1 71  ? 8.463   -4.410  4.953   1.00 33.01 ? 118 TYR A CE1 1 
ATOM   499 C CE2 . TYR A 1 71  ? 10.750  -3.715  4.620   1.00 34.32 ? 118 TYR A CE2 1 
ATOM   500 C CZ  . TYR A 1 71  ? 9.790   -4.389  5.356   1.00 34.05 ? 118 TYR A CZ  1 
ATOM   501 O OH  . TYR A 1 71  ? 10.164  -5.011  6.505   1.00 34.34 ? 118 TYR A OH  1 
ATOM   502 N N   . LYS A 1 72  ? 9.597   0.667   0.757   1.00 33.99 ? 119 LYS A N   1 
ATOM   503 C CA  . LYS A 1 72  ? 10.036  1.195   -0.515  1.00 35.66 ? 119 LYS A CA  1 
ATOM   504 C C   . LYS A 1 72  ? 11.289  0.392   -0.815  1.00 36.66 ? 119 LYS A C   1 
ATOM   505 O O   . LYS A 1 72  ? 12.295  0.504   -0.096  1.00 36.72 ? 119 LYS A O   1 
ATOM   506 C CB  . LYS A 1 72  ? 10.332  2.703   -0.473  1.00 34.89 ? 119 LYS A CB  1 
ATOM   507 C CG  . LYS A 1 72  ? 11.012  3.259   -1.746  1.00 35.26 ? 119 LYS A CG  1 
ATOM   508 C CD  . LYS A 1 72  ? 11.388  4.751   -1.584  1.00 35.51 ? 119 LYS A CD  1 
ATOM   509 C CE  . LYS A 1 72  ? 12.530  5.104   -2.504  1.00 38.31 ? 119 LYS A CE  1 
ATOM   510 N NZ  . LYS A 1 72  ? 12.927  6.540   -2.451  1.00 39.07 ? 119 LYS A NZ  1 
ATOM   511 N N   . ASN A 1 73  ? 11.215  -0.425  -1.865  1.00 37.72 ? 120 ASN A N   1 
ATOM   512 C CA  . ASN A 1 73  ? 12.289  -1.346  -2.168  1.00 39.13 ? 120 ASN A CA  1 
ATOM   513 C C   . ASN A 1 73  ? 12.499  -2.234  -0.945  1.00 39.69 ? 120 ASN A C   1 
ATOM   514 O O   . ASN A 1 73  ? 11.530  -2.833  -0.491  1.00 39.90 ? 120 ASN A O   1 
ATOM   515 C CB  . ASN A 1 73  ? 13.535  -0.583  -2.655  1.00 39.07 ? 120 ASN A CB  1 
ATOM   516 C CG  . ASN A 1 73  ? 13.337  -0.002  -4.046  1.00 38.63 ? 120 ASN A CG  1 
ATOM   517 O OD1 . ASN A 1 73  ? 12.653  -0.595  -4.860  1.00 37.97 ? 120 ASN A OD1 1 
ATOM   518 N ND2 . ASN A 1 73  ? 13.925  1.167   -4.319  1.00 39.50 ? 120 ASN A ND2 1 
ATOM   519 N N   . LYS A 1 74  ? 13.706  -2.291  -0.389  1.00 40.83 ? 121 LYS A N   1 
ATOM   520 C CA  . LYS A 1 74  ? 13.985  -3.167  0.784   1.00 42.73 ? 121 LYS A CA  1 
ATOM   521 C C   . LYS A 1 74  ? 13.804  -2.458  2.126   1.00 42.48 ? 121 LYS A C   1 
ATOM   522 O O   . LYS A 1 74  ? 13.835  -3.094  3.189   1.00 42.50 ? 121 LYS A O   1 
ATOM   523 C CB  . LYS A 1 74  ? 15.417  -3.764  0.716   1.00 43.12 ? 121 LYS A CB  1 
ATOM   524 C CG  . LYS A 1 74  ? 15.567  -4.897  -0.319  1.00 44.72 ? 121 LYS A CG  1 
ATOM   525 C CD  . LYS A 1 74  ? 17.030  -5.217  -0.727  1.00 45.40 ? 121 LYS A CD  1 
ATOM   526 C CE  . LYS A 1 74  ? 17.008  -6.313  -1.825  1.00 48.22 ? 121 LYS A CE  1 
ATOM   527 N NZ  . LYS A 1 74  ? 18.347  -6.824  -2.247  1.00 51.31 ? 121 LYS A NZ  1 
ATOM   528 N N   . ASP A 1 75  ? 13.632  -1.138  2.076   1.00 42.38 ? 122 ASP A N   1 
ATOM   529 C CA  . ASP A 1 75  ? 13.592  -0.333  3.292   1.00 42.26 ? 122 ASP A CA  1 
ATOM   530 C C   . ASP A 1 75  ? 12.166  -0.036  3.725   1.00 41.84 ? 122 ASP A C   1 
ATOM   531 O O   . ASP A 1 75  ? 11.326  0.409   2.926   1.00 41.61 ? 122 ASP A O   1 
ATOM   532 C CB  . ASP A 1 75  ? 14.389  0.976   3.120   1.00 42.21 ? 122 ASP A CB  1 
ATOM   533 C CG  . ASP A 1 75  ? 15.796  0.739   2.587   1.00 43.81 ? 122 ASP A CG  1 
ATOM   534 O OD1 . ASP A 1 75  ? 16.566  -0.029  3.207   1.00 44.75 ? 122 ASP A OD1 1 
ATOM   535 O OD2 . ASP A 1 75  ? 16.138  1.319   1.533   1.00 47.69 ? 122 ASP A OD2 1 
ATOM   536 N N   . MET A 1 76  ? 11.898  -0.289  5.000   1.00 41.55 ? 123 MET A N   1 
ATOM   537 C CA  . MET A 1 76  ? 10.656  0.174   5.598   1.00 41.40 ? 123 MET A CA  1 
ATOM   538 C C   . MET A 1 76  ? 10.601  1.696   5.533   1.00 40.41 ? 123 MET A C   1 
ATOM   539 O O   . MET A 1 76  ? 11.575  2.384   5.855   1.00 40.34 ? 123 MET A O   1 
ATOM   540 C CB  . MET A 1 76  ? 10.491  -0.340  7.035   1.00 41.92 ? 123 MET A CB  1 
ATOM   541 C CG  . MET A 1 76  ? 9.324   0.277   7.794   1.00 44.17 ? 123 MET A CG  1 
ATOM   542 S SD  . MET A 1 76  ? 9.907   1.321   9.146   1.00 53.69 ? 123 MET A SD  1 
ATOM   543 C CE  . MET A 1 76  ? 9.884   2.994   8.545   1.00 50.69 ? 123 MET A CE  1 
ATOM   544 N N   . ILE A 1 77  ? 9.462   2.208   5.080   1.00 39.17 ? 124 ILE A N   1 
ATOM   545 C CA  . ILE A 1 77  ? 9.221   3.648   5.068   1.00 37.82 ? 124 ILE A CA  1 
ATOM   546 C C   . ILE A 1 77  ? 8.109   4.033   6.055   1.00 37.98 ? 124 ILE A C   1 
ATOM   547 O O   . ILE A 1 77  ? 8.016   5.184   6.472   1.00 37.69 ? 124 ILE A O   1 
ATOM   548 C CB  . ILE A 1 77  ? 8.969   4.218   3.636   1.00 37.34 ? 124 ILE A CB  1 
ATOM   549 C CG1 . ILE A 1 77  ? 7.912   3.416   2.878   1.00 36.66 ? 124 ILE A CG1 1 
ATOM   550 C CG2 . ILE A 1 77  ? 10.262  4.274   2.881   1.00 35.99 ? 124 ILE A CG2 1 
ATOM   551 C CD1 . ILE A 1 77  ? 7.458   4.068   1.553   1.00 36.79 ? 124 ILE A CD1 1 
ATOM   552 N N   . GLN A 1 78  ? 7.309   3.051   6.462   1.00 38.11 ? 125 GLN A N   1 
ATOM   553 C CA  . GLN A 1 78  ? 6.323   3.254   7.498   1.00 38.90 ? 125 GLN A CA  1 
ATOM   554 C C   . GLN A 1 78  ? 6.067   1.990   8.284   1.00 39.95 ? 125 GLN A C   1 
ATOM   555 O O   . GLN A 1 78  ? 5.942   0.906   7.721   1.00 39.85 ? 125 GLN A O   1 
ATOM   556 C CB  . GLN A 1 78  ? 5.011   3.760   6.903   1.00 39.17 ? 125 GLN A CB  1 
ATOM   557 C CG  . GLN A 1 78  ? 4.088   4.445   7.898   1.00 38.20 ? 125 GLN A CG  1 
ATOM   558 C CD  . GLN A 1 78  ? 2.813   4.935   7.238   1.00 38.84 ? 125 GLN A CD  1 
ATOM   559 O OE1 . GLN A 1 78  ? 2.645   4.808   6.021   1.00 38.37 ? 125 GLN A OE1 1 
ATOM   560 N NE2 . GLN A 1 78  ? 1.901   5.488   8.038   1.00 35.97 ? 125 GLN A NE2 1 
ATOM   561 N N   . THR A 1 79  ? 5.999   2.150   9.597   1.00 42.00 ? 126 THR A N   1 
ATOM   562 C CA  . THR A 1 79  ? 5.605   1.085   10.525  1.00 44.05 ? 126 THR A CA  1 
ATOM   563 C C   . THR A 1 79  ? 4.349   1.501   11.272  1.00 44.85 ? 126 THR A C   1 
ATOM   564 O O   . THR A 1 79  ? 4.284   2.601   11.829  1.00 44.90 ? 126 THR A O   1 
ATOM   565 C CB  . THR A 1 79  ? 6.728   0.792   11.531  1.00 44.12 ? 126 THR A CB  1 
ATOM   566 O OG1 . THR A 1 79  ? 7.838   0.238   10.822  1.00 46.95 ? 126 THR A OG1 1 
ATOM   567 C CG2 . THR A 1 79  ? 6.283   -0.181  12.603  1.00 44.12 ? 126 THR A CG2 1 
ATOM   568 N N   . LEU A 1 80  ? 3.359   0.617   11.271  1.00 46.26 ? 127 LEU A N   1 
ATOM   569 C CA  . LEU A 1 80  ? 2.118   0.843   11.988  1.00 47.69 ? 127 LEU A CA  1 
ATOM   570 C C   . LEU A 1 80  ? 1.992   -0.182  13.123  1.00 48.92 ? 127 LEU A C   1 
ATOM   571 O O   . LEU A 1 80  ? 1.929   -1.388  12.882  1.00 48.88 ? 127 LEU A O   1 
ATOM   572 C CB  . LEU A 1 80  ? 0.921   0.768   11.023  1.00 47.36 ? 127 LEU A CB  1 
ATOM   573 C CG  . LEU A 1 80  ? 0.921   1.731   9.826   1.00 48.66 ? 127 LEU A CG  1 
ATOM   574 C CD1 . LEU A 1 80  ? -0.448  1.786   9.183   1.00 48.75 ? 127 LEU A CD1 1 
ATOM   575 C CD2 . LEU A 1 80  ? 1.344   3.137   10.245  1.00 50.15 ? 127 LEU A CD2 1 
ATOM   576 N N   . THR A 1 81  ? 1.918   0.321   14.353  1.00 50.51 ? 128 THR A N   1 
ATOM   577 C CA  . THR A 1 81  ? 2.079   -0.492  15.557  1.00 52.48 ? 128 THR A CA  1 
ATOM   578 C C   . THR A 1 81  ? 0.819   -0.541  16.451  1.00 53.65 ? 128 THR A C   1 
ATOM   579 O O   . THR A 1 81  ? 0.762   -1.303  17.420  1.00 53.95 ? 128 THR A O   1 
ATOM   580 C CB  . THR A 1 81  ? 3.336   -0.014  16.328  1.00 51.97 ? 128 THR A CB  1 
ATOM   581 O OG1 . THR A 1 81  ? 4.488   -0.699  15.818  1.00 52.93 ? 128 THR A OG1 1 
ATOM   582 C CG2 . THR A 1 81  ? 3.236   -0.302  17.787  1.00 54.38 ? 128 THR A CG2 1 
ATOM   583 N N   . ASN A 1 82  ? -0.189  0.244   16.080  1.00 55.39 ? 129 ASN A N   1 
ATOM   584 C CA  . ASN A 1 82  ? -1.394  0.485   16.877  1.00 57.10 ? 129 ASN A CA  1 
ATOM   585 C C   . ASN A 1 82  ? -2.520  -0.517  16.578  1.00 57.81 ? 129 ASN A C   1 
ATOM   586 O O   . ASN A 1 82  ? -3.097  -0.495  15.489  1.00 57.70 ? 129 ASN A O   1 
ATOM   587 C CB  . ASN A 1 82  ? -1.865  1.925   16.600  1.00 57.46 ? 129 ASN A CB  1 
ATOM   588 C CG  . ASN A 1 82  ? -2.698  2.516   17.732  1.00 59.25 ? 129 ASN A CG  1 
ATOM   589 O OD1 . ASN A 1 82  ? -3.738  1.975   18.120  1.00 60.74 ? 129 ASN A OD1 1 
ATOM   590 N ND2 . ASN A 1 82  ? -2.261  3.666   18.234  1.00 61.06 ? 129 ASN A ND2 1 
ATOM   591 N N   . LYS A 1 83  ? -2.845  -1.376  17.551  1.00 58.90 ? 130 LYS A N   1 
ATOM   592 C CA  . LYS A 1 83  ? -3.831  -2.471  17.345  1.00 60.02 ? 130 LYS A CA  1 
ATOM   593 C C   . LYS A 1 83  ? -5.306  -2.047  17.426  1.00 59.92 ? 130 LYS A C   1 
ATOM   594 O O   . LYS A 1 83  ? -6.205  -2.851  17.145  1.00 59.56 ? 130 LYS A O   1 
ATOM   595 C CB  . LYS A 1 83  ? -3.619  -3.621  18.340  1.00 60.05 ? 130 LYS A CB  1 
ATOM   596 C CG  . LYS A 1 83  ? -2.273  -3.664  19.047  1.00 61.38 ? 130 LYS A CG  1 
ATOM   597 C CD  . LYS A 1 83  ? -2.332  -4.649  20.225  1.00 61.36 ? 130 LYS A CD  1 
ATOM   598 C CE  . LYS A 1 83  ? -0.994  -4.755  20.947  1.00 63.09 ? 130 LYS A CE  1 
ATOM   599 N NZ  . LYS A 1 83  ? -1.045  -5.832  21.982  1.00 63.96 ? 130 LYS A NZ  1 
ATOM   600 N N   . SER A 1 84  ? -5.555  -0.803  17.834  1.00 60.15 ? 131 SER A N   1 
ATOM   601 C CA  . SER A 1 84  ? -6.928  -0.354  18.077  1.00 60.41 ? 131 SER A CA  1 
ATOM   602 C C   . SER A 1 84  ? -7.505  0.533   16.968  1.00 59.99 ? 131 SER A C   1 
ATOM   603 O O   . SER A 1 84  ? -8.540  0.194   16.380  1.00 60.93 ? 131 SER A O   1 
ATOM   604 C CB  . SER A 1 84  ? -7.048  0.322   19.455  1.00 60.84 ? 131 SER A CB  1 
ATOM   605 O OG  . SER A 1 84  ? -6.153  1.421   19.592  1.00 61.87 ? 131 SER A OG  1 
ATOM   606 N N   . LYS A 1 85  ? -6.827  1.644   16.669  1.00 58.64 ? 132 LYS A N   1 
ATOM   607 C CA  . LYS A 1 85  ? -7.327  2.638   15.716  1.00 57.03 ? 132 LYS A CA  1 
ATOM   608 C C   . LYS A 1 85  ? -6.980  2.371   14.245  1.00 55.46 ? 132 LYS A C   1 
ATOM   609 O O   . LYS A 1 85  ? -5.947  1.789   13.928  1.00 55.33 ? 132 LYS A O   1 
ATOM   610 C CB  . LYS A 1 85  ? -6.858  4.034   16.131  1.00 57.29 ? 132 LYS A CB  1 
ATOM   611 C CG  . LYS A 1 85  ? -7.772  4.660   17.188  1.00 59.78 ? 132 LYS A CG  1 
ATOM   612 C CD  . LYS A 1 85  ? -7.045  5.570   18.175  1.00 61.33 ? 132 LYS A CD  1 
ATOM   613 C CE  . LYS A 1 85  ? -7.999  5.976   19.295  1.00 62.25 ? 132 LYS A CE  1 
ATOM   614 N NZ  . LYS A 1 85  ? -7.315  6.721   20.392  1.00 63.49 ? 132 LYS A NZ  1 
ATOM   615 N N   . ILE A 1 86  ? -7.877  2.798   13.358  1.00 53.49 ? 133 ILE A N   1 
ATOM   616 C CA  . ILE A 1 86  ? -7.606  2.888   11.926  1.00 50.88 ? 133 ILE A CA  1 
ATOM   617 C C   . ILE A 1 86  ? -6.492  3.912   11.722  1.00 49.66 ? 133 ILE A C   1 
ATOM   618 O O   . ILE A 1 86  ? -6.569  5.031   12.243  1.00 49.79 ? 133 ILE A O   1 
ATOM   619 C CB  . ILE A 1 86  ? -8.877  3.286   11.130  1.00 51.28 ? 133 ILE A CB  1 
ATOM   620 C CG1 . ILE A 1 86  ? -10.003 2.257   11.381  1.00 50.79 ? 133 ILE A CG1 1 
ATOM   621 C CG2 . ILE A 1 86  ? -8.552  3.467   9.632   1.00 50.63 ? 133 ILE A CG2 1 
ATOM   622 C CD1 . ILE A 1 86  ? -11.189 2.338   10.453  1.00 50.10 ? 133 ILE A CD1 1 
ATOM   623 N N   A GLN A 1 87  ? -5.437  3.524   11.008  0.50 48.59 ? 134 GLN A N   1 
ATOM   624 N N   B GLN A 1 87  ? -5.465  3.508   10.971  0.50 48.33 ? 134 GLN A N   1 
ATOM   625 C CA  A GLN A 1 87  ? -4.317  4.436   10.775  0.50 47.57 ? 134 GLN A CA  1 
ATOM   626 C CA  B GLN A 1 87  ? -4.272  4.322   10.752  0.50 47.08 ? 134 GLN A CA  1 
ATOM   627 C C   A GLN A 1 87  ? -3.988  4.557   9.291   0.50 46.84 ? 134 GLN A C   1 
ATOM   628 C C   B GLN A 1 87  ? -4.055  4.553   9.253   0.50 46.57 ? 134 GLN A C   1 
ATOM   629 O O   A GLN A 1 87  ? -3.957  3.559   8.557   0.50 46.80 ? 134 GLN A O   1 
ATOM   630 O O   B GLN A 1 87  ? -4.164  3.611   8.459   0.50 46.63 ? 134 GLN A O   1 
ATOM   631 C CB  A GLN A 1 87  ? -3.084  4.027   11.604  0.50 47.48 ? 134 GLN A CB  1 
ATOM   632 C CB  B GLN A 1 87  ? -3.038  3.618   11.347  0.50 46.72 ? 134 GLN A CB  1 
ATOM   633 C CG  A GLN A 1 87  ? -1.718  4.537   11.090  0.50 47.65 ? 134 GLN A CG  1 
ATOM   634 C CG  B GLN A 1 87  ? -3.170  3.170   12.805  0.50 45.46 ? 134 GLN A CG  1 
ATOM   635 C CD  A GLN A 1 87  ? -1.414  6.000   11.419  0.50 47.74 ? 134 GLN A CD  1 
ATOM   636 C CD  B GLN A 1 87  ? -2.481  1.834   13.081  0.50 43.86 ? 134 GLN A CD  1 
ATOM   637 O OE1 A GLN A 1 87  ? -1.501  6.414   12.572  0.50 48.67 ? 134 GLN A OE1 1 
ATOM   638 O OE1 B GLN A 1 87  ? -3.117  0.782   13.037  0.50 42.33 ? 134 GLN A OE1 1 
ATOM   639 N NE2 A GLN A 1 87  ? -1.017  6.778   10.402  0.50 45.33 ? 134 GLN A NE2 1 
ATOM   640 N NE2 B GLN A 1 87  ? -1.180  1.874   13.359  0.50 42.19 ? 134 GLN A NE2 1 
ATOM   641 N N   . ASN A 1 88  ? -3.744  5.793   8.872   1.00 45.79 ? 135 ASN A N   1 
ATOM   642 C CA  . ASN A 1 88  ? -3.369  6.108   7.502   1.00 44.94 ? 135 ASN A CA  1 
ATOM   643 C C   . ASN A 1 88  ? -2.018  5.541   7.084   1.00 44.06 ? 135 ASN A C   1 
ATOM   644 O O   . ASN A 1 88  ? -1.091  5.464   7.888   1.00 43.88 ? 135 ASN A O   1 
ATOM   645 C CB  . ASN A 1 88  ? -3.357  7.621   7.279   1.00 44.88 ? 135 ASN A CB  1 
ATOM   646 C CG  . ASN A 1 88  ? -4.717  8.160   6.908   1.00 44.84 ? 135 ASN A CG  1 
ATOM   647 O OD1 . ASN A 1 88  ? -5.725  7.462   7.014   1.00 44.90 ? 135 ASN A OD1 1 
ATOM   648 N ND2 . ASN A 1 88  ? -4.754  9.410   6.462   1.00 46.07 ? 135 ASN A ND2 1 
ATOM   649 N N   . VAL A 1 89  ? -1.917  5.137   5.820   1.00 43.12 ? 136 VAL A N   1 
ATOM   650 C CA  . VAL A 1 89  ? -0.620  4.757   5.264   1.00 42.04 ? 136 VAL A CA  1 
ATOM   651 C C   . VAL A 1 89  ? -0.143  5.750   4.201   1.00 40.91 ? 136 VAL A C   1 
ATOM   652 O O   . VAL A 1 89  ? -0.935  6.315   3.466   1.00 40.02 ? 136 VAL A O   1 
ATOM   653 C CB  . VAL A 1 89  ? -0.559  3.250   4.772   1.00 42.24 ? 136 VAL A CB  1 
ATOM   654 C CG1 . VAL A 1 89  ? -1.763  2.452   5.218   1.00 42.13 ? 136 VAL A CG1 1 
ATOM   655 C CG2 . VAL A 1 89  ? -0.374  3.130   3.281   1.00 42.73 ? 136 VAL A CG2 1 
ATOM   656 N N   . GLY A 1 90  ? 1.160   5.984   4.159   1.00 40.51 ? 137 GLY A N   1 
ATOM   657 C CA  . GLY A 1 90  ? 1.768   6.662   3.022   1.00 40.15 ? 137 GLY A CA  1 
ATOM   658 C C   . GLY A 1 90  ? 2.213   8.071   3.307   1.00 40.16 ? 137 GLY A C   1 
ATOM   659 O O   . GLY A 1 90  ? 2.511   8.416   4.446   1.00 40.03 ? 137 GLY A O   1 
ATOM   660 N N   . GLY A 1 91  ? 2.246   8.882   2.251   1.00 39.74 ? 138 GLY A N   1 
ATOM   661 C CA  . GLY A 1 91  ? 2.807   10.219  2.305   1.00 38.78 ? 138 GLY A CA  1 
ATOM   662 C C   . GLY A 1 91  ? 3.252   10.546  0.901   1.00 39.11 ? 138 GLY A C   1 
ATOM   663 O O   . GLY A 1 91  ? 2.798   9.922   -0.052  1.00 39.02 ? 138 GLY A O   1 
ATOM   664 N N   . THR A 1 92  ? 4.151   11.516  0.776   1.00 39.01 ? 139 THR A N   1 
ATOM   665 C CA  . THR A 1 92  ? 4.565   12.022  -0.512  1.00 39.27 ? 139 THR A CA  1 
ATOM   666 C C   . THR A 1 92  ? 5.985   11.558  -0.750  1.00 39.23 ? 139 THR A C   1 
ATOM   667 O O   . THR A 1 92  ? 6.867   11.670  0.129   1.00 39.69 ? 139 THR A O   1 
ATOM   668 C CB  . THR A 1 92  ? 4.431   13.575  -0.606  1.00 39.49 ? 139 THR A CB  1 
ATOM   669 O OG1 . THR A 1 92  ? 3.141   13.965  -0.123  1.00 41.87 ? 139 THR A OG1 1 
ATOM   670 C CG2 . THR A 1 92  ? 4.548   14.062  -2.031  1.00 38.82 ? 139 THR A CG2 1 
ATOM   671 N N   . TYR A 1 93  ? 6.196   10.989  -1.931  1.00 38.93 ? 140 TYR A N   1 
ATOM   672 C CA  . TYR A 1 93  ? 7.466   10.379  -2.251  1.00 38.41 ? 140 TYR A CA  1 
ATOM   673 C C   . TYR A 1 93  ? 7.779   10.622  -3.708  1.00 38.70 ? 140 TYR A C   1 
ATOM   674 O O   . TYR A 1 93  ? 6.947   10.374  -4.580  1.00 38.86 ? 140 TYR A O   1 
ATOM   675 C CB  . TYR A 1 93  ? 7.421   8.874   -1.975  1.00 37.98 ? 140 TYR A CB  1 
ATOM   676 C CG  . TYR A 1 93  ? 7.067   8.470   -0.549  1.00 37.25 ? 140 TYR A CG  1 
ATOM   677 C CD1 . TYR A 1 93  ? 8.067   8.242   0.399   1.00 39.26 ? 140 TYR A CD1 1 
ATOM   678 C CD2 . TYR A 1 93  ? 5.746   8.284   -0.157  1.00 36.38 ? 140 TYR A CD2 1 
ATOM   679 C CE1 . TYR A 1 93  ? 7.755   7.849   1.714   1.00 39.23 ? 140 TYR A CE1 1 
ATOM   680 C CE2 . TYR A 1 93  ? 5.419   7.899   1.165   1.00 37.18 ? 140 TYR A CE2 1 
ATOM   681 C CZ  . TYR A 1 93  ? 6.429   7.686   2.086   1.00 38.46 ? 140 TYR A CZ  1 
ATOM   682 O OH  . TYR A 1 93  ? 6.141   7.297   3.386   1.00 39.57 ? 140 TYR A OH  1 
ATOM   683 N N   . GLU A 1 94  ? 8.974   11.144  -3.962  1.00 38.88 ? 141 GLU A N   1 
ATOM   684 C CA  . GLU A 1 94  ? 9.545   11.119  -5.290  1.00 39.21 ? 141 GLU A CA  1 
ATOM   685 C C   . GLU A 1 94  ? 10.081  9.707   -5.523  1.00 38.63 ? 141 GLU A C   1 
ATOM   686 O O   . GLU A 1 94  ? 10.928  9.219   -4.761  1.00 38.07 ? 141 GLU A O   1 
ATOM   687 C CB  . GLU A 1 94  ? 10.676  12.136  -5.429  1.00 39.53 ? 141 GLU A CB  1 
ATOM   688 C CG  . GLU A 1 94  ? 11.249  12.207  -6.830  1.00 43.26 ? 141 GLU A CG  1 
ATOM   689 C CD  . GLU A 1 94  ? 12.533  13.007  -6.891  1.00 48.63 ? 141 GLU A CD  1 
ATOM   690 O OE1 . GLU A 1 94  ? 12.438  14.224  -7.146  1.00 49.21 ? 141 GLU A OE1 1 
ATOM   691 O OE2 . GLU A 1 94  ? 13.635  12.422  -6.667  1.00 51.31 ? 141 GLU A OE2 1 
ATOM   692 N N   . LEU A 1 95  ? 9.581   9.059   -6.572  1.00 37.78 ? 142 LEU A N   1 
ATOM   693 C CA  . LEU A 1 95  ? 9.916   7.662   -6.825  1.00 37.32 ? 142 LEU A CA  1 
ATOM   694 C C   . LEU A 1 95  ? 10.539  7.488   -8.199  1.00 37.16 ? 142 LEU A C   1 
ATOM   695 O O   . LEU A 1 95  ? 10.278  8.268   -9.115  1.00 37.56 ? 142 LEU A O   1 
ATOM   696 C CB  . LEU A 1 95  ? 8.676   6.772   -6.673  1.00 36.41 ? 142 LEU A CB  1 
ATOM   697 C CG  . LEU A 1 95  ? 7.980   6.720   -5.310  1.00 36.24 ? 142 LEU A CG  1 
ATOM   698 C CD1 . LEU A 1 95  ? 6.650   5.894   -5.361  1.00 34.46 ? 142 LEU A CD1 1 
ATOM   699 C CD2 . LEU A 1 95  ? 8.896   6.206   -4.190  1.00 33.38 ? 142 LEU A CD2 1 
ATOM   700 N N   . HIS A 1 96  ? 11.346  6.441   -8.341  1.00 37.66 ? 143 HIS A N   1 
ATOM   701 C CA  . HIS A 1 96  ? 12.084  6.183   -9.588  1.00 37.15 ? 143 HIS A CA  1 
ATOM   702 C C   . HIS A 1 96  ? 11.741  4.871   -10.233 1.00 36.57 ? 143 HIS A C   1 
ATOM   703 O O   . HIS A 1 96  ? 11.214  3.952   -9.575  1.00 36.59 ? 143 HIS A O   1 
ATOM   704 C CB  . HIS A 1 96  ? 13.582  6.303   -9.333  1.00 37.62 ? 143 HIS A CB  1 
ATOM   705 C CG  . HIS A 1 96  ? 13.947  7.621   -8.734  1.00 40.45 ? 143 HIS A CG  1 
ATOM   706 N ND1 . HIS A 1 96  ? 13.997  8.780   -9.479  1.00 43.98 ? 143 HIS A ND1 1 
ATOM   707 C CD2 . HIS A 1 96  ? 14.156  7.990   -7.448  1.00 42.00 ? 143 HIS A CD2 1 
ATOM   708 C CE1 . HIS A 1 96  ? 14.277  9.799   -8.686  1.00 44.94 ? 143 HIS A CE1 1 
ATOM   709 N NE2 . HIS A 1 96  ? 14.384  9.345   -7.449  1.00 44.42 ? 143 HIS A NE2 1 
ATOM   710 N N   . VAL A 1 97  ? 12.048  4.791   -11.526 1.00 35.88 ? 144 VAL A N   1 
ATOM   711 C CA  . VAL A 1 97  ? 11.821  3.589   -12.325 1.00 35.43 ? 144 VAL A CA  1 
ATOM   712 C C   . VAL A 1 97  ? 12.450  2.372   -11.667 1.00 35.53 ? 144 VAL A C   1 
ATOM   713 O O   . VAL A 1 97  ? 13.646  2.365   -11.369 1.00 35.61 ? 144 VAL A O   1 
ATOM   714 C CB  . VAL A 1 97  ? 12.388  3.716   -13.765 1.00 35.40 ? 144 VAL A CB  1 
ATOM   715 C CG1 . VAL A 1 97  ? 12.055  2.459   -14.544 1.00 34.01 ? 144 VAL A CG1 1 
ATOM   716 C CG2 . VAL A 1 97  ? 11.797  4.951   -14.475 1.00 34.69 ? 144 VAL A CG2 1 
ATOM   717 N N   . GLY A 1 98  ? 11.641  1.339   -11.459 1.00 35.07 ? 145 GLY A N   1 
ATOM   718 C CA  . GLY A 1 98  ? 12.139  0.111   -10.870 1.00 35.32 ? 145 GLY A CA  1 
ATOM   719 C C   . GLY A 1 98  ? 11.828  -0.008  -9.397  1.00 35.65 ? 145 GLY A C   1 
ATOM   720 O O   . GLY A 1 98  ? 11.836  -1.115  -8.856  1.00 35.99 ? 145 GLY A O   1 
ATOM   721 N N   . ASP A 1 99  ? 11.552  1.120   -8.734  1.00 36.07 ? 146 ASP A N   1 
ATOM   722 C CA  . ASP A 1 99  ? 11.141  1.088   -7.315  1.00 35.89 ? 146 ASP A CA  1 
ATOM   723 C C   . ASP A 1 99  ? 9.924   0.210   -7.108  1.00 35.85 ? 146 ASP A C   1 
ATOM   724 O O   . ASP A 1 99  ? 9.012   0.191   -7.951  1.00 35.97 ? 146 ASP A O   1 
ATOM   725 C CB  . ASP A 1 99  ? 10.810  2.492   -6.783  1.00 35.80 ? 146 ASP A CB  1 
ATOM   726 C CG  . ASP A 1 99  ? 12.037  3.362   -6.596  1.00 36.26 ? 146 ASP A CG  1 
ATOM   727 O OD1 . ASP A 1 99  ? 13.175  2.876   -6.755  1.00 37.86 ? 146 ASP A OD1 1 
ATOM   728 O OD2 . ASP A 1 99  ? 11.862  4.557   -6.312  1.00 37.31 ? 146 ASP A OD2 1 
ATOM   729 N N   . THR A 1 100 ? 9.915   -0.506  -5.988  1.00 34.96 ? 147 THR A N   1 
ATOM   730 C CA  . THR A 1 100 ? 8.697   -1.145  -5.514  1.00 35.22 ? 147 THR A CA  1 
ATOM   731 C C   . THR A 1 100 ? 8.160   -0.528  -4.201  1.00 34.47 ? 147 THR A C   1 
ATOM   732 O O   . THR A 1 100 ? 8.891   0.074   -3.386  1.00 33.93 ? 147 THR A O   1 
ATOM   733 C CB  . THR A 1 100 ? 8.852   -2.675  -5.362  1.00 35.30 ? 147 THR A CB  1 
ATOM   734 O OG1 . THR A 1 100 ? 9.970   -2.947  -4.507  1.00 36.84 ? 147 THR A OG1 1 
ATOM   735 C CG2 . THR A 1 100 ? 9.102   -3.339  -6.751  1.00 35.24 ? 147 THR A CG2 1 
ATOM   736 N N   . ILE A 1 101 ? 6.857   -0.678  -4.045  1.00 33.75 ? 148 ILE A N   1 
ATOM   737 C CA  . ILE A 1 101 ? 6.144   -0.313  -2.841  1.00 32.99 ? 148 ILE A CA  1 
ATOM   738 C C   . ILE A 1 101 ? 5.380   -1.557  -2.476  1.00 32.58 ? 148 ILE A C   1 
ATOM   739 O O   . ILE A 1 101 ? 4.812   -2.213  -3.340  1.00 31.73 ? 148 ILE A O   1 
ATOM   740 C CB  . ILE A 1 101 ? 5.187   0.902   -3.071  1.00 32.81 ? 148 ILE A CB  1 
ATOM   741 C CG1 . ILE A 1 101 ? 5.954   2.083   -3.679  1.00 31.15 ? 148 ILE A CG1 1 
ATOM   742 C CG2 . ILE A 1 101 ? 4.518   1.326   -1.754  1.00 32.28 ? 148 ILE A CG2 1 
ATOM   743 C CD1 . ILE A 1 101 ? 7.010   2.745   -2.713  1.00 30.96 ? 148 ILE A CD1 1 
ATOM   744 N N   . ASP A 1 102 ? 5.395   -1.894  -1.191  1.00 33.00 ? 149 ASP A N   1 
ATOM   745 C CA  . ASP A 1 102 ? 4.784   -3.128  -0.714  1.00 32.73 ? 149 ASP A CA  1 
ATOM   746 C C   . ASP A 1 102 ? 4.232   -2.871  0.687   1.00 32.99 ? 149 ASP A C   1 
ATOM   747 O O   . ASP A 1 102 ? 4.847   -2.154  1.467   1.00 32.47 ? 149 ASP A O   1 
ATOM   748 C CB  . ASP A 1 102 ? 5.876   -4.215  -0.694  1.00 33.18 ? 149 ASP A CB  1 
ATOM   749 C CG  . ASP A 1 102 ? 5.325   -5.649  -0.682  1.00 34.59 ? 149 ASP A CG  1 
ATOM   750 O OD1 . ASP A 1 102 ? 4.096   -5.858  -0.841  1.00 33.97 ? 149 ASP A OD1 1 
ATOM   751 O OD2 . ASP A 1 102 ? 6.162   -6.582  -0.527  1.00 36.42 ? 149 ASP A OD2 1 
ATOM   752 N N   . LEU A 1 103 ? 3.068   -3.452  0.994   1.00 33.81 ? 150 LEU A N   1 
ATOM   753 C CA  . LEU A 1 103 ? 2.499   -3.436  2.344   1.00 34.11 ? 150 LEU A CA  1 
ATOM   754 C C   . LEU A 1 103 ? 2.450   -4.856  2.943   1.00 35.30 ? 150 LEU A C   1 
ATOM   755 O O   . LEU A 1 103 ? 1.790   -5.755  2.408   1.00 35.23 ? 150 LEU A O   1 
ATOM   756 C CB  . LEU A 1 103 ? 1.103   -2.786  2.355   1.00 33.84 ? 150 LEU A CB  1 
ATOM   757 C CG  . LEU A 1 103 ? 0.550   -2.399  3.735   1.00 32.24 ? 150 LEU A CG  1 
ATOM   758 C CD1 . LEU A 1 103 ? 1.414   -1.325  4.363   1.00 34.33 ? 150 LEU A CD1 1 
ATOM   759 C CD2 . LEU A 1 103 ? -0.881  -1.925  3.675   1.00 33.30 ? 150 LEU A CD2 1 
ATOM   760 N N   . ILE A 1 104 ? 3.139   -5.032  4.066   1.00 36.50 ? 151 ILE A N   1 
ATOM   761 C CA  . ILE A 1 104 ? 3.383   -6.347  4.669   1.00 36.98 ? 151 ILE A CA  1 
ATOM   762 C C   . ILE A 1 104 ? 2.813   -6.388  6.088   1.00 37.84 ? 151 ILE A C   1 
ATOM   763 O O   . ILE A 1 104 ? 3.082   -5.506  6.903   1.00 38.09 ? 151 ILE A O   1 
ATOM   764 C CB  . ILE A 1 104 ? 4.907   -6.638  4.721   1.00 37.48 ? 151 ILE A CB  1 
ATOM   765 C CG1 . ILE A 1 104 ? 5.529   -6.641  3.306   1.00 37.01 ? 151 ILE A CG1 1 
ATOM   766 C CG2 . ILE A 1 104 ? 5.228   -7.938  5.514   1.00 37.39 ? 151 ILE A CG2 1 
ATOM   767 C CD1 . ILE A 1 104 ? 5.131   -7.860  2.446   1.00 37.10 ? 151 ILE A CD1 1 
ATOM   768 N N   . PHE A 1 105 ? 2.027   -7.422  6.368   1.00 38.79 ? 152 PHE A N   1 
ATOM   769 C CA  . PHE A 1 105 ? 1.384   -7.611  7.668   1.00 39.34 ? 152 PHE A CA  1 
ATOM   770 C C   . PHE A 1 105 ? 2.112   -8.721  8.463   1.00 40.28 ? 152 PHE A C   1 
ATOM   771 O O   . PHE A 1 105 ? 2.459   -9.764  7.901   1.00 40.01 ? 152 PHE A O   1 
ATOM   772 C CB  . PHE A 1 105 ? -0.093  -7.991  7.461   1.00 38.85 ? 152 PHE A CB  1 
ATOM   773 C CG  . PHE A 1 105 ? -0.783  -7.213  6.355   1.00 38.41 ? 152 PHE A CG  1 
ATOM   774 C CD1 . PHE A 1 105 ? -1.131  -5.878  6.533   1.00 37.98 ? 152 PHE A CD1 1 
ATOM   775 C CD2 . PHE A 1 105 ? -1.092  -7.821  5.147   1.00 37.63 ? 152 PHE A CD2 1 
ATOM   776 C CE1 . PHE A 1 105 ? -1.748  -5.168  5.530   1.00 37.43 ? 152 PHE A CE1 1 
ATOM   777 C CE2 . PHE A 1 105 ? -1.716  -7.113  4.135   1.00 37.20 ? 152 PHE A CE2 1 
ATOM   778 C CZ  . PHE A 1 105 ? -2.046  -5.790  4.325   1.00 37.74 ? 152 PHE A CZ  1 
ATOM   779 N N   . ASN A 1 106 ? 2.345   -8.500  9.758   1.00 41.40 ? 153 ASN A N   1 
ATOM   780 C CA  . ASN A 1 106 ? 2.947   -9.547  10.606  1.00 42.42 ? 153 ASN A CA  1 
ATOM   781 C C   . ASN A 1 106 ? 2.138   -10.841 10.665  1.00 43.72 ? 153 ASN A C   1 
ATOM   782 O O   . ASN A 1 106 ? 2.684   -11.915 10.850  1.00 43.55 ? 153 ASN A O   1 
ATOM   783 C CB  . ASN A 1 106 ? 3.306   -9.033  12.004  1.00 41.50 ? 153 ASN A CB  1 
ATOM   784 C CG  . ASN A 1 106 ? 4.742   -8.554  12.091  1.00 40.26 ? 153 ASN A CG  1 
ATOM   785 O OD1 . ASN A 1 106 ? 5.463   -8.535  11.085  1.00 40.77 ? 153 ASN A OD1 1 
ATOM   786 N ND2 . ASN A 1 106 ? 5.177   -8.174  13.290  1.00 39.05 ? 153 ASN A ND2 1 
ATOM   787 N N   . SER A 1 107 ? 0.833   -10.724 10.468  1.00 45.65 ? 154 SER A N   1 
ATOM   788 C CA  . SER A 1 107 ? -0.065  -11.868 10.338  1.00 47.67 ? 154 SER A CA  1 
ATOM   789 C C   . SER A 1 107 ? -1.247  -11.398 9.488   1.00 48.79 ? 154 SER A C   1 
ATOM   790 O O   . SER A 1 107 ? -1.738  -10.285 9.677   1.00 48.77 ? 154 SER A O   1 
ATOM   791 C CB  . SER A 1 107 ? -0.528  -12.328 11.728  1.00 47.48 ? 154 SER A CB  1 
ATOM   792 O OG  . SER A 1 107 ? -1.744  -13.052 11.665  1.00 49.83 ? 154 SER A OG  1 
ATOM   793 N N   . GLU A 1 108 ? -1.710  -12.212 8.547   1.00 50.63 ? 155 GLU A N   1 
ATOM   794 C CA  . GLU A 1 108 ? -2.804  -11.755 7.676   1.00 52.40 ? 155 GLU A CA  1 
ATOM   795 C C   . GLU A 1 108 ? -4.088  -11.442 8.462   1.00 53.51 ? 155 GLU A C   1 
ATOM   796 O O   . GLU A 1 108 ? -4.995  -10.786 7.939   1.00 54.39 ? 155 GLU A O   1 
ATOM   797 C CB  . GLU A 1 108 ? -3.078  -12.743 6.536   1.00 52.49 ? 155 GLU A CB  1 
ATOM   798 C CG  . GLU A 1 108 ? -1.849  -13.075 5.673   1.00 53.14 ? 155 GLU A CG  1 
ATOM   799 C CD  . GLU A 1 108 ? -1.246  -11.863 4.944   1.00 52.35 ? 155 GLU A CD  1 
ATOM   800 O OE1 . GLU A 1 108 ? -1.871  -11.388 3.973   1.00 51.08 ? 155 GLU A OE1 1 
ATOM   801 O OE2 . GLU A 1 108 ? -0.129  -11.420 5.322   1.00 51.66 ? 155 GLU A OE2 1 
ATOM   802 N N   . HIS A 1 109 ? -4.138  -11.883 9.724   1.00 54.19 ? 156 HIS A N   1 
ATOM   803 C CA  . HIS A 1 109 ? -5.326  -11.746 10.578  1.00 54.46 ? 156 HIS A CA  1 
ATOM   804 C C   . HIS A 1 109 ? -5.270  -10.569 11.549  1.00 53.62 ? 156 HIS A C   1 
ATOM   805 O O   . HIS A 1 109 ? -6.235  -10.319 12.282  1.00 53.93 ? 156 HIS A O   1 
ATOM   806 C CB  . HIS A 1 109 ? -5.576  -13.047 11.362  1.00 55.34 ? 156 HIS A CB  1 
ATOM   807 C CG  . HIS A 1 109 ? -5.805  -14.249 10.494  1.00 58.74 ? 156 HIS A CG  1 
ATOM   808 N ND1 . HIS A 1 109 ? -5.104  -15.427 10.654  1.00 61.03 ? 156 HIS A ND1 1 
ATOM   809 C CD2 . HIS A 1 109 ? -6.653  -14.452 9.452   1.00 61.78 ? 156 HIS A CD2 1 
ATOM   810 C CE1 . HIS A 1 109 ? -5.506  -16.301 9.746   1.00 63.33 ? 156 HIS A CE1 1 
ATOM   811 N NE2 . HIS A 1 109 ? -6.446  -15.737 9.005   1.00 63.05 ? 156 HIS A NE2 1 
ATOM   812 N N   . GLN A 1 110 ? -4.147  -9.851  11.568  1.00 52.69 ? 157 GLN A N   1 
ATOM   813 C CA  . GLN A 1 110 ? -4.002  -8.647  12.386  1.00 51.47 ? 157 GLN A CA  1 
ATOM   814 C C   . GLN A 1 110 ? -4.875  -7.494  11.874  1.00 51.40 ? 157 GLN A C   1 
ATOM   815 O O   . GLN A 1 110 ? -5.033  -6.464  12.536  1.00 51.05 ? 157 GLN A O   1 
ATOM   816 C CB  . GLN A 1 110 ? -2.545  -8.203  12.418  1.00 51.38 ? 157 GLN A CB  1 
ATOM   817 C CG  . GLN A 1 110 ? -1.578  -9.294  12.809  1.00 50.16 ? 157 GLN A CG  1 
ATOM   818 C CD  . GLN A 1 110 ? -0.221  -8.794  13.235  1.00 47.80 ? 157 GLN A CD  1 
ATOM   819 O OE1 . GLN A 1 110 ? 0.279   -7.772  12.755  1.00 46.94 ? 157 GLN A OE1 1 
ATOM   820 N NE2 . GLN A 1 110 ? 0.400   -9.530  14.144  1.00 48.17 ? 157 GLN A NE2 1 
ATOM   821 N N   . VAL A 1 111 ? -5.476  -7.697  10.711  1.00 51.57 ? 158 VAL A N   1 
ATOM   822 C CA  . VAL A 1 111 ? -6.007  -6.602  9.919   1.00 51.94 ? 158 VAL A CA  1 
ATOM   823 C C   . VAL A 1 111 ? -7.354  -6.991  9.270   1.00 52.31 ? 158 VAL A C   1 
ATOM   824 O O   . VAL A 1 111 ? -7.602  -8.170  8.998   1.00 52.16 ? 158 VAL A O   1 
ATOM   825 C CB  . VAL A 1 111 ? -4.932  -6.174  8.867   1.00 51.61 ? 158 VAL A CB  1 
ATOM   826 C CG1 . VAL A 1 111 ? -5.192  -6.807  7.516   1.00 51.61 ? 158 VAL A CG1 1 
ATOM   827 C CG2 . VAL A 1 111 ? -4.849  -4.687  8.765   1.00 51.47 ? 158 VAL A CG2 1 
ATOM   828 N N   . LEU A 1 112 ? -8.225  -6.005  9.045   1.00 52.78 ? 159 LEU A N   1 
ATOM   829 C CA  . LEU A 1 112 ? -9.528  -6.273  8.404   1.00 53.39 ? 159 LEU A CA  1 
ATOM   830 C C   . LEU A 1 112 ? -9.471  -5.910  6.924   1.00 53.10 ? 159 LEU A C   1 
ATOM   831 O O   . LEU A 1 112 ? -9.492  -4.736  6.547   1.00 52.48 ? 159 LEU A O   1 
ATOM   832 C CB  . LEU A 1 112 ? -10.673 -5.547  9.132   1.00 53.77 ? 159 LEU A CB  1 
ATOM   833 C CG  . LEU A 1 112 ? -10.767 -5.844  10.639  1.00 54.42 ? 159 LEU A CG  1 
ATOM   834 C CD1 . LEU A 1 112 ? -11.690 -4.856  11.350  1.00 55.98 ? 159 LEU A CD1 1 
ATOM   835 C CD2 . LEU A 1 112 ? -11.208 -7.285  10.875  1.00 53.93 ? 159 LEU A CD2 1 
ATOM   836 N N   . LYS A 1 113 ? -9.381  -6.937  6.090   1.00 53.10 ? 160 LYS A N   1 
ATOM   837 C CA  . LYS A 1 113 ? -9.051  -6.727  4.693   1.00 53.27 ? 160 LYS A CA  1 
ATOM   838 C C   . LYS A 1 113 ? -10.207 -6.156  3.894   1.00 53.15 ? 160 LYS A C   1 
ATOM   839 O O   . LYS A 1 113 ? -10.049 -5.784  2.716   1.00 53.54 ? 160 LYS A O   1 
ATOM   840 C CB  . LYS A 1 113 ? -8.469  -7.994  4.069   1.00 53.64 ? 160 LYS A CB  1 
ATOM   841 C CG  . LYS A 1 113 ? -7.037  -8.248  4.548   1.00 53.44 ? 160 LYS A CG  1 
ATOM   842 C CD  . LYS A 1 113 ? -6.372  -9.388  3.794   1.00 55.19 ? 160 LYS A CD  1 
ATOM   843 C CE  . LYS A 1 113 ? -4.995  -9.697  4.383   1.00 53.76 ? 160 LYS A CE  1 
ATOM   844 N NZ  . LYS A 1 113 ? -4.336  -10.751 3.576   1.00 55.35 ? 160 LYS A NZ  1 
ATOM   845 N N   . ASN A 1 114 ? -11.360 -6.075  4.559   1.00 52.44 ? 161 ASN A N   1 
ATOM   846 C CA  A ASN A 1 114 ? -12.557 -5.487  3.972   0.50 51.97 ? 161 ASN A CA  1 
ATOM   847 C CA  B ASN A 1 114 ? -12.554 -5.492  3.966   0.50 51.91 ? 161 ASN A CA  1 
ATOM   848 C C   . ASN A 1 114 ? -12.564 -3.974  4.137   1.00 51.05 ? 161 ASN A C   1 
ATOM   849 O O   . ASN A 1 114 ? -13.393 -3.282  3.559   1.00 51.10 ? 161 ASN A O   1 
ATOM   850 C CB  A ASN A 1 114 ? -13.823 -6.106  4.582   0.50 52.12 ? 161 ASN A CB  1 
ATOM   851 C CB  B ASN A 1 114 ? -13.824 -6.139  4.545   0.50 51.97 ? 161 ASN A CB  1 
ATOM   852 C CG  A ASN A 1 114 ? -14.331 -7.304  3.797   0.50 52.96 ? 161 ASN A CG  1 
ATOM   853 C CG  B ASN A 1 114 ? -13.985 -5.906  6.047   0.50 52.64 ? 161 ASN A CG  1 
ATOM   854 O OD1 A ASN A 1 114 ? -13.557 -8.172  3.384   0.50 53.44 ? 161 ASN A OD1 1 
ATOM   855 O OD1 B ASN A 1 114 ? -13.039 -5.539  6.746   0.50 52.34 ? 161 ASN A OD1 1 
ATOM   856 N ND2 A ASN A 1 114 ? -15.649 -7.361  3.597   0.50 54.23 ? 161 ASN A ND2 1 
ATOM   857 N ND2 B ASN A 1 114 ? -15.200 -6.124  6.544   0.50 53.46 ? 161 ASN A ND2 1 
ATOM   858 N N   . ASN A 1 115 ? -11.617 -3.484  4.933   1.00 49.90 ? 162 ASN A N   1 
ATOM   859 C CA  . ASN A 1 115 ? -11.453 -2.063  5.248   1.00 47.85 ? 162 ASN A CA  1 
ATOM   860 C C   . ASN A 1 115 ? -9.953  -1.689  5.287   1.00 45.98 ? 162 ASN A C   1 
ATOM   861 O O   . ASN A 1 115 ? -9.551  -0.730  5.957   1.00 45.88 ? 162 ASN A O   1 
ATOM   862 C CB  . ASN A 1 115 ? -12.144 -1.763  6.591   1.00 48.27 ? 162 ASN A CB  1 
ATOM   863 C CG  . ASN A 1 115 ? -12.557 -0.306  6.741   1.00 49.87 ? 162 ASN A CG  1 
ATOM   864 O OD1 . ASN A 1 115 ? -12.626 0.213   7.860   1.00 51.59 ? 162 ASN A OD1 1 
ATOM   865 N ND2 . ASN A 1 115 ? -12.832 0.362   5.622   1.00 52.61 ? 162 ASN A ND2 1 
ATOM   866 N N   . THR A 1 116 ? -9.135  -2.463  4.568   1.00 43.90 ? 163 THR A N   1 
ATOM   867 C CA  . THR A 1 116 ? -7.691  -2.219  4.453   1.00 41.95 ? 163 THR A CA  1 
ATOM   868 C C   . THR A 1 116 ? -7.249  -2.157  2.979   1.00 40.47 ? 163 THR A C   1 
ATOM   869 O O   . THR A 1 116 ? -7.578  -3.025  2.175   1.00 39.58 ? 163 THR A O   1 
ATOM   870 C CB  . THR A 1 116 ? -6.851  -3.244  5.270   1.00 42.10 ? 163 THR A CB  1 
ATOM   871 O OG1 . THR A 1 116 ? -7.219  -3.161  6.653   1.00 42.46 ? 163 THR A OG1 1 
ATOM   872 C CG2 . THR A 1 116 ? -5.343  -2.969  5.155   1.00 41.18 ? 163 THR A CG2 1 
ATOM   873 N N   . TYR A 1 117 ? -6.506  -1.105  2.639   1.00 38.99 ? 164 TYR A N   1 
ATOM   874 C CA  . TYR A 1 117 ? -6.118  -0.858  1.248   1.00 37.21 ? 164 TYR A CA  1 
ATOM   875 C C   . TYR A 1 117 ? -4.974  0.143   1.173   1.00 35.78 ? 164 TYR A C   1 
ATOM   876 O O   . TYR A 1 117 ? -4.658  0.798   2.156   1.00 36.12 ? 164 TYR A O   1 
ATOM   877 C CB  . TYR A 1 117 ? -7.338  -0.359  0.452   1.00 37.47 ? 164 TYR A CB  1 
ATOM   878 C CG  . TYR A 1 117 ? -7.996  0.861   1.038   1.00 37.17 ? 164 TYR A CG  1 
ATOM   879 C CD1 . TYR A 1 117 ? -7.543  2.139   0.698   1.00 38.71 ? 164 TYR A CD1 1 
ATOM   880 C CD2 . TYR A 1 117 ? -9.055  0.753   1.939   1.00 37.49 ? 164 TYR A CD2 1 
ATOM   881 C CE1 . TYR A 1 117 ? -8.123  3.279   1.239   1.00 38.33 ? 164 TYR A CE1 1 
ATOM   882 C CE2 . TYR A 1 117 ? -9.647  1.904   2.489   1.00 36.96 ? 164 TYR A CE2 1 
ATOM   883 C CZ  . TYR A 1 117 ? -9.176  3.156   2.125   1.00 37.42 ? 164 TYR A CZ  1 
ATOM   884 O OH  . TYR A 1 117 ? -9.714  4.313   2.635   1.00 37.95 ? 164 TYR A OH  1 
ATOM   885 N N   . TRP A 1 118 ? -4.316  0.235   0.028   1.00 34.32 ? 165 TRP A N   1 
ATOM   886 C CA  . TRP A 1 118 ? -3.425  1.358   -0.222  1.00 33.20 ? 165 TRP A CA  1 
ATOM   887 C C   . TRP A 1 118 ? -3.416  1.601   -1.700  1.00 32.94 ? 165 TRP A C   1 
ATOM   888 O O   . TRP A 1 118 ? -3.676  0.683   -2.497  1.00 32.58 ? 165 TRP A O   1 
ATOM   889 C CB  . TRP A 1 118 ? -1.992  1.177   0.344   1.00 32.25 ? 165 TRP A CB  1 
ATOM   890 C CG  . TRP A 1 118 ? -1.069  0.275   -0.454  1.00 32.17 ? 165 TRP A CG  1 
ATOM   891 C CD1 . TRP A 1 118 ? -0.874  -1.059  -0.260  1.00 31.91 ? 165 TRP A CD1 1 
ATOM   892 C CD2 . TRP A 1 118 ? -0.205  0.653   -1.542  1.00 31.46 ? 165 TRP A CD2 1 
ATOM   893 N NE1 . TRP A 1 118 ? 0.030   -1.545  -1.168  1.00 33.62 ? 165 TRP A NE1 1 
ATOM   894 C CE2 . TRP A 1 118 ? 0.466   -0.523  -1.967  1.00 31.92 ? 165 TRP A CE2 1 
ATOM   895 C CE3 . TRP A 1 118 ? 0.057   1.863   -2.209  1.00 29.90 ? 165 TRP A CE3 1 
ATOM   896 C CZ2 . TRP A 1 118 ? 1.387   -0.531  -3.016  1.00 29.15 ? 165 TRP A CZ2 1 
ATOM   897 C CZ3 . TRP A 1 118 ? 0.976   1.858   -3.266  1.00 30.48 ? 165 TRP A CZ3 1 
ATOM   898 C CH2 . TRP A 1 118 ? 1.625   0.661   -3.659  1.00 31.46 ? 165 TRP A CH2 1 
ATOM   899 N N   . GLY A 1 119 ? -3.132  2.847   -2.051  1.00 32.14 ? 166 GLY A N   1 
ATOM   900 C CA  . GLY A 1 119 ? -3.123  3.267   -3.423  1.00 32.08 ? 166 GLY A CA  1 
ATOM   901 C C   . GLY A 1 119 ? -2.094  4.341   -3.657  1.00 31.52 ? 166 GLY A C   1 
ATOM   902 O O   . GLY A 1 119 ? -1.361  4.729   -2.759  1.00 31.46 ? 166 GLY A O   1 
ATOM   903 N N   . ILE A 1 120 ? -2.056  4.834   -4.877  1.00 31.95 ? 167 ILE A N   1 
ATOM   904 C CA  . ILE A 1 120 ? -0.993  5.720   -5.301  1.00 32.31 ? 167 ILE A CA  1 
ATOM   905 C C   . ILE A 1 120 ? -1.534  6.566   -6.436  1.00 32.94 ? 167 ILE A C   1 
ATOM   906 O O   . ILE A 1 120 ? -2.357  6.123   -7.220  1.00 32.81 ? 167 ILE A O   1 
ATOM   907 C CB  . ILE A 1 120 ? 0.311   4.920   -5.708  1.00 32.18 ? 167 ILE A CB  1 
ATOM   908 C CG1 . ILE A 1 120 ? 1.538   5.850   -5.843  1.00 31.52 ? 167 ILE A CG1 1 
ATOM   909 C CG2 . ILE A 1 120 ? 0.088   4.128   -7.002  1.00 33.40 ? 167 ILE A CG2 1 
ATOM   910 C CD1 . ILE A 1 120 ? 2.930   5.140   -5.760  1.00 30.88 ? 167 ILE A CD1 1 
ATOM   911 N N   . ILE A 1 121 ? -1.079  7.802   -6.507  1.00 33.62 ? 168 ILE A N   1 
ATOM   912 C CA  . ILE A 1 121 ? -1.442  8.658   -7.604  1.00 34.86 ? 168 ILE A CA  1 
ATOM   913 C C   . ILE A 1 121 ? -0.180  9.406   -8.043  1.00 35.78 ? 168 ILE A C   1 
ATOM   914 O O   . ILE A 1 121 ? 0.596   9.875   -7.195  1.00 35.46 ? 168 ILE A O   1 
ATOM   915 C CB  . ILE A 1 121 ? -2.586  9.660   -7.198  1.00 35.04 ? 168 ILE A CB  1 
ATOM   916 C CG1 . ILE A 1 121 ? -2.952  10.568  -8.369  1.00 35.15 ? 168 ILE A CG1 1 
ATOM   917 C CG2 . ILE A 1 121 ? -2.173  10.529  -5.984  1.00 34.60 ? 168 ILE A CG2 1 
ATOM   918 C CD1 . ILE A 1 121 ? -4.182  11.439  -8.121  1.00 36.23 ? 168 ILE A CD1 1 
ATOM   919 N N   . LEU A 1 122 ? 0.024   9.499   -9.358  1.00 36.64 ? 169 LEU A N   1 
ATOM   920 C CA  . LEU A 1 122 ? 1.063   10.356  -9.928  1.00 38.17 ? 169 LEU A CA  1 
ATOM   921 C C   . LEU A 1 122 ? 0.648   11.826  -9.835  1.00 38.78 ? 169 LEU A C   1 
ATOM   922 O O   . LEU A 1 122 ? -0.354  12.220  -10.422 1.00 38.08 ? 169 LEU A O   1 
ATOM   923 C CB  . LEU A 1 122 ? 1.278   10.019  -11.418 1.00 37.94 ? 169 LEU A CB  1 
ATOM   924 C CG  . LEU A 1 122 ? 2.643   10.093  -12.129 1.00 38.28 ? 169 LEU A CG  1 
ATOM   925 C CD1 . LEU A 1 122 ? 2.454   10.450  -13.609 1.00 37.66 ? 169 LEU A CD1 1 
ATOM   926 C CD2 . LEU A 1 122 ? 3.667   11.006  -11.489 1.00 34.15 ? 169 LEU A CD2 1 
ATOM   927 N N   . LEU A 1 123 ? 1.444   12.638  -9.151  1.00 40.02 ? 170 LEU A N   1 
ATOM   928 C CA  . LEU A 1 123 ? 1.131   14.072  -9.019  1.00 41.48 ? 170 LEU A CA  1 
ATOM   929 C C   . LEU A 1 123 ? 1.789   14.942  -10.072 1.00 42.16 ? 170 LEU A C   1 
ATOM   930 O O   . LEU A 1 123 ? 1.219   15.932  -10.498 1.00 42.53 ? 170 LEU A O   1 
ATOM   931 C CB  . LEU A 1 123 ? 1.540   14.608  -7.639  1.00 41.59 ? 170 LEU A CB  1 
ATOM   932 C CG  . LEU A 1 123 ? 0.886   14.048  -6.384  1.00 41.76 ? 170 LEU A CG  1 
ATOM   933 C CD1 . LEU A 1 123 ? 1.666   14.568  -5.171  1.00 42.46 ? 170 LEU A CD1 1 
ATOM   934 C CD2 . LEU A 1 123 ? -0.588  14.452  -6.340  1.00 42.24 ? 170 LEU A CD2 1 
ATOM   935 N N   . ALA A 1 124 ? 3.000   14.580  -10.469 1.00 43.77 ? 171 ALA A N   1 
ATOM   936 C CA  . ALA A 1 124 ? 3.771   15.376  -11.410 1.00 45.47 ? 171 ALA A CA  1 
ATOM   937 C C   . ALA A 1 124 ? 5.002   14.635  -11.848 1.00 46.69 ? 171 ALA A C   1 
ATOM   938 O O   . ALA A 1 124 ? 5.467   13.712  -11.164 1.00 46.17 ? 171 ALA A O   1 
ATOM   939 C CB  . ALA A 1 124 ? 4.177   16.733  -10.786 1.00 45.44 ? 171 ALA A CB  1 
ATOM   940 N N   . ASN A 1 125 ? 5.528   15.054  -13.000 1.00 48.76 ? 172 ASN A N   1 
ATOM   941 C CA  . ASN A 1 125 ? 6.870   14.668  -13.418 1.00 50.61 ? 172 ASN A CA  1 
ATOM   942 C C   . ASN A 1 125 ? 7.835   15.813  -13.130 1.00 51.30 ? 172 ASN A C   1 
ATOM   943 O O   . ASN A 1 125 ? 7.655   16.931  -13.631 1.00 52.44 ? 172 ASN A O   1 
ATOM   944 C CB  . ASN A 1 125 ? 6.891   14.272  -14.900 1.00 51.34 ? 172 ASN A CB  1 
ATOM   945 C CG  . ASN A 1 125 ? 5.796   13.246  -15.250 1.00 53.38 ? 172 ASN A CG  1 
ATOM   946 O OD1 . ASN A 1 125 ? 5.887   12.059  -14.897 1.00 57.13 ? 172 ASN A OD1 1 
ATOM   947 N ND2 . ASN A 1 125 ? 4.757   13.708  -15.935 1.00 52.16 ? 172 ASN A ND2 1 
HETATM 948 O O   . HOH B 2 .   ? 9.215   -3.148  -1.964  1.00 32.54 ? 178 HOH A O   1 
HETATM 949 O O   . HOH B 2 .   ? 6.813   5.036   10.606  1.00 37.32 ? 179 HOH A O   1 
HETATM 950 O O   . HOH B 2 .   ? -4.193  -8.086  -8.904  1.00 44.31 ? 180 HOH A O   1 
HETATM 951 O O   . HOH B 2 .   ? 2.678   -8.302  -0.316  1.00 41.48 ? 181 HOH A O   1 
HETATM 952 O O   . HOH B 2 .   ? 1.058   3.022   14.631  1.00 49.37 ? 182 HOH A O   1 
HETATM 953 O O   . HOH B 2 .   ? 5.692   2.395   -18.760 1.00 36.46 ? 183 HOH A O   1 
HETATM 954 O O   . HOH B 2 .   ? 9.748   2.612   -17.579 1.00 32.02 ? 184 HOH A O   1 
HETATM 955 O O   . HOH B 2 .   ? 7.336   -6.766  14.398  1.00 37.56 ? 185 HOH A O   1 
HETATM 956 O O   . HOH B 2 .   ? -12.141 4.443   3.652   1.00 50.16 ? 186 HOH A O   1 
HETATM 957 O O   . HOH B 2 .   ? 14.896  6.708   -0.288  1.00 40.95 ? 187 HOH A O   1 
HETATM 958 O O   . HOH B 2 .   ? 11.047  8.413   -2.123  1.00 49.76 ? 188 HOH A O   1 
HETATM 959 O O   . HOH B 2 .   ? 5.128   -11.257 7.292   1.00 36.22 ? 189 HOH A O   1 
HETATM 960 O O   . HOH B 2 .   ? 5.591   -9.325  -1.429  1.00 43.16 ? 190 HOH A O   1 
HETATM 961 O O   . HOH B 2 .   ? 1.274   -8.352  2.085   1.00 31.70 ? 191 HOH A O   1 
HETATM 962 O O   . HOH B 2 .   ? -1.226  -15.106 8.165   1.00 55.82 ? 192 HOH A O   1 
HETATM 963 O O   . HOH B 2 .   ? 12.302  -4.349  7.476   1.00 38.32 ? 193 HOH A O   1 
HETATM 964 O O   . HOH B 2 .   ? 1.809   8.699   -16.716 1.00 42.12 ? 194 HOH A O   1 
HETATM 965 O O   . HOH B 2 .   ? -2.196  -8.966  -7.446  1.00 52.34 ? 195 HOH A O   1 
HETATM 966 O O   . HOH B 2 .   ? 13.659  4.903   1.827   1.00 45.84 ? 196 HOH A O   1 
HETATM 967 O O   . HOH B 2 .   ? 1.281   -1.983  -16.208 1.00 43.27 ? 197 HOH A O   1 
HETATM 968 O O   . HOH B 2 .   ? 4.326   16.027  1.540   1.00 43.32 ? 198 HOH A O   1 
HETATM 969 O O   . HOH B 2 .   ? -8.022  6.617   2.860   1.00 37.27 ? 199 HOH A O   1 
HETATM 970 O O   . HOH B 2 .   ? 3.917   17.264  -14.301 1.00 44.75 ? 200 HOH A O   1 
HETATM 971 O O   . HOH B 2 .   ? -8.288  6.700   5.770   1.00 42.26 ? 201 HOH A O   1 
HETATM 972 O O   . HOH B 2 .   ? -3.696  8.098   10.693  1.00 47.32 ? 202 HOH A O   1 
HETATM 973 O O   . HOH B 2 .   ? 1.977   -9.817  4.389   1.00 42.24 ? 203 HOH A O   1 
HETATM 974 O O   . HOH B 2 .   ? -2.433  11.166  5.781   1.00 48.84 ? 204 HOH A O   1 
HETATM 975 O O   . HOH B 2 .   ? -7.889  -5.944  1.126   1.00 60.88 ? 205 HOH A O   1 
HETATM 976 O O   . HOH B 2 .   ? 13.642  6.018   -5.119  1.00 48.28 ? 206 HOH A O   1 
HETATM 977 O O   . HOH B 2 .   ? 1.951   18.231  -12.731 1.00 56.98 ? 207 HOH A O   1 
HETATM 978 O O   . HOH B 2 .   ? 1.202   13.359  1.712   1.00 49.76 ? 208 HOH A O   1 
HETATM 979 O O   . HOH B 2 .   ? 8.349   7.223   5.040   1.00 46.65 ? 209 HOH A O   1 
HETATM 980 O O   . HOH B 2 .   ? -14.731 -3.808  8.611   1.00 60.22 ? 210 HOH A O   1 
HETATM 981 O O   . HOH B 2 .   ? 7.976   -4.160  -15.351 1.00 48.51 ? 211 HOH A O   1 
HETATM 982 O O   . HOH B 2 .   ? 14.000  2.389   0.002   1.00 52.89 ? 212 HOH A O   1 
HETATM 983 O O   . HOH B 2 .   ? 15.854  5.348   -3.502  1.00 56.95 ? 213 HOH A O   1 
HETATM 984 O O   . HOH B 2 .   ? -8.904  -10.501 9.736   1.00 58.94 ? 214 HOH A O   1 
HETATM 985 O O   . HOH B 2 .   ? -5.812  5.549   -6.486  1.00 50.69 ? 215 HOH A O   1 
HETATM 986 O O   . HOH B 2 .   ? -2.784  1.542   -17.532 1.00 43.01 ? 216 HOH A O   1 
HETATM 987 O O   . HOH B 2 .   ? -0.842  -10.438 1.647   1.00 48.79 ? 217 HOH A O   1 
HETATM 988 O O   . HOH B 2 .   ? 13.434  4.377   4.461   1.00 56.34 ? 218 HOH A O   1 
HETATM 989 O O   . HOH B 2 .   ? 11.885  -3.493  -9.764  1.00 50.49 ? 219 HOH A O   1 
# 
